data_2LMG
#
_entry.id   2LMG
#
_entity_poly.entity_id   1
_entity_poly.type   'polypeptide(L)'
_entity_poly.pdbx_seq_one_letter_code
;GSAKNALESYAFNMKSAVEDEGLKGKISEADKKKVLDKCQEVISWLDANTLAEKDEFEHKRKELEQVCNPIISGL
;
_entity_poly.pdbx_strand_id   A
#
# COMPACT_ATOMS: atom_id res chain seq x y z
N SER A 2 -1.48 3.30 16.90
CA SER A 2 -1.42 4.17 15.72
C SER A 2 -1.47 3.33 14.44
N ALA A 3 -2.57 2.61 14.24
CA ALA A 3 -2.75 1.78 13.06
C ALA A 3 -2.82 2.64 11.80
N LYS A 4 -3.25 3.89 11.97
CA LYS A 4 -3.30 4.83 10.86
C LYS A 4 -1.89 5.11 10.35
N ASN A 5 -0.98 5.39 11.28
CA ASN A 5 0.42 5.65 10.94
C ASN A 5 1.07 4.41 10.33
N ALA A 6 0.77 3.24 10.89
CA ALA A 6 1.29 1.98 10.36
C ALA A 6 0.79 1.74 8.94
N LEU A 7 -0.49 1.99 8.73
CA LEU A 7 -1.14 1.75 7.46
C LEU A 7 -0.59 2.67 6.37
N GLU A 8 -0.48 3.95 6.69
CA GLU A 8 -0.04 4.93 5.72
C GLU A 8 1.41 4.69 5.35
N SER A 9 2.24 4.40 6.34
CA SER A 9 3.64 4.10 6.10
C SER A 9 3.78 2.84 5.27
N TYR A 10 2.96 1.83 5.58
CA TYR A 10 2.96 0.57 4.84
C TYR A 10 2.58 0.83 3.38
N ALA A 11 1.50 1.56 3.18
CA ALA A 11 1.03 1.88 1.84
C ALA A 11 2.05 2.73 1.11
N PHE A 12 2.62 3.71 1.82
CA PHE A 12 3.68 4.54 1.28
C PHE A 12 4.86 3.68 0.85
N ASN A 13 5.21 2.71 1.70
CA ASN A 13 6.34 1.83 1.45
C ASN A 13 6.16 1.00 0.19
N MET A 14 5.00 0.37 0.02
CA MET A 14 4.75 -0.43 -1.18
C MET A 14 4.72 0.47 -2.41
N LYS A 15 4.07 1.61 -2.26
CA LYS A 15 4.00 2.60 -3.32
C LYS A 15 5.40 3.08 -3.72
N SER A 16 6.23 3.36 -2.74
CA SER A 16 7.60 3.79 -2.97
C SER A 16 8.43 2.67 -3.60
N ALA A 17 8.15 1.43 -3.22
CA ALA A 17 8.92 0.30 -3.70
C ALA A 17 8.69 0.06 -5.20
N VAL A 18 7.43 0.07 -5.63
CA VAL A 18 7.12 -0.16 -7.04
C VAL A 18 7.45 1.06 -7.88
N GLU A 19 7.28 2.23 -7.29
CA GLU A 19 7.56 3.48 -7.97
C GLU A 19 9.03 3.88 -7.82
N ASP A 20 9.81 3.04 -7.14
CA ASP A 20 11.26 3.24 -7.05
C ASP A 20 11.88 3.14 -8.43
N GLU A 21 12.86 3.97 -8.69
CA GLU A 21 13.44 4.08 -10.02
C GLU A 21 14.24 2.84 -10.42
N GLY A 22 14.54 1.99 -9.47
CA GLY A 22 15.21 0.76 -9.81
C GLY A 22 14.27 -0.42 -9.82
N LEU A 23 13.41 -0.47 -8.82
CA LEU A 23 12.41 -1.52 -8.73
C LEU A 23 11.33 -1.36 -9.80
N LYS A 24 11.29 -0.17 -10.43
CA LYS A 24 10.33 0.09 -11.49
C LYS A 24 10.53 -0.84 -12.68
N GLY A 25 11.71 -1.44 -12.76
CA GLY A 25 11.99 -2.40 -13.80
C GLY A 25 12.08 -3.81 -13.27
N LYS A 26 11.87 -3.95 -11.97
CA LYS A 26 11.93 -5.25 -11.32
C LYS A 26 10.53 -5.82 -11.18
N ILE A 27 9.55 -4.93 -11.08
CA ILE A 27 8.16 -5.33 -10.99
C ILE A 27 7.47 -5.05 -12.32
N SER A 28 6.37 -5.75 -12.59
CA SER A 28 5.62 -5.55 -13.80
C SER A 28 4.74 -4.32 -13.68
N GLU A 29 4.50 -3.64 -14.79
CA GLU A 29 3.78 -2.36 -14.76
C GLU A 29 2.44 -2.50 -14.05
N ALA A 30 1.72 -3.56 -14.37
CA ALA A 30 0.39 -3.81 -13.82
C ALA A 30 0.42 -3.92 -12.30
N ASP A 31 1.40 -4.64 -11.77
CA ASP A 31 1.53 -4.81 -10.32
C ASP A 31 1.86 -3.48 -9.67
N LYS A 32 2.82 -2.80 -10.27
CA LYS A 32 3.21 -1.45 -9.87
C LYS A 32 2.00 -0.52 -9.84
N LYS A 33 1.22 -0.55 -10.91
CA LYS A 33 0.02 0.29 -11.03
C LYS A 33 -1.01 -0.04 -9.96
N LYS A 34 -1.33 -1.33 -9.82
CA LYS A 34 -2.41 -1.77 -8.96
C LYS A 34 -2.10 -1.44 -7.50
N VAL A 35 -0.86 -1.68 -7.10
CA VAL A 35 -0.47 -1.41 -5.74
C VAL A 35 -0.42 0.09 -5.47
N LEU A 36 0.10 0.87 -6.43
CA LEU A 36 0.13 2.33 -6.29
C LEU A 36 -1.28 2.88 -6.13
N ASP A 37 -2.18 2.43 -7.00
CA ASP A 37 -3.57 2.88 -6.97
C ASP A 37 -4.23 2.48 -5.66
N LYS A 38 -3.97 1.25 -5.25
CA LYS A 38 -4.48 0.73 -3.99
C LYS A 38 -3.90 1.49 -2.81
N CYS A 39 -2.60 1.77 -2.88
CA CYS A 39 -1.93 2.56 -1.86
C CYS A 39 -2.53 3.95 -1.77
N GLN A 40 -2.85 4.53 -2.94
CA GLN A 40 -3.51 5.83 -2.98
C GLN A 40 -4.92 5.73 -2.41
N GLU A 41 -5.58 4.61 -2.66
CA GLU A 41 -6.91 4.36 -2.14
C GLU A 41 -6.90 4.43 -0.61
N VAL A 42 -6.04 3.62 0.00
CA VAL A 42 -5.94 3.59 1.45
C VAL A 42 -5.38 4.89 2.00
N ILE A 43 -4.37 5.45 1.35
CA ILE A 43 -3.75 6.68 1.82
C ILE A 43 -4.75 7.85 1.82
N SER A 44 -5.56 7.95 0.77
CA SER A 44 -6.58 8.99 0.70
C SER A 44 -7.72 8.69 1.69
N TRP A 45 -7.89 7.41 2.00
CA TRP A 45 -8.87 6.96 2.98
C TRP A 45 -8.37 7.22 4.39
N LEU A 46 -7.08 7.00 4.60
CA LEU A 46 -6.43 7.27 5.89
C LEU A 46 -6.62 8.71 6.28
N ASP A 47 -6.42 9.58 5.31
CA ASP A 47 -6.55 11.02 5.51
C ASP A 47 -8.00 11.39 5.82
N ALA A 48 -8.91 10.52 5.42
CA ALA A 48 -10.34 10.78 5.57
C ALA A 48 -10.92 10.12 6.81
N ASN A 49 -10.37 8.96 7.17
CA ASN A 49 -10.89 8.17 8.28
C ASN A 49 -9.80 7.92 9.32
N THR A 50 -9.21 9.00 9.80
CA THR A 50 -8.23 8.92 10.88
C THR A 50 -8.90 8.48 12.17
N LEU A 51 -10.21 8.69 12.21
CA LEU A 51 -10.99 8.41 13.39
C LEU A 51 -11.53 6.98 13.37
N ALA A 52 -11.10 6.22 12.36
CA ALA A 52 -11.49 4.82 12.24
C ALA A 52 -10.98 4.02 13.43
N GLU A 53 -11.62 2.90 13.70
CA GLU A 53 -11.16 2.01 14.76
C GLU A 53 -9.94 1.25 14.31
N LYS A 54 -9.24 0.63 15.24
CA LYS A 54 -8.00 -0.09 14.92
C LYS A 54 -8.25 -1.15 13.85
N ASP A 55 -9.34 -1.90 14.00
CA ASP A 55 -9.65 -2.99 13.09
C ASP A 55 -9.89 -2.49 11.66
N GLU A 56 -10.33 -1.24 11.51
CA GLU A 56 -10.56 -0.69 10.19
C GLU A 56 -9.24 -0.58 9.46
N PHE A 57 -8.23 -0.10 10.16
CA PHE A 57 -6.89 -0.02 9.62
C PHE A 57 -6.29 -1.41 9.48
N GLU A 58 -6.54 -2.26 10.48
CA GLU A 58 -6.02 -3.62 10.47
C GLU A 58 -6.51 -4.37 9.24
N HIS A 59 -7.77 -4.18 8.90
CA HIS A 59 -8.33 -4.78 7.71
C HIS A 59 -7.79 -4.11 6.46
N LYS A 60 -7.60 -2.80 6.53
CA LYS A 60 -7.04 -2.05 5.41
C LYS A 60 -5.63 -2.52 5.13
N ARG A 61 -4.91 -2.84 6.19
CA ARG A 61 -3.58 -3.39 6.08
C ARG A 61 -3.62 -4.69 5.30
N LYS A 62 -4.56 -5.57 5.70
CA LYS A 62 -4.78 -6.84 5.00
C LYS A 62 -5.05 -6.61 3.53
N GLU A 63 -5.88 -5.61 3.25
CA GLU A 63 -6.21 -5.24 1.88
C GLU A 63 -4.96 -4.82 1.11
N LEU A 64 -4.23 -3.88 1.69
CA LEU A 64 -3.02 -3.35 1.08
C LEU A 64 -2.00 -4.48 0.89
N GLU A 65 -1.87 -5.33 1.90
CA GLU A 65 -0.97 -6.48 1.82
C GLU A 65 -1.33 -7.38 0.64
N GLN A 66 -2.62 -7.64 0.46
CA GLN A 66 -3.06 -8.50 -0.63
C GLN A 66 -2.79 -7.87 -2.01
N VAL A 67 -2.77 -6.56 -2.09
CA VAL A 67 -2.49 -5.90 -3.36
C VAL A 67 -0.98 -5.96 -3.68
N CYS A 68 -0.16 -5.75 -2.66
CA CYS A 68 1.30 -5.72 -2.82
C CYS A 68 1.89 -7.14 -2.80
N ASN A 69 1.22 -8.07 -2.12
CA ASN A 69 1.71 -9.45 -1.97
C ASN A 69 2.11 -10.08 -3.32
N PRO A 70 1.24 -10.09 -4.35
CA PRO A 70 1.56 -10.68 -5.65
C PRO A 70 2.76 -10.01 -6.31
N ILE A 71 3.03 -8.78 -5.89
CA ILE A 71 4.13 -8.01 -6.42
C ILE A 71 5.39 -8.22 -5.58
N ILE A 72 5.22 -8.26 -4.26
CA ILE A 72 6.32 -8.43 -3.30
C ILE A 72 6.92 -9.83 -3.40
N SER A 73 6.11 -10.80 -3.79
CA SER A 73 6.58 -12.18 -3.91
C SER A 73 7.58 -12.34 -5.06
N GLY A 74 7.68 -11.31 -5.89
CA GLY A 74 8.65 -11.32 -6.96
C GLY A 74 9.67 -10.21 -6.79
N LEU A 75 9.74 -9.68 -5.58
CA LEU A 75 10.63 -8.57 -5.26
C LEU A 75 11.51 -8.94 -4.06
N SER A 2 -0.36 2.77 16.74
CA SER A 2 -0.85 3.71 15.71
C SER A 2 -1.10 2.99 14.39
N ALA A 3 -2.34 2.55 14.19
CA ALA A 3 -2.69 1.76 13.02
C ALA A 3 -2.71 2.61 11.75
N LYS A 4 -3.14 3.85 11.85
CA LYS A 4 -3.15 4.75 10.69
C LYS A 4 -1.72 5.04 10.25
N ASN A 5 -0.88 5.28 11.24
CA ASN A 5 0.54 5.54 10.99
C ASN A 5 1.19 4.32 10.36
N ALA A 6 0.82 3.14 10.86
CA ALA A 6 1.29 1.88 10.29
C ALA A 6 0.77 1.72 8.86
N LEU A 7 -0.52 1.96 8.68
CA LEU A 7 -1.18 1.77 7.40
C LEU A 7 -0.63 2.70 6.33
N GLU A 8 -0.51 3.97 6.66
CA GLU A 8 -0.07 4.94 5.69
C GLU A 8 1.38 4.70 5.33
N SER A 9 2.17 4.34 6.33
CA SER A 9 3.58 4.01 6.10
C SER A 9 3.68 2.73 5.26
N TYR A 10 2.82 1.76 5.56
CA TYR A 10 2.77 0.50 4.85
C TYR A 10 2.41 0.75 3.39
N ALA A 11 1.37 1.54 3.16
CA ALA A 11 0.92 1.85 1.82
C ALA A 11 1.99 2.66 1.09
N PHE A 12 2.56 3.64 1.79
CA PHE A 12 3.66 4.43 1.26
C PHE A 12 4.83 3.53 0.88
N ASN A 13 5.11 2.55 1.72
CA ASN A 13 6.22 1.62 1.51
C ASN A 13 6.06 0.83 0.22
N MET A 14 4.90 0.22 0.02
CA MET A 14 4.65 -0.59 -1.17
C MET A 14 4.66 0.30 -2.41
N LYS A 15 4.02 1.45 -2.27
CA LYS A 15 3.99 2.47 -3.31
C LYS A 15 5.39 2.93 -3.68
N SER A 16 6.21 3.19 -2.67
CA SER A 16 7.58 3.61 -2.89
C SER A 16 8.40 2.49 -3.52
N ALA A 17 8.13 1.25 -3.12
CA ALA A 17 8.90 0.09 -3.58
C ALA A 17 8.76 -0.11 -5.09
N VAL A 18 7.54 -0.02 -5.60
CA VAL A 18 7.29 -0.22 -7.02
C VAL A 18 7.72 0.98 -7.84
N GLU A 19 7.53 2.15 -7.25
CA GLU A 19 7.89 3.41 -7.89
C GLU A 19 9.33 3.82 -7.59
N ASP A 20 10.06 2.95 -6.91
CA ASP A 20 11.46 3.21 -6.55
C ASP A 20 12.35 3.29 -7.79
N GLU A 21 13.24 4.26 -7.77
CA GLU A 21 14.16 4.52 -8.88
C GLU A 21 15.25 3.45 -9.01
N GLY A 22 15.35 2.56 -8.05
CA GLY A 22 16.30 1.47 -8.15
C GLY A 22 15.59 0.18 -8.53
N LEU A 23 14.39 0.02 -8.00
CA LEU A 23 13.56 -1.14 -8.27
C LEU A 23 12.83 -1.02 -9.60
N LYS A 24 13.10 0.04 -10.34
CA LYS A 24 12.50 0.21 -11.65
C LYS A 24 12.84 -0.97 -12.56
N GLY A 25 11.82 -1.55 -13.17
CA GLY A 25 12.03 -2.67 -14.06
C GLY A 25 12.04 -4.00 -13.33
N LYS A 26 12.15 -3.97 -12.01
CA LYS A 26 12.17 -5.19 -11.22
C LYS A 26 10.76 -5.73 -11.06
N ILE A 27 9.80 -4.83 -11.11
CA ILE A 27 8.38 -5.20 -11.08
C ILE A 27 7.75 -4.76 -12.39
N SER A 28 6.68 -5.44 -12.80
CA SER A 28 6.00 -5.09 -14.03
C SER A 28 5.06 -3.91 -13.78
N GLU A 29 4.73 -3.16 -14.83
CA GLU A 29 3.92 -1.95 -14.68
C GLU A 29 2.62 -2.26 -13.99
N ALA A 30 1.96 -3.32 -14.43
CA ALA A 30 0.64 -3.68 -13.91
C ALA A 30 0.63 -3.88 -12.40
N ASP A 31 1.65 -4.58 -11.89
CA ASP A 31 1.74 -4.81 -10.45
C ASP A 31 2.02 -3.50 -9.74
N LYS A 32 2.98 -2.76 -10.28
CA LYS A 32 3.32 -1.44 -9.81
C LYS A 32 2.10 -0.51 -9.78
N LYS A 33 1.36 -0.48 -10.88
CA LYS A 33 0.17 0.36 -10.99
C LYS A 33 -0.90 -0.02 -10.00
N LYS A 34 -1.18 -1.33 -9.89
CA LYS A 34 -2.27 -1.79 -9.05
C LYS A 34 -1.99 -1.46 -7.59
N VAL A 35 -0.75 -1.67 -7.16
CA VAL A 35 -0.38 -1.39 -5.79
C VAL A 35 -0.35 0.12 -5.54
N LEU A 36 0.19 0.90 -6.48
CA LEU A 36 0.23 2.35 -6.33
C LEU A 36 -1.19 2.92 -6.20
N ASP A 37 -2.08 2.44 -7.08
CA ASP A 37 -3.47 2.89 -7.07
C ASP A 37 -4.14 2.52 -5.76
N LYS A 38 -3.95 1.28 -5.35
CA LYS A 38 -4.50 0.77 -4.10
C LYS A 38 -3.89 1.51 -2.90
N CYS A 39 -2.58 1.77 -2.96
CA CYS A 39 -1.91 2.51 -1.90
C CYS A 39 -2.48 3.92 -1.81
N GLN A 40 -2.74 4.52 -2.95
CA GLN A 40 -3.39 5.82 -3.01
C GLN A 40 -4.78 5.74 -2.39
N GLU A 41 -5.48 4.66 -2.71
CA GLU A 41 -6.84 4.44 -2.24
C GLU A 41 -6.89 4.39 -0.72
N VAL A 42 -6.05 3.56 -0.12
CA VAL A 42 -5.99 3.46 1.33
C VAL A 42 -5.44 4.75 1.95
N ILE A 43 -4.45 5.36 1.30
CA ILE A 43 -3.87 6.60 1.81
C ILE A 43 -4.92 7.71 1.86
N SER A 44 -5.76 7.79 0.84
CA SER A 44 -6.87 8.73 0.83
C SER A 44 -7.91 8.33 1.87
N TRP A 45 -8.05 7.02 2.10
CA TRP A 45 -8.98 6.48 3.08
C TRP A 45 -8.50 6.83 4.48
N LEU A 46 -7.20 6.78 4.65
CA LEU A 46 -6.56 7.13 5.92
C LEU A 46 -6.88 8.56 6.30
N ASP A 47 -6.79 9.43 5.31
CA ASP A 47 -7.11 10.85 5.51
C ASP A 47 -8.59 11.03 5.79
N ALA A 48 -9.39 10.18 5.17
CA ALA A 48 -10.84 10.29 5.26
C ALA A 48 -11.39 9.64 6.52
N ASN A 49 -10.73 8.58 6.98
CA ASN A 49 -11.16 7.88 8.18
C ASN A 49 -10.11 8.02 9.28
N THR A 50 -9.68 9.24 9.51
CA THR A 50 -8.69 9.53 10.54
C THR A 50 -9.20 9.15 11.93
N LEU A 51 -10.52 9.07 12.04
CA LEU A 51 -11.17 8.83 13.31
C LEU A 51 -11.50 7.36 13.51
N ALA A 52 -11.04 6.53 12.57
CA ALA A 52 -11.28 5.10 12.63
C ALA A 52 -10.54 4.46 13.80
N GLU A 53 -11.02 3.32 14.24
CA GLU A 53 -10.33 2.53 15.25
C GLU A 53 -9.30 1.65 14.59
N LYS A 54 -8.44 1.02 15.39
CA LYS A 54 -7.30 0.29 14.85
C LYS A 54 -7.73 -0.80 13.88
N ASP A 55 -8.76 -1.56 14.24
CA ASP A 55 -9.24 -2.67 13.43
C ASP A 55 -9.65 -2.24 12.04
N GLU A 56 -10.14 -1.01 11.90
CA GLU A 56 -10.51 -0.48 10.59
C GLU A 56 -9.29 -0.44 9.71
N PHE A 57 -8.21 0.12 10.27
CA PHE A 57 -6.94 0.17 9.57
C PHE A 57 -6.39 -1.24 9.41
N GLU A 58 -6.54 -2.06 10.44
CA GLU A 58 -6.00 -3.42 10.43
C GLU A 58 -6.57 -4.23 9.27
N HIS A 59 -7.85 -4.04 8.98
CA HIS A 59 -8.47 -4.70 7.84
C HIS A 59 -7.94 -4.11 6.54
N LYS A 60 -7.79 -2.79 6.51
CA LYS A 60 -7.21 -2.11 5.37
C LYS A 60 -5.79 -2.59 5.12
N ARG A 61 -5.08 -2.86 6.21
CA ARG A 61 -3.72 -3.36 6.14
C ARG A 61 -3.70 -4.69 5.40
N LYS A 62 -4.68 -5.53 5.69
CA LYS A 62 -4.83 -6.79 4.98
C LYS A 62 -5.08 -6.54 3.50
N GLU A 63 -5.95 -5.59 3.21
CA GLU A 63 -6.32 -5.25 1.83
C GLU A 63 -5.09 -4.80 1.05
N LEU A 64 -4.41 -3.80 1.58
CA LEU A 64 -3.21 -3.26 0.98
C LEU A 64 -2.16 -4.37 0.82
N GLU A 65 -2.04 -5.18 1.85
CA GLU A 65 -1.13 -6.32 1.82
C GLU A 65 -1.44 -7.24 0.64
N GLN A 66 -2.72 -7.50 0.40
CA GLN A 66 -3.13 -8.38 -0.68
C GLN A 66 -2.81 -7.78 -2.05
N VAL A 67 -2.81 -6.45 -2.17
CA VAL A 67 -2.51 -5.82 -3.45
C VAL A 67 -1.01 -5.87 -3.74
N CYS A 68 -0.19 -5.65 -2.70
CA CYS A 68 1.26 -5.64 -2.84
C CYS A 68 1.84 -7.05 -2.80
N ASN A 69 1.16 -7.96 -2.11
CA ASN A 69 1.66 -9.32 -1.90
C ASN A 69 2.12 -9.99 -3.21
N PRO A 70 1.27 -10.06 -4.26
CA PRO A 70 1.66 -10.70 -5.54
C PRO A 70 2.86 -10.03 -6.18
N ILE A 71 3.03 -8.75 -5.89
CA ILE A 71 4.12 -7.98 -6.43
C ILE A 71 5.38 -8.19 -5.57
N ILE A 72 5.19 -8.24 -4.26
CA ILE A 72 6.27 -8.47 -3.30
C ILE A 72 6.86 -9.86 -3.49
N SER A 73 6.02 -10.81 -3.92
CA SER A 73 6.46 -12.17 -4.20
C SER A 73 7.53 -12.20 -5.27
N GLY A 74 7.58 -11.17 -6.10
CA GLY A 74 8.58 -11.10 -7.14
C GLY A 74 9.61 -10.02 -6.88
N LEU A 75 9.55 -9.42 -5.70
CA LEU A 75 10.47 -8.35 -5.33
C LEU A 75 11.45 -8.84 -4.28
N SER A 2 -1.91 3.34 17.29
CA SER A 2 -1.18 3.99 16.17
C SER A 2 -1.29 3.17 14.89
N ALA A 3 -2.43 2.53 14.67
CA ALA A 3 -2.64 1.73 13.48
C ALA A 3 -2.65 2.61 12.24
N LYS A 4 -3.03 3.88 12.41
CA LYS A 4 -3.04 4.84 11.30
C LYS A 4 -1.63 4.98 10.74
N ASN A 5 -0.67 5.19 11.61
CA ASN A 5 0.72 5.41 11.22
C ASN A 5 1.26 4.18 10.50
N ALA A 6 1.04 3.02 11.11
CA ALA A 6 1.48 1.75 10.53
C ALA A 6 0.85 1.54 9.16
N LEU A 7 -0.44 1.83 9.07
CA LEU A 7 -1.19 1.61 7.86
C LEU A 7 -0.70 2.51 6.73
N GLU A 8 -0.54 3.80 7.02
CA GLU A 8 -0.14 4.76 6.01
C GLU A 8 1.26 4.45 5.53
N SER A 9 2.15 4.23 6.48
CA SER A 9 3.54 3.90 6.17
C SER A 9 3.61 2.61 5.35
N TYR A 10 2.68 1.71 5.60
CA TYR A 10 2.61 0.45 4.87
C TYR A 10 2.26 0.71 3.41
N ALA A 11 1.22 1.51 3.19
CA ALA A 11 0.79 1.84 1.84
C ALA A 11 1.87 2.67 1.14
N PHE A 12 2.44 3.61 1.89
CA PHE A 12 3.57 4.40 1.42
C PHE A 12 4.73 3.49 1.01
N ASN A 13 5.01 2.49 1.84
CA ASN A 13 6.09 1.55 1.60
C ASN A 13 5.92 0.81 0.28
N MET A 14 4.73 0.26 0.06
CA MET A 14 4.48 -0.51 -1.15
C MET A 14 4.50 0.40 -2.37
N LYS A 15 3.88 1.56 -2.24
CA LYS A 15 3.87 2.58 -3.28
C LYS A 15 5.29 3.01 -3.63
N SER A 16 6.09 3.28 -2.61
CA SER A 16 7.47 3.69 -2.82
C SER A 16 8.29 2.57 -3.41
N ALA A 17 8.00 1.34 -3.01
CA ALA A 17 8.77 0.18 -3.46
C ALA A 17 8.63 -0.05 -4.96
N VAL A 18 7.42 0.03 -5.48
CA VAL A 18 7.19 -0.20 -6.90
C VAL A 18 7.61 1.01 -7.72
N GLU A 19 7.41 2.18 -7.15
CA GLU A 19 7.74 3.43 -7.79
C GLU A 19 9.18 3.83 -7.53
N ASP A 20 9.90 2.95 -6.85
CA ASP A 20 11.31 3.16 -6.52
C ASP A 20 12.16 3.21 -7.78
N GLU A 21 13.16 4.09 -7.76
CA GLU A 21 14.02 4.32 -8.92
C GLU A 21 14.92 3.13 -9.21
N GLY A 22 15.10 2.26 -8.22
CA GLY A 22 15.93 1.09 -8.42
C GLY A 22 15.08 -0.11 -8.74
N LEU A 23 13.88 -0.14 -8.16
CA LEU A 23 12.96 -1.24 -8.39
C LEU A 23 12.10 -1.01 -9.63
N LYS A 24 12.22 0.16 -10.24
CA LYS A 24 11.54 0.41 -11.50
C LYS A 24 12.15 -0.48 -12.58
N GLY A 25 11.38 -1.47 -13.01
CA GLY A 25 11.89 -2.46 -13.94
C GLY A 25 12.03 -3.82 -13.29
N LYS A 26 12.12 -3.81 -11.97
CA LYS A 26 12.18 -5.05 -11.19
C LYS A 26 10.78 -5.65 -11.10
N ILE A 27 9.80 -4.78 -10.99
CA ILE A 27 8.41 -5.20 -10.93
C ILE A 27 7.72 -4.89 -12.26
N SER A 28 6.65 -5.60 -12.56
CA SER A 28 5.92 -5.38 -13.78
C SER A 28 5.04 -4.14 -13.66
N GLU A 29 4.82 -3.45 -14.76
CA GLU A 29 4.09 -2.20 -14.76
C GLU A 29 2.72 -2.34 -14.09
N ALA A 30 2.02 -3.40 -14.44
CA ALA A 30 0.68 -3.64 -13.92
C ALA A 30 0.69 -3.86 -12.40
N ASP A 31 1.67 -4.59 -11.89
CA ASP A 31 1.78 -4.81 -10.45
C ASP A 31 2.09 -3.49 -9.75
N LYS A 32 3.03 -2.76 -10.33
CA LYS A 32 3.37 -1.43 -9.87
C LYS A 32 2.14 -0.54 -9.82
N LYS A 33 1.36 -0.55 -10.89
CA LYS A 33 0.16 0.27 -11.00
C LYS A 33 -0.89 -0.13 -9.97
N LYS A 34 -1.19 -1.43 -9.90
CA LYS A 34 -2.26 -1.91 -9.03
C LYS A 34 -2.01 -1.53 -7.59
N VAL A 35 -0.78 -1.72 -7.14
CA VAL A 35 -0.41 -1.43 -5.78
C VAL A 35 -0.41 0.07 -5.53
N LEU A 36 0.14 0.85 -6.47
CA LEU A 36 0.16 2.31 -6.34
C LEU A 36 -1.26 2.85 -6.24
N ASP A 37 -2.12 2.37 -7.13
CA ASP A 37 -3.50 2.81 -7.18
C ASP A 37 -4.21 2.48 -5.88
N LYS A 38 -4.05 1.25 -5.44
CA LYS A 38 -4.64 0.77 -4.19
C LYS A 38 -4.06 1.54 -3.01
N CYS A 39 -2.75 1.77 -3.04
CA CYS A 39 -2.08 2.52 -1.97
C CYS A 39 -2.62 3.95 -1.90
N GLN A 40 -2.87 4.54 -3.06
CA GLN A 40 -3.45 5.87 -3.11
C GLN A 40 -4.87 5.87 -2.57
N GLU A 41 -5.64 4.85 -2.92
CA GLU A 41 -7.01 4.72 -2.44
C GLU A 41 -7.04 4.66 -0.91
N VAL A 42 -6.23 3.76 -0.36
CA VAL A 42 -6.17 3.60 1.09
C VAL A 42 -5.58 4.84 1.77
N ILE A 43 -4.59 5.47 1.14
CA ILE A 43 -3.99 6.67 1.68
C ILE A 43 -5.00 7.83 1.70
N SER A 44 -5.81 7.96 0.67
CA SER A 44 -6.88 8.96 0.65
C SER A 44 -8.00 8.56 1.63
N TRP A 45 -8.12 7.26 1.86
CA TRP A 45 -9.05 6.71 2.83
C TRP A 45 -8.60 7.09 4.23
N LEU A 46 -7.29 7.01 4.42
CA LEU A 46 -6.66 7.36 5.68
C LEU A 46 -6.91 8.81 6.08
N ASP A 47 -6.67 9.70 5.14
CA ASP A 47 -6.89 11.12 5.35
C ASP A 47 -8.37 11.40 5.67
N ALA A 48 -9.21 10.46 5.26
CA ALA A 48 -10.64 10.58 5.44
C ALA A 48 -11.11 9.88 6.72
N ASN A 49 -10.20 9.23 7.42
CA ASN A 49 -10.57 8.47 8.61
C ASN A 49 -9.47 8.54 9.68
N THR A 50 -9.04 9.74 10.01
CA THR A 50 -7.96 9.93 10.97
C THR A 50 -8.36 9.41 12.36
N LEU A 51 -9.65 9.18 12.56
CA LEU A 51 -10.17 8.72 13.84
C LEU A 51 -10.74 7.30 13.73
N ALA A 52 -10.54 6.68 12.58
CA ALA A 52 -11.06 5.33 12.31
C ALA A 52 -10.74 4.35 13.43
N GLU A 53 -11.58 3.33 13.55
CA GLU A 53 -11.31 2.24 14.46
C GLU A 53 -9.99 1.59 14.07
N LYS A 54 -9.26 1.15 15.08
CA LYS A 54 -7.92 0.60 14.87
C LYS A 54 -7.97 -0.63 13.98
N ASP A 55 -9.03 -1.42 14.15
CA ASP A 55 -9.24 -2.59 13.32
C ASP A 55 -9.42 -2.23 11.85
N GLU A 56 -9.86 -0.99 11.55
CA GLU A 56 -10.01 -0.57 10.17
C GLU A 56 -8.66 -0.52 9.49
N PHE A 57 -7.69 0.06 10.19
CA PHE A 57 -6.33 0.13 9.68
C PHE A 57 -5.75 -1.28 9.60
N GLU A 58 -6.17 -2.14 10.51
CA GLU A 58 -5.76 -3.53 10.51
C GLU A 58 -6.32 -4.25 9.28
N HIS A 59 -7.62 -4.10 9.03
CA HIS A 59 -8.25 -4.74 7.87
C HIS A 59 -7.65 -4.20 6.59
N LYS A 60 -7.56 -2.88 6.53
CA LYS A 60 -7.06 -2.20 5.35
C LYS A 60 -5.63 -2.62 5.07
N ARG A 61 -4.88 -2.86 6.14
CA ARG A 61 -3.50 -3.33 6.03
C ARG A 61 -3.48 -4.68 5.34
N LYS A 62 -4.44 -5.52 5.68
CA LYS A 62 -4.56 -6.83 5.06
C LYS A 62 -4.93 -6.67 3.58
N GLU A 63 -5.83 -5.72 3.32
CA GLU A 63 -6.26 -5.40 1.96
C GLU A 63 -5.08 -4.93 1.13
N LEU A 64 -4.40 -3.92 1.63
CA LEU A 64 -3.24 -3.33 0.97
C LEU A 64 -2.18 -4.41 0.76
N GLU A 65 -2.00 -5.24 1.78
CA GLU A 65 -1.04 -6.34 1.70
C GLU A 65 -1.37 -7.27 0.53
N GLN A 66 -2.64 -7.56 0.33
CA GLN A 66 -3.05 -8.44 -0.75
C GLN A 66 -2.84 -7.82 -2.13
N VAL A 67 -2.88 -6.49 -2.23
CA VAL A 67 -2.61 -5.84 -3.52
C VAL A 67 -1.12 -5.88 -3.84
N CYS A 68 -0.29 -5.68 -2.82
CA CYS A 68 1.15 -5.66 -2.99
C CYS A 68 1.73 -7.07 -3.02
N ASN A 69 1.03 -8.01 -2.37
CA ASN A 69 1.52 -9.39 -2.22
C ASN A 69 2.00 -10.01 -3.54
N PRO A 70 1.16 -10.03 -4.62
CA PRO A 70 1.55 -10.64 -5.90
C PRO A 70 2.75 -9.95 -6.53
N ILE A 71 2.97 -8.71 -6.12
CA ILE A 71 4.05 -7.91 -6.62
C ILE A 71 5.32 -8.11 -5.77
N ILE A 72 5.11 -8.21 -4.45
CA ILE A 72 6.19 -8.38 -3.50
C ILE A 72 6.92 -9.71 -3.70
N SER A 73 6.22 -10.67 -4.28
CA SER A 73 6.79 -11.98 -4.53
C SER A 73 8.09 -11.91 -5.35
N GLY A 74 8.20 -10.87 -6.18
CA GLY A 74 9.39 -10.71 -6.99
C GLY A 74 10.16 -9.44 -6.68
N LEU A 75 9.96 -8.91 -5.48
CA LEU A 75 10.65 -7.71 -5.07
C LEU A 75 11.71 -8.02 -4.02
N SER A 2 -0.37 2.05 16.55
CA SER A 2 -0.73 3.17 15.65
C SER A 2 -1.11 2.65 14.27
N ALA A 3 -2.32 2.12 14.16
CA ALA A 3 -2.79 1.49 12.93
C ALA A 3 -2.79 2.48 11.76
N LYS A 4 -3.25 3.71 12.00
CA LYS A 4 -3.27 4.73 10.96
C LYS A 4 -1.85 5.01 10.46
N ASN A 5 -0.94 5.18 11.40
CA ASN A 5 0.45 5.47 11.09
C ASN A 5 1.09 4.31 10.34
N ALA A 6 0.84 3.10 10.83
CA ALA A 6 1.37 1.90 10.21
C ALA A 6 0.81 1.72 8.81
N LEU A 7 -0.48 1.96 8.66
CA LEU A 7 -1.16 1.81 7.37
C LEU A 7 -0.58 2.74 6.33
N GLU A 8 -0.41 4.00 6.68
CA GLU A 8 0.12 4.98 5.77
C GLU A 8 1.53 4.62 5.37
N SER A 9 2.36 4.32 6.37
CA SER A 9 3.74 3.93 6.13
C SER A 9 3.82 2.64 5.34
N TYR A 10 2.85 1.75 5.55
CA TYR A 10 2.79 0.49 4.82
C TYR A 10 2.48 0.78 3.35
N ALA A 11 1.45 1.58 3.12
CA ALA A 11 1.03 1.93 1.78
C ALA A 11 2.10 2.76 1.08
N PHE A 12 2.66 3.72 1.80
CA PHE A 12 3.75 4.54 1.31
C PHE A 12 4.93 3.66 0.89
N ASN A 13 5.21 2.65 1.70
CA ASN A 13 6.32 1.75 1.45
C ASN A 13 6.14 0.97 0.15
N MET A 14 4.97 0.37 -0.03
CA MET A 14 4.70 -0.42 -1.23
C MET A 14 4.69 0.47 -2.46
N LYS A 15 4.05 1.62 -2.31
CA LYS A 15 3.98 2.63 -3.36
C LYS A 15 5.38 3.08 -3.78
N SER A 16 6.22 3.38 -2.80
CA SER A 16 7.58 3.81 -3.06
C SER A 16 8.40 2.68 -3.68
N ALA A 17 8.15 1.45 -3.22
CA ALA A 17 8.91 0.29 -3.69
C ALA A 17 8.70 0.04 -5.18
N VAL A 18 7.46 0.09 -5.63
CA VAL A 18 7.15 -0.16 -7.03
C VAL A 18 7.50 1.02 -7.91
N GLU A 19 7.31 2.21 -7.36
CA GLU A 19 7.60 3.45 -8.05
C GLU A 19 9.06 3.85 -7.92
N ASP A 20 9.85 3.01 -7.27
CA ASP A 20 11.28 3.22 -7.13
C ASP A 20 11.97 3.03 -8.47
N GLU A 21 12.84 3.97 -8.80
CA GLU A 21 13.51 3.98 -10.09
C GLU A 21 14.53 2.85 -10.24
N GLY A 22 14.81 2.16 -9.15
CA GLY A 22 15.70 1.02 -9.20
C GLY A 22 14.93 -0.28 -9.21
N LEU A 23 13.79 -0.28 -8.53
CA LEU A 23 12.94 -1.44 -8.46
C LEU A 23 12.03 -1.55 -9.68
N LYS A 24 11.90 -0.47 -10.44
CA LYS A 24 11.18 -0.54 -11.70
C LYS A 24 11.89 -1.53 -12.62
N GLY A 25 11.14 -2.47 -13.16
CA GLY A 25 11.74 -3.53 -13.94
C GLY A 25 11.79 -4.82 -13.15
N LYS A 26 11.95 -4.70 -11.83
CA LYS A 26 11.89 -5.85 -10.95
C LYS A 26 10.44 -6.30 -10.81
N ILE A 27 9.56 -5.31 -10.81
CA ILE A 27 8.13 -5.55 -10.78
C ILE A 27 7.54 -5.21 -12.14
N SER A 28 6.43 -5.84 -12.48
CA SER A 28 5.74 -5.53 -13.72
C SER A 28 4.86 -4.31 -13.54
N GLU A 29 4.66 -3.54 -14.60
CA GLU A 29 3.93 -2.29 -14.52
C GLU A 29 2.56 -2.50 -13.91
N ALA A 30 1.88 -3.55 -14.33
CA ALA A 30 0.53 -3.84 -13.85
C ALA A 30 0.51 -3.99 -12.33
N ASP A 31 1.49 -4.70 -11.77
CA ASP A 31 1.58 -4.88 -10.33
C ASP A 31 1.89 -3.55 -9.66
N LYS A 32 2.85 -2.84 -10.24
CA LYS A 32 3.22 -1.51 -9.78
C LYS A 32 2.00 -0.59 -9.77
N LYS A 33 1.25 -0.60 -10.87
CA LYS A 33 0.08 0.25 -11.03
C LYS A 33 -1.01 -0.11 -10.03
N LYS A 34 -1.28 -1.39 -9.87
CA LYS A 34 -2.37 -1.84 -9.02
C LYS A 34 -2.07 -1.49 -7.57
N VAL A 35 -0.83 -1.72 -7.13
CA VAL A 35 -0.46 -1.43 -5.77
C VAL A 35 -0.43 0.08 -5.50
N LEU A 36 0.07 0.87 -6.47
CA LEU A 36 0.10 2.32 -6.32
C LEU A 36 -1.31 2.88 -6.17
N ASP A 37 -2.19 2.43 -7.05
CA ASP A 37 -3.59 2.88 -7.05
C ASP A 37 -4.26 2.48 -5.74
N LYS A 38 -4.00 1.26 -5.31
CA LYS A 38 -4.51 0.75 -4.05
C LYS A 38 -3.91 1.51 -2.86
N CYS A 39 -2.61 1.78 -2.93
CA CYS A 39 -1.93 2.55 -1.89
C CYS A 39 -2.53 3.95 -1.81
N GLN A 40 -2.84 4.51 -2.96
CA GLN A 40 -3.49 5.82 -3.02
C GLN A 40 -4.90 5.75 -2.43
N GLU A 41 -5.58 4.63 -2.67
CA GLU A 41 -6.92 4.41 -2.11
C GLU A 41 -6.87 4.48 -0.59
N VAL A 42 -6.03 3.64 0.00
CA VAL A 42 -5.92 3.58 1.45
C VAL A 42 -5.36 4.87 2.02
N ILE A 43 -4.36 5.45 1.37
CA ILE A 43 -3.76 6.69 1.84
C ILE A 43 -4.79 7.83 1.88
N SER A 44 -5.60 7.94 0.82
CA SER A 44 -6.67 8.94 0.80
C SER A 44 -7.75 8.59 1.81
N TRP A 45 -7.93 7.29 2.03
CA TRP A 45 -8.90 6.78 2.98
C TRP A 45 -8.44 7.05 4.41
N LEU A 46 -7.13 6.95 4.62
CA LEU A 46 -6.52 7.25 5.91
C LEU A 46 -6.81 8.68 6.31
N ASP A 47 -6.66 9.56 5.34
CA ASP A 47 -6.92 10.98 5.56
C ASP A 47 -8.41 11.25 5.73
N ALA A 48 -9.24 10.33 5.23
CA ALA A 48 -10.68 10.51 5.25
C ALA A 48 -11.33 9.81 6.45
N ASN A 49 -10.75 8.69 6.86
CA ASN A 49 -11.24 7.93 8.01
C ASN A 49 -10.16 7.87 9.07
N THR A 50 -9.59 9.02 9.36
CA THR A 50 -8.56 9.15 10.37
C THR A 50 -9.09 8.76 11.75
N LEU A 51 -10.40 8.80 11.89
CA LEU A 51 -11.05 8.52 13.16
C LEU A 51 -11.56 7.08 13.20
N ALA A 52 -11.22 6.32 12.16
CA ALA A 52 -11.58 4.90 12.07
C ALA A 52 -11.06 4.13 13.29
N GLU A 53 -11.67 2.99 13.56
CA GLU A 53 -11.24 2.14 14.64
C GLU A 53 -9.97 1.40 14.24
N LYS A 54 -9.23 0.89 15.21
CA LYS A 54 -7.94 0.24 14.94
C LYS A 54 -8.10 -0.91 13.95
N ASP A 55 -9.13 -1.72 14.18
CA ASP A 55 -9.42 -2.87 13.33
C ASP A 55 -9.81 -2.44 11.90
N GLU A 56 -10.32 -1.22 11.75
CA GLU A 56 -10.64 -0.70 10.44
C GLU A 56 -9.35 -0.61 9.62
N PHE A 57 -8.35 0.01 10.22
CA PHE A 57 -7.04 0.12 9.60
C PHE A 57 -6.43 -1.25 9.39
N GLU A 58 -6.59 -2.11 10.40
CA GLU A 58 -6.03 -3.46 10.33
C GLU A 58 -6.58 -4.24 9.13
N HIS A 59 -7.85 -4.05 8.85
CA HIS A 59 -8.45 -4.66 7.66
C HIS A 59 -7.85 -4.06 6.40
N LYS A 60 -7.60 -2.76 6.44
CA LYS A 60 -6.99 -2.06 5.33
C LYS A 60 -5.56 -2.55 5.13
N ARG A 61 -4.89 -2.82 6.24
CA ARG A 61 -3.54 -3.35 6.23
C ARG A 61 -3.52 -4.69 5.50
N LYS A 62 -4.57 -5.47 5.70
CA LYS A 62 -4.72 -6.75 5.00
C LYS A 62 -4.99 -6.51 3.53
N GLU A 63 -5.86 -5.56 3.22
CA GLU A 63 -6.20 -5.24 1.84
C GLU A 63 -4.96 -4.78 1.07
N LEU A 64 -4.26 -3.80 1.62
CA LEU A 64 -3.07 -3.25 0.99
C LEU A 64 -2.04 -4.36 0.81
N GLU A 65 -1.89 -5.19 1.83
CA GLU A 65 -0.99 -6.32 1.78
C GLU A 65 -1.33 -7.25 0.61
N GLN A 66 -2.61 -7.55 0.45
CA GLN A 66 -3.06 -8.43 -0.62
C GLN A 66 -2.79 -7.83 -2.01
N VAL A 67 -2.79 -6.51 -2.12
CA VAL A 67 -2.51 -5.86 -3.40
C VAL A 67 -1.01 -5.92 -3.71
N CYS A 68 -0.18 -5.72 -2.69
CA CYS A 68 1.26 -5.69 -2.85
C CYS A 68 1.85 -7.10 -2.84
N ASN A 69 1.19 -8.03 -2.16
CA ASN A 69 1.68 -9.41 -2.00
C ASN A 69 2.12 -10.04 -3.34
N PRO A 70 1.27 -10.06 -4.39
CA PRO A 70 1.63 -10.66 -5.68
C PRO A 70 2.85 -9.99 -6.29
N ILE A 71 3.06 -8.74 -5.90
CA ILE A 71 4.15 -7.94 -6.43
C ILE A 71 5.40 -8.13 -5.57
N ILE A 72 5.22 -8.19 -4.25
CA ILE A 72 6.29 -8.37 -3.30
C ILE A 72 6.91 -9.75 -3.45
N SER A 73 6.09 -10.72 -3.86
CA SER A 73 6.57 -12.06 -4.12
C SER A 73 7.59 -12.08 -5.25
N GLY A 74 7.54 -11.06 -6.11
CA GLY A 74 8.49 -10.94 -7.20
C GLY A 74 9.57 -9.92 -6.90
N LEU A 75 9.39 -9.18 -5.82
CA LEU A 75 10.36 -8.17 -5.41
C LEU A 75 11.25 -8.73 -4.31
N SER A 2 -0.39 2.50 16.72
CA SER A 2 -0.56 3.50 15.64
C SER A 2 -0.82 2.82 14.30
N ALA A 3 -2.03 2.27 14.15
CA ALA A 3 -2.40 1.55 12.92
C ALA A 3 -2.58 2.53 11.76
N LYS A 4 -2.95 3.76 12.06
CA LYS A 4 -3.09 4.79 11.04
C LYS A 4 -1.72 5.10 10.44
N ASN A 5 -0.74 5.25 11.32
CA ASN A 5 0.64 5.47 10.91
C ASN A 5 1.18 4.26 10.16
N ALA A 6 0.94 3.09 10.72
CA ALA A 6 1.37 1.84 10.11
C ALA A 6 0.79 1.68 8.71
N LEU A 7 -0.51 1.89 8.59
CA LEU A 7 -1.22 1.72 7.33
C LEU A 7 -0.69 2.67 6.27
N GLU A 8 -0.54 3.93 6.64
CA GLU A 8 -0.14 4.95 5.72
C GLU A 8 1.32 4.74 5.30
N SER A 9 2.18 4.47 6.28
CA SER A 9 3.58 4.22 5.99
C SER A 9 3.73 2.94 5.19
N TYR A 10 2.90 1.94 5.50
CA TYR A 10 2.90 0.69 4.75
C TYR A 10 2.54 0.95 3.29
N ALA A 11 1.46 1.69 3.09
CA ALA A 11 0.99 2.01 1.76
C ALA A 11 2.00 2.90 1.04
N PHE A 12 2.57 3.85 1.77
CA PHE A 12 3.66 4.68 1.24
C PHE A 12 4.83 3.81 0.82
N ASN A 13 5.17 2.85 1.68
CA ASN A 13 6.28 1.94 1.44
C ASN A 13 6.06 1.09 0.19
N MET A 14 4.88 0.52 0.04
CA MET A 14 4.58 -0.31 -1.13
C MET A 14 4.60 0.53 -2.39
N LYS A 15 3.99 1.71 -2.29
CA LYS A 15 3.97 2.67 -3.37
C LYS A 15 5.38 3.09 -3.77
N SER A 16 6.20 3.38 -2.76
CA SER A 16 7.59 3.74 -2.99
C SER A 16 8.40 2.56 -3.54
N ALA A 17 8.06 1.34 -3.10
CA ALA A 17 8.81 0.15 -3.50
C ALA A 17 8.68 -0.14 -5.00
N VAL A 18 7.47 -0.07 -5.52
CA VAL A 18 7.25 -0.36 -6.94
C VAL A 18 7.72 0.80 -7.81
N GLU A 19 7.56 2.00 -7.28
CA GLU A 19 7.98 3.20 -7.96
C GLU A 19 9.45 3.53 -7.67
N ASP A 20 10.09 2.63 -6.93
CA ASP A 20 11.52 2.77 -6.58
C ASP A 20 12.39 2.61 -7.81
N GLU A 21 13.45 3.40 -7.88
CA GLU A 21 14.35 3.41 -9.04
C GLU A 21 15.17 2.13 -9.14
N GLY A 22 15.19 1.33 -8.09
CA GLY A 22 15.91 0.08 -8.12
C GLY A 22 14.98 -1.10 -8.35
N LEU A 23 13.73 -0.95 -7.93
CA LEU A 23 12.74 -2.01 -8.06
C LEU A 23 11.85 -1.78 -9.28
N LYS A 24 12.02 -0.64 -9.93
CA LYS A 24 11.20 -0.25 -11.08
C LYS A 24 11.24 -1.29 -12.19
N GLY A 25 12.40 -1.89 -12.41
CA GLY A 25 12.55 -2.88 -13.46
C GLY A 25 12.35 -4.29 -12.92
N LYS A 26 12.23 -4.41 -11.61
CA LYS A 26 12.07 -5.71 -10.97
C LYS A 26 10.62 -6.15 -11.03
N ILE A 27 9.71 -5.19 -10.94
CA ILE A 27 8.29 -5.48 -10.94
C ILE A 27 7.65 -5.07 -12.26
N SER A 28 6.56 -5.74 -12.62
CA SER A 28 5.87 -5.44 -13.86
C SER A 28 4.95 -4.24 -13.67
N GLU A 29 4.65 -3.54 -14.76
CA GLU A 29 3.87 -2.32 -14.71
C GLU A 29 2.55 -2.54 -14.00
N ALA A 30 1.84 -3.60 -14.39
CA ALA A 30 0.52 -3.89 -13.85
C ALA A 30 0.54 -4.05 -12.33
N ASP A 31 1.55 -4.74 -11.81
CA ASP A 31 1.67 -4.94 -10.37
C ASP A 31 1.97 -3.61 -9.68
N LYS A 32 2.96 -2.93 -10.23
CA LYS A 32 3.35 -1.60 -9.77
C LYS A 32 2.16 -0.64 -9.75
N LYS A 33 1.41 -0.63 -10.85
CA LYS A 33 0.23 0.23 -10.97
C LYS A 33 -0.83 -0.12 -9.95
N LYS A 34 -1.14 -1.41 -9.83
CA LYS A 34 -2.25 -1.84 -8.99
C LYS A 34 -1.96 -1.49 -7.53
N VAL A 35 -0.72 -1.71 -7.10
CA VAL A 35 -0.35 -1.43 -5.73
C VAL A 35 -0.29 0.08 -5.47
N LEU A 36 0.27 0.86 -6.41
CA LEU A 36 0.30 2.33 -6.27
C LEU A 36 -1.10 2.88 -6.14
N ASP A 37 -1.96 2.46 -7.05
CA ASP A 37 -3.35 2.90 -7.11
C ASP A 37 -4.08 2.53 -5.82
N LYS A 38 -3.87 1.29 -5.40
CA LYS A 38 -4.45 0.78 -4.16
C LYS A 38 -3.88 1.53 -2.95
N CYS A 39 -2.58 1.78 -2.96
CA CYS A 39 -1.94 2.53 -1.90
C CYS A 39 -2.53 3.92 -1.79
N GLN A 40 -2.84 4.53 -2.92
CA GLN A 40 -3.47 5.83 -2.94
C GLN A 40 -4.88 5.77 -2.36
N GLU A 41 -5.60 4.71 -2.67
CA GLU A 41 -6.94 4.53 -2.14
C GLU A 41 -6.94 4.50 -0.62
N VAL A 42 -6.11 3.63 -0.06
CA VAL A 42 -6.01 3.50 1.38
C VAL A 42 -5.47 4.79 2.01
N ILE A 43 -4.48 5.40 1.37
CA ILE A 43 -3.90 6.63 1.88
C ILE A 43 -4.92 7.77 1.93
N SER A 44 -5.72 7.91 0.88
CA SER A 44 -6.77 8.92 0.85
C SER A 44 -7.89 8.54 1.84
N TRP A 45 -8.00 7.25 2.12
CA TRP A 45 -8.96 6.75 3.09
C TRP A 45 -8.47 7.04 4.50
N LEU A 46 -7.16 6.96 4.69
CA LEU A 46 -6.53 7.22 5.97
C LEU A 46 -6.77 8.63 6.44
N ASP A 47 -6.66 9.57 5.50
CA ASP A 47 -6.97 10.97 5.79
C ASP A 47 -8.45 11.11 6.16
N ALA A 48 -9.26 10.30 5.52
CA ALA A 48 -10.71 10.39 5.63
C ALA A 48 -11.23 9.71 6.90
N ASN A 49 -10.58 8.63 7.32
CA ASN A 49 -11.04 7.86 8.48
C ASN A 49 -10.26 8.25 9.74
N THR A 50 -10.07 9.53 9.94
CA THR A 50 -9.26 10.01 11.04
C THR A 50 -9.84 9.60 12.40
N LEU A 51 -11.07 9.12 12.40
CA LEU A 51 -11.74 8.71 13.63
C LEU A 51 -11.90 7.20 13.70
N ALA A 52 -11.32 6.49 12.73
CA ALA A 52 -11.38 5.02 12.69
C ALA A 52 -10.62 4.41 13.86
N GLU A 53 -11.01 3.20 14.21
CA GLU A 53 -10.32 2.45 15.23
C GLU A 53 -9.37 1.44 14.59
N LYS A 54 -8.61 0.74 15.42
CA LYS A 54 -7.49 -0.08 14.95
C LYS A 54 -7.91 -1.10 13.89
N ASP A 55 -9.01 -1.79 14.12
CA ASP A 55 -9.46 -2.85 13.23
C ASP A 55 -9.88 -2.33 11.86
N GLU A 56 -10.28 -1.07 11.75
CA GLU A 56 -10.54 -0.47 10.44
C GLU A 56 -9.26 -0.42 9.64
N PHE A 57 -8.21 0.09 10.28
CA PHE A 57 -6.89 0.13 9.66
C PHE A 57 -6.39 -1.29 9.42
N GLU A 58 -6.62 -2.16 10.40
CA GLU A 58 -6.18 -3.55 10.31
C GLU A 58 -6.81 -4.25 9.11
N HIS A 59 -8.10 -4.00 8.90
CA HIS A 59 -8.79 -4.52 7.71
C HIS A 59 -8.11 -4.00 6.45
N LYS A 60 -7.80 -2.73 6.46
CA LYS A 60 -7.23 -2.08 5.31
C LYS A 60 -5.82 -2.59 5.06
N ARG A 61 -5.11 -2.84 6.15
CA ARG A 61 -3.77 -3.40 6.09
C ARG A 61 -3.80 -4.71 5.33
N LYS A 62 -4.79 -5.55 5.65
CA LYS A 62 -4.94 -6.83 4.97
C LYS A 62 -5.14 -6.61 3.48
N GLU A 63 -5.97 -5.64 3.15
CA GLU A 63 -6.26 -5.29 1.76
C GLU A 63 -4.99 -4.89 1.04
N LEU A 64 -4.32 -3.90 1.59
CA LEU A 64 -3.11 -3.35 1.01
C LEU A 64 -2.06 -4.45 0.88
N GLU A 65 -1.92 -5.28 1.91
CA GLU A 65 -1.01 -6.43 1.84
C GLU A 65 -1.34 -7.31 0.65
N GLN A 66 -2.62 -7.59 0.44
CA GLN A 66 -3.05 -8.48 -0.64
C GLN A 66 -2.76 -7.87 -2.01
N VAL A 67 -2.76 -6.54 -2.12
CA VAL A 67 -2.47 -5.89 -3.41
C VAL A 67 -0.97 -5.93 -3.69
N CYS A 68 -0.16 -5.74 -2.67
CA CYS A 68 1.29 -5.74 -2.81
C CYS A 68 1.85 -7.16 -2.80
N ASN A 69 1.15 -8.08 -2.16
CA ASN A 69 1.61 -9.48 -2.01
C ASN A 69 2.05 -10.10 -3.34
N PRO A 70 1.21 -10.10 -4.41
CA PRO A 70 1.58 -10.70 -5.71
C PRO A 70 2.79 -10.02 -6.32
N ILE A 71 3.04 -8.81 -5.90
CA ILE A 71 4.15 -8.02 -6.41
C ILE A 71 5.39 -8.24 -5.55
N ILE A 72 5.18 -8.30 -4.23
CA ILE A 72 6.26 -8.47 -3.27
C ILE A 72 6.94 -9.82 -3.42
N SER A 73 6.18 -10.82 -3.87
CA SER A 73 6.75 -12.15 -4.10
C SER A 73 7.75 -12.12 -5.25
N GLY A 74 7.71 -11.08 -6.05
CA GLY A 74 8.64 -10.93 -7.15
C GLY A 74 9.59 -9.76 -6.95
N LEU A 75 9.58 -9.21 -5.75
CA LEU A 75 10.44 -8.07 -5.41
C LEU A 75 11.58 -8.52 -4.51
N SER A 2 -0.64 2.53 17.12
CA SER A 2 -0.55 3.51 16.02
C SER A 2 -0.83 2.85 14.68
N ALA A 3 -2.02 2.26 14.55
CA ALA A 3 -2.41 1.58 13.32
C ALA A 3 -2.41 2.55 12.14
N LYS A 4 -2.86 3.78 12.36
CA LYS A 4 -2.90 4.78 11.30
C LYS A 4 -1.51 4.96 10.70
N ASN A 5 -0.52 5.10 11.59
CA ASN A 5 0.86 5.34 11.18
C ASN A 5 1.43 4.13 10.44
N ALA A 6 1.23 2.95 11.01
CA ALA A 6 1.71 1.71 10.41
C ALA A 6 1.02 1.46 9.08
N LEU A 7 -0.28 1.72 9.05
CA LEU A 7 -1.10 1.49 7.88
C LEU A 7 -0.70 2.38 6.72
N GLU A 8 -0.54 3.67 6.99
CA GLU A 8 -0.23 4.63 5.95
C GLU A 8 1.17 4.41 5.41
N SER A 9 2.14 4.27 6.32
CA SER A 9 3.51 4.03 5.93
C SER A 9 3.62 2.70 5.19
N TYR A 10 2.75 1.76 5.53
CA TYR A 10 2.68 0.48 4.82
C TYR A 10 2.35 0.72 3.35
N ALA A 11 1.31 1.51 3.11
CA ALA A 11 0.88 1.85 1.77
C ALA A 11 1.95 2.69 1.08
N PHE A 12 2.48 3.66 1.82
CA PHE A 12 3.58 4.49 1.33
C PHE A 12 4.77 3.62 0.93
N ASN A 13 5.02 2.58 1.71
CA ASN A 13 6.17 1.71 1.51
C ASN A 13 6.05 0.92 0.22
N MET A 14 4.89 0.29 0.01
CA MET A 14 4.66 -0.49 -1.19
C MET A 14 4.66 0.42 -2.42
N LYS A 15 4.00 1.56 -2.27
CA LYS A 15 3.95 2.59 -3.28
C LYS A 15 5.35 3.07 -3.64
N SER A 16 6.16 3.33 -2.63
CA SER A 16 7.54 3.77 -2.84
C SER A 16 8.38 2.67 -3.49
N ALA A 17 8.11 1.43 -3.12
CA ALA A 17 8.88 0.30 -3.63
C ALA A 17 8.69 0.14 -5.14
N VAL A 18 7.46 0.22 -5.60
CA VAL A 18 7.18 0.05 -7.03
C VAL A 18 7.54 1.30 -7.81
N GLU A 19 7.33 2.44 -7.19
CA GLU A 19 7.63 3.72 -7.82
C GLU A 19 9.08 4.13 -7.61
N ASP A 20 9.86 3.24 -7.00
CA ASP A 20 11.31 3.41 -6.90
C ASP A 20 11.92 3.37 -8.29
N GLU A 21 12.84 4.29 -8.56
CA GLU A 21 13.38 4.43 -9.90
C GLU A 21 14.26 3.26 -10.30
N GLY A 22 14.61 2.42 -9.36
CA GLY A 22 15.40 1.24 -9.69
C GLY A 22 14.53 0.01 -9.75
N LEU A 23 13.53 -0.03 -8.89
CA LEU A 23 12.61 -1.15 -8.85
C LEU A 23 11.57 -1.05 -9.96
N LYS A 24 11.42 0.12 -10.55
CA LYS A 24 10.56 0.26 -11.71
C LYS A 24 11.23 -0.39 -12.92
N GLY A 25 10.80 -1.61 -13.20
CA GLY A 25 11.46 -2.45 -14.18
C GLY A 25 11.80 -3.80 -13.58
N LYS A 26 12.02 -3.80 -12.27
CA LYS A 26 12.17 -5.02 -11.50
C LYS A 26 10.80 -5.68 -11.35
N ILE A 27 9.81 -4.82 -11.18
CA ILE A 27 8.42 -5.24 -11.07
C ILE A 27 7.69 -4.90 -12.36
N SER A 28 6.65 -5.65 -12.69
CA SER A 28 5.87 -5.39 -13.87
C SER A 28 5.04 -4.13 -13.64
N GLU A 29 4.81 -3.36 -14.70
CA GLU A 29 4.07 -2.11 -14.58
C GLU A 29 2.68 -2.33 -13.98
N ALA A 30 2.07 -3.46 -14.34
CA ALA A 30 0.74 -3.80 -13.85
C ALA A 30 0.72 -3.92 -12.33
N ASP A 31 1.74 -4.57 -11.77
CA ASP A 31 1.83 -4.75 -10.33
C ASP A 31 2.14 -3.41 -9.67
N LYS A 32 3.08 -2.68 -10.25
CA LYS A 32 3.42 -1.33 -9.82
C LYS A 32 2.18 -0.43 -9.79
N LYS A 33 1.42 -0.48 -10.88
CA LYS A 33 0.22 0.34 -11.02
C LYS A 33 -0.86 -0.06 -10.02
N LYS A 34 -1.14 -1.35 -9.93
CA LYS A 34 -2.23 -1.83 -9.09
C LYS A 34 -1.98 -1.48 -7.64
N VAL A 35 -0.74 -1.66 -7.19
CA VAL A 35 -0.40 -1.37 -5.82
C VAL A 35 -0.40 0.14 -5.56
N LEU A 36 0.12 0.92 -6.50
CA LEU A 36 0.11 2.38 -6.37
C LEU A 36 -1.32 2.90 -6.26
N ASP A 37 -2.17 2.42 -7.16
CA ASP A 37 -3.59 2.78 -7.18
C ASP A 37 -4.25 2.40 -5.86
N LYS A 38 -4.00 1.18 -5.43
CA LYS A 38 -4.53 0.67 -4.19
C LYS A 38 -3.97 1.45 -3.00
N CYS A 39 -2.69 1.76 -3.04
CA CYS A 39 -2.04 2.55 -1.99
C CYS A 39 -2.68 3.93 -1.90
N GLN A 40 -3.01 4.49 -3.06
CA GLN A 40 -3.71 5.78 -3.10
C GLN A 40 -5.11 5.66 -2.53
N GLU A 41 -5.76 4.53 -2.80
CA GLU A 41 -7.08 4.25 -2.24
C GLU A 41 -7.05 4.30 -0.72
N VAL A 42 -6.15 3.49 -0.15
CA VAL A 42 -6.01 3.41 1.29
C VAL A 42 -5.51 4.72 1.90
N ILE A 43 -4.54 5.34 1.24
CA ILE A 43 -3.97 6.59 1.74
C ILE A 43 -5.02 7.72 1.78
N SER A 44 -5.86 7.79 0.76
CA SER A 44 -6.95 8.75 0.74
C SER A 44 -8.03 8.37 1.77
N TRP A 45 -8.17 7.07 2.01
CA TRP A 45 -9.09 6.56 3.01
C TRP A 45 -8.59 6.93 4.39
N LEU A 46 -7.29 6.87 4.56
CA LEU A 46 -6.63 7.26 5.79
C LEU A 46 -6.92 8.71 6.14
N ASP A 47 -6.75 9.56 5.14
CA ASP A 47 -6.97 10.99 5.30
C ASP A 47 -8.43 11.27 5.59
N ALA A 48 -9.29 10.47 5.01
CA ALA A 48 -10.73 10.61 5.15
C ALA A 48 -11.23 9.99 6.45
N ASN A 49 -10.56 8.94 6.88
CA ASN A 49 -10.98 8.19 8.07
C ASN A 49 -9.89 8.20 9.13
N THR A 50 -9.43 9.39 9.48
CA THR A 50 -8.49 9.54 10.57
C THR A 50 -9.15 9.21 11.90
N LEU A 51 -10.48 9.24 11.89
CA LEU A 51 -11.27 8.94 13.07
C LEU A 51 -11.60 7.45 13.14
N ALA A 52 -11.05 6.69 12.22
CA ALA A 52 -11.25 5.24 12.21
C ALA A 52 -10.58 4.61 13.41
N GLU A 53 -11.12 3.49 13.85
CA GLU A 53 -10.55 2.75 14.96
C GLU A 53 -9.48 1.80 14.46
N LYS A 54 -8.75 1.18 15.37
CA LYS A 54 -7.56 0.39 15.02
C LYS A 54 -7.88 -0.69 14.00
N ASP A 55 -8.98 -1.39 14.21
CA ASP A 55 -9.36 -2.50 13.35
C ASP A 55 -9.61 -2.06 11.91
N GLU A 56 -10.04 -0.82 11.71
CA GLU A 56 -10.26 -0.33 10.35
C GLU A 56 -8.96 -0.28 9.58
N PHE A 57 -7.92 0.22 10.24
CA PHE A 57 -6.60 0.25 9.64
C PHE A 57 -6.10 -1.17 9.43
N GLU A 58 -6.40 -2.02 10.40
CA GLU A 58 -6.05 -3.42 10.35
C GLU A 58 -6.70 -4.11 9.13
N HIS A 59 -7.98 -3.82 8.91
CA HIS A 59 -8.69 -4.38 7.76
C HIS A 59 -8.07 -3.90 6.47
N LYS A 60 -7.83 -2.60 6.38
CA LYS A 60 -7.23 -2.00 5.20
C LYS A 60 -5.83 -2.54 4.99
N ARG A 61 -5.14 -2.80 6.09
CA ARG A 61 -3.79 -3.35 6.05
C ARG A 61 -3.79 -4.71 5.38
N LYS A 62 -4.85 -5.49 5.63
CA LYS A 62 -5.02 -6.78 4.95
C LYS A 62 -5.21 -6.56 3.45
N GLU A 63 -6.02 -5.56 3.13
CA GLU A 63 -6.32 -5.21 1.74
C GLU A 63 -5.07 -4.82 0.99
N LEU A 64 -4.38 -3.81 1.52
CA LEU A 64 -3.18 -3.27 0.90
C LEU A 64 -2.13 -4.38 0.76
N GLU A 65 -2.00 -5.19 1.80
CA GLU A 65 -1.06 -6.29 1.81
C GLU A 65 -1.32 -7.25 0.65
N GLN A 66 -2.59 -7.59 0.42
CA GLN A 66 -2.95 -8.51 -0.66
C GLN A 66 -2.72 -7.88 -2.04
N VAL A 67 -2.75 -6.56 -2.15
CA VAL A 67 -2.49 -5.92 -3.45
C VAL A 67 -0.99 -5.94 -3.76
N CYS A 68 -0.17 -5.71 -2.73
CA CYS A 68 1.28 -5.68 -2.89
C CYS A 68 1.87 -7.09 -2.87
N ASN A 69 1.18 -8.01 -2.21
CA ASN A 69 1.66 -9.40 -2.05
C ASN A 69 2.12 -10.05 -3.36
N PRO A 70 1.30 -10.06 -4.43
CA PRO A 70 1.69 -10.63 -5.72
C PRO A 70 2.92 -9.95 -6.31
N ILE A 71 3.05 -8.66 -6.01
CA ILE A 71 4.12 -7.85 -6.54
C ILE A 71 5.40 -8.06 -5.71
N ILE A 72 5.22 -8.15 -4.39
CA ILE A 72 6.30 -8.39 -3.45
C ILE A 72 6.88 -9.79 -3.68
N SER A 73 6.04 -10.69 -4.16
CA SER A 73 6.47 -12.04 -4.51
C SER A 73 7.48 -11.99 -5.66
N GLY A 74 7.44 -10.90 -6.43
CA GLY A 74 8.37 -10.76 -7.54
C GLY A 74 9.49 -9.78 -7.21
N LEU A 75 9.43 -9.21 -6.01
CA LEU A 75 10.42 -8.23 -5.59
C LEU A 75 11.37 -8.83 -4.57
N SER A 2 -3.42 4.33 16.51
CA SER A 2 -2.00 4.42 16.11
C SER A 2 -1.78 3.73 14.76
N ALA A 3 -2.70 2.82 14.42
CA ALA A 3 -2.58 2.01 13.22
C ALA A 3 -2.61 2.88 11.96
N LYS A 4 -3.09 4.11 12.09
CA LYS A 4 -3.14 5.03 10.95
C LYS A 4 -1.72 5.30 10.45
N ASN A 5 -0.80 5.45 11.40
CA ASN A 5 0.59 5.72 11.11
C ASN A 5 1.25 4.53 10.43
N ALA A 6 1.02 3.35 10.99
CA ALA A 6 1.55 2.10 10.43
C ALA A 6 0.97 1.85 9.05
N LEU A 7 -0.33 2.09 8.92
CA LEU A 7 -1.04 1.79 7.70
C LEU A 7 -0.59 2.69 6.56
N GLU A 8 -0.50 3.98 6.84
CA GLU A 8 -0.15 4.95 5.83
C GLU A 8 1.30 4.73 5.39
N SER A 9 2.16 4.46 6.36
CA SER A 9 3.55 4.16 6.06
C SER A 9 3.67 2.82 5.32
N TYR A 10 2.76 1.90 5.60
CA TYR A 10 2.72 0.62 4.92
C TYR A 10 2.35 0.82 3.47
N ALA A 11 1.27 1.56 3.23
CA ALA A 11 0.82 1.85 1.89
C ALA A 11 1.85 2.70 1.14
N PHE A 12 2.43 3.66 1.86
CA PHE A 12 3.51 4.47 1.32
C PHE A 12 4.70 3.59 0.92
N ASN A 13 4.98 2.58 1.73
CA ASN A 13 6.10 1.70 1.49
C ASN A 13 5.93 0.89 0.21
N MET A 14 4.76 0.27 0.04
CA MET A 14 4.49 -0.52 -1.16
C MET A 14 4.52 0.37 -2.38
N LYS A 15 3.89 1.54 -2.25
CA LYS A 15 3.89 2.55 -3.29
C LYS A 15 5.31 3.00 -3.63
N SER A 16 6.09 3.29 -2.61
CA SER A 16 7.46 3.74 -2.79
C SER A 16 8.32 2.62 -3.40
N ALA A 17 8.05 1.39 -2.99
CA ALA A 17 8.82 0.23 -3.43
C ALA A 17 8.69 0.03 -4.95
N VAL A 18 7.47 0.09 -5.44
CA VAL A 18 7.22 -0.13 -6.86
C VAL A 18 7.62 1.07 -7.69
N GLU A 19 7.43 2.25 -7.12
CA GLU A 19 7.76 3.49 -7.79
C GLU A 19 9.24 3.86 -7.57
N ASP A 20 9.96 2.96 -6.90
CA ASP A 20 11.40 3.15 -6.68
C ASP A 20 12.18 3.00 -7.98
N GLU A 21 13.21 3.81 -8.14
CA GLU A 21 13.96 3.85 -9.39
C GLU A 21 14.77 2.59 -9.64
N GLY A 22 14.99 1.80 -8.61
CA GLY A 22 15.72 0.57 -8.78
C GLY A 22 14.78 -0.60 -8.92
N LEU A 23 13.72 -0.58 -8.14
CA LEU A 23 12.72 -1.63 -8.16
C LEU A 23 11.78 -1.49 -9.34
N LYS A 24 11.81 -0.34 -10.02
CA LYS A 24 10.96 -0.12 -11.18
C LYS A 24 11.34 -1.05 -12.33
N GLY A 25 12.55 -1.57 -12.28
CA GLY A 25 12.99 -2.53 -13.27
C GLY A 25 12.91 -3.95 -12.76
N LYS A 26 12.41 -4.09 -11.54
CA LYS A 26 12.30 -5.39 -10.90
C LYS A 26 10.86 -5.89 -10.90
N ILE A 27 9.92 -4.95 -10.83
CA ILE A 27 8.51 -5.28 -10.82
C ILE A 27 7.86 -4.91 -12.15
N SER A 28 6.79 -5.62 -12.49
CA SER A 28 6.08 -5.37 -13.72
C SER A 28 5.23 -4.10 -13.60
N GLU A 29 4.97 -3.47 -14.74
CA GLU A 29 4.20 -2.23 -14.76
C GLU A 29 2.86 -2.42 -14.07
N ALA A 30 2.18 -3.52 -14.41
CA ALA A 30 0.85 -3.82 -13.90
C ALA A 30 0.83 -3.95 -12.37
N ASP A 31 1.83 -4.63 -11.83
CA ASP A 31 1.90 -4.84 -10.37
C ASP A 31 2.16 -3.51 -9.68
N LYS A 32 3.14 -2.79 -10.21
CA LYS A 32 3.45 -1.45 -9.74
C LYS A 32 2.21 -0.56 -9.81
N LYS A 33 1.52 -0.63 -10.94
CA LYS A 33 0.32 0.14 -11.19
C LYS A 33 -0.77 -0.15 -10.16
N LYS A 34 -1.05 -1.44 -9.97
CA LYS A 34 -2.17 -1.86 -9.14
C LYS A 34 -1.95 -1.46 -7.68
N VAL A 35 -0.73 -1.67 -7.19
CA VAL A 35 -0.41 -1.40 -5.81
C VAL A 35 -0.39 0.11 -5.54
N LEU A 36 0.16 0.89 -6.46
CA LEU A 36 0.19 2.35 -6.31
C LEU A 36 -1.22 2.91 -6.21
N ASP A 37 -2.08 2.48 -7.12
CA ASP A 37 -3.46 2.94 -7.18
C ASP A 37 -4.20 2.57 -5.90
N LYS A 38 -4.03 1.32 -5.50
CA LYS A 38 -4.61 0.79 -4.27
C LYS A 38 -4.06 1.53 -3.04
N CYS A 39 -2.77 1.79 -3.03
CA CYS A 39 -2.14 2.50 -1.93
C CYS A 39 -2.73 3.91 -1.83
N GLN A 40 -2.99 4.50 -2.98
CA GLN A 40 -3.64 5.81 -3.05
C GLN A 40 -5.05 5.76 -2.48
N GLU A 41 -5.77 4.69 -2.78
CA GLU A 41 -7.12 4.50 -2.27
C GLU A 41 -7.12 4.52 -0.75
N VAL A 42 -6.32 3.65 -0.17
CA VAL A 42 -6.23 3.56 1.28
C VAL A 42 -5.61 4.81 1.90
N ILE A 43 -4.59 5.37 1.26
CA ILE A 43 -3.93 6.58 1.78
C ILE A 43 -4.90 7.77 1.85
N SER A 44 -5.72 7.94 0.82
CA SER A 44 -6.72 9.00 0.83
C SER A 44 -7.81 8.70 1.86
N TRP A 45 -8.05 7.41 2.08
CA TRP A 45 -9.00 6.95 3.08
C TRP A 45 -8.44 7.21 4.47
N LEU A 46 -7.14 7.00 4.62
CA LEU A 46 -6.44 7.24 5.88
C LEU A 46 -6.62 8.67 6.34
N ASP A 47 -6.42 9.58 5.40
CA ASP A 47 -6.55 11.01 5.67
C ASP A 47 -8.01 11.37 5.95
N ALA A 48 -8.90 10.54 5.46
CA ALA A 48 -10.32 10.78 5.58
C ALA A 48 -10.88 10.14 6.84
N ASN A 49 -10.28 9.03 7.25
CA ASN A 49 -10.72 8.28 8.43
C ASN A 49 -9.60 8.15 9.44
N THR A 50 -9.06 9.28 9.87
CA THR A 50 -8.06 9.28 10.93
C THR A 50 -8.70 8.88 12.25
N LEU A 51 -10.02 8.99 12.28
CA LEU A 51 -10.80 8.73 13.47
C LEU A 51 -11.27 7.28 13.49
N ALA A 52 -10.81 6.50 12.52
CA ALA A 52 -11.14 5.08 12.44
C ALA A 52 -10.51 4.34 13.60
N GLU A 53 -11.13 3.25 14.00
CA GLU A 53 -10.58 2.41 15.04
C GLU A 53 -9.47 1.54 14.46
N LYS A 54 -8.66 0.94 15.33
CA LYS A 54 -7.49 0.20 14.87
C LYS A 54 -7.85 -0.88 13.86
N ASP A 55 -8.93 -1.60 14.13
CA ASP A 55 -9.35 -2.71 13.28
C ASP A 55 -9.66 -2.27 11.84
N GLU A 56 -10.08 -1.01 11.63
CA GLU A 56 -10.27 -0.52 10.27
C GLU A 56 -8.95 -0.52 9.53
N PHE A 57 -7.90 -0.09 10.21
CA PHE A 57 -6.57 -0.06 9.65
C PHE A 57 -6.03 -1.46 9.52
N GLU A 58 -6.31 -2.29 10.52
CA GLU A 58 -5.85 -3.67 10.52
C GLU A 58 -6.39 -4.44 9.31
N HIS A 59 -7.68 -4.28 9.05
CA HIS A 59 -8.29 -4.93 7.91
C HIS A 59 -7.81 -4.29 6.62
N LYS A 60 -7.63 -2.97 6.63
CA LYS A 60 -7.15 -2.26 5.47
C LYS A 60 -5.74 -2.71 5.14
N ARG A 61 -4.98 -2.99 6.19
CA ARG A 61 -3.62 -3.52 6.07
C ARG A 61 -3.65 -4.80 5.29
N LYS A 62 -4.53 -5.72 5.70
CA LYS A 62 -4.68 -7.01 5.02
C LYS A 62 -5.05 -6.80 3.55
N GLU A 63 -5.93 -5.84 3.31
CA GLU A 63 -6.37 -5.50 1.96
C GLU A 63 -5.19 -5.02 1.11
N LEU A 64 -4.48 -4.03 1.64
CA LEU A 64 -3.31 -3.45 0.98
C LEU A 64 -2.27 -4.54 0.76
N GLU A 65 -2.09 -5.41 1.74
CA GLU A 65 -1.18 -6.54 1.61
C GLU A 65 -1.57 -7.43 0.44
N GLN A 66 -2.87 -7.60 0.21
CA GLN A 66 -3.35 -8.41 -0.90
C GLN A 66 -3.00 -7.78 -2.25
N VAL A 67 -2.95 -6.45 -2.31
CA VAL A 67 -2.62 -5.79 -3.57
C VAL A 67 -1.11 -5.90 -3.86
N CYS A 68 -0.30 -5.74 -2.82
CA CYS A 68 1.15 -5.75 -2.96
C CYS A 68 1.68 -7.19 -2.97
N ASN A 69 0.94 -8.11 -2.36
CA ASN A 69 1.35 -9.53 -2.26
C ASN A 69 1.81 -10.10 -3.60
N PRO A 70 0.99 -10.04 -4.68
CA PRO A 70 1.38 -10.60 -5.99
C PRO A 70 2.66 -9.96 -6.54
N ILE A 71 2.91 -8.75 -6.09
CA ILE A 71 4.04 -7.96 -6.56
C ILE A 71 5.27 -8.21 -5.68
N ILE A 72 5.04 -8.29 -4.38
CA ILE A 72 6.10 -8.44 -3.38
C ILE A 72 6.79 -9.80 -3.48
N SER A 73 6.10 -10.78 -4.06
CA SER A 73 6.65 -12.11 -4.22
C SER A 73 7.96 -12.09 -5.00
N GLY A 74 8.12 -11.11 -5.89
CA GLY A 74 9.32 -11.04 -6.71
C GLY A 74 10.17 -9.84 -6.38
N LEU A 75 9.85 -9.16 -5.30
CA LEU A 75 10.58 -7.95 -4.90
C LEU A 75 11.58 -8.27 -3.80
N SER A 2 -1.67 3.27 16.96
CA SER A 2 -0.96 3.96 15.85
C SER A 2 -1.18 3.21 14.53
N ALA A 3 -2.37 2.67 14.33
CA ALA A 3 -2.66 1.86 13.15
C ALA A 3 -2.70 2.72 11.90
N LYS A 4 -3.06 3.98 12.04
CA LYS A 4 -3.13 4.87 10.89
C LYS A 4 -1.73 5.11 10.34
N ASN A 5 -0.81 5.42 11.25
CA ASN A 5 0.57 5.68 10.88
C ASN A 5 1.21 4.45 10.25
N ALA A 6 0.95 3.28 10.85
CA ALA A 6 1.44 2.03 10.31
C ALA A 6 0.85 1.77 8.94
N LEU A 7 -0.44 2.00 8.80
CA LEU A 7 -1.14 1.76 7.55
C LEU A 7 -0.62 2.66 6.44
N GLU A 8 -0.49 3.94 6.75
CA GLU A 8 -0.06 4.92 5.76
C GLU A 8 1.35 4.61 5.30
N SER A 9 2.24 4.39 6.26
CA SER A 9 3.61 4.07 5.96
C SER A 9 3.72 2.73 5.24
N TYR A 10 2.83 1.81 5.55
CA TYR A 10 2.79 0.51 4.88
C TYR A 10 2.41 0.70 3.42
N ALA A 11 1.36 1.45 3.17
CA ALA A 11 0.93 1.73 1.81
C ALA A 11 2.02 2.52 1.09
N PHE A 12 2.55 3.52 1.79
CA PHE A 12 3.67 4.32 1.28
C PHE A 12 4.84 3.42 0.91
N ASN A 13 5.11 2.43 1.76
CA ASN A 13 6.21 1.50 1.56
C ASN A 13 6.06 0.75 0.24
N MET A 14 4.89 0.17 0.01
CA MET A 14 4.66 -0.61 -1.20
C MET A 14 4.69 0.30 -2.42
N LYS A 15 4.05 1.44 -2.28
CA LYS A 15 4.01 2.46 -3.32
C LYS A 15 5.41 2.94 -3.68
N SER A 16 6.19 3.28 -2.67
CA SER A 16 7.56 3.74 -2.87
C SER A 16 8.43 2.62 -3.43
N ALA A 17 8.18 1.39 -3.01
CA ALA A 17 8.98 0.25 -3.45
C ALA A 17 8.82 0.00 -4.95
N VAL A 18 7.58 0.02 -5.45
CA VAL A 18 7.32 -0.25 -6.86
C VAL A 18 7.75 0.92 -7.72
N GLU A 19 7.55 2.12 -7.19
CA GLU A 19 7.87 3.36 -7.87
C GLU A 19 9.33 3.76 -7.64
N ASP A 20 10.07 2.88 -6.96
CA ASP A 20 11.49 3.10 -6.70
C ASP A 20 12.31 3.01 -7.99
N GLU A 21 13.26 3.92 -8.12
CA GLU A 21 14.10 4.00 -9.32
C GLU A 21 15.07 2.82 -9.45
N GLY A 22 15.21 2.05 -8.39
CA GLY A 22 16.07 0.89 -8.44
C GLY A 22 15.28 -0.38 -8.61
N LEU A 23 14.08 -0.38 -8.05
CA LEU A 23 13.19 -1.52 -8.16
C LEU A 23 12.33 -1.44 -9.41
N LYS A 24 12.40 -0.32 -10.12
CA LYS A 24 11.73 -0.22 -11.40
C LYS A 24 12.41 -1.20 -12.37
N GLY A 25 11.62 -2.08 -12.95
CA GLY A 25 12.17 -3.14 -13.77
C GLY A 25 12.09 -4.47 -13.04
N LYS A 26 12.23 -4.40 -11.72
CA LYS A 26 12.06 -5.58 -10.87
C LYS A 26 10.60 -5.99 -10.86
N ILE A 27 9.72 -5.00 -10.87
CA ILE A 27 8.30 -5.24 -10.91
C ILE A 27 7.76 -4.82 -12.27
N SER A 28 6.69 -5.49 -12.70
CA SER A 28 6.09 -5.19 -13.97
C SER A 28 5.14 -3.99 -13.85
N GLU A 29 4.77 -3.39 -14.97
CA GLU A 29 4.00 -2.16 -14.95
C GLU A 29 2.66 -2.34 -14.23
N ALA A 30 1.96 -3.43 -14.55
CA ALA A 30 0.64 -3.69 -14.02
C ALA A 30 0.65 -3.82 -12.50
N ASP A 31 1.68 -4.48 -11.98
CA ASP A 31 1.80 -4.69 -10.54
C ASP A 31 2.10 -3.38 -9.83
N LYS A 32 3.05 -2.62 -10.39
CA LYS A 32 3.35 -1.29 -9.87
C LYS A 32 2.08 -0.43 -9.86
N LYS A 33 1.37 -0.46 -10.98
CA LYS A 33 0.17 0.36 -11.15
C LYS A 33 -0.92 -0.03 -10.15
N LYS A 34 -1.14 -1.33 -9.98
CA LYS A 34 -2.22 -1.79 -9.11
C LYS A 34 -1.94 -1.41 -7.66
N VAL A 35 -0.71 -1.62 -7.21
CA VAL A 35 -0.35 -1.35 -5.84
C VAL A 35 -0.31 0.15 -5.55
N LEU A 36 0.23 0.95 -6.48
CA LEU A 36 0.23 2.41 -6.32
C LEU A 36 -1.19 2.93 -6.20
N ASP A 37 -2.04 2.46 -7.10
CA ASP A 37 -3.43 2.88 -7.15
C ASP A 37 -4.18 2.48 -5.88
N LYS A 38 -3.95 1.24 -5.46
CA LYS A 38 -4.52 0.71 -4.23
C LYS A 38 -3.97 1.44 -3.02
N CYS A 39 -2.68 1.75 -3.05
CA CYS A 39 -2.03 2.49 -1.98
C CYS A 39 -2.68 3.85 -1.83
N GLN A 40 -2.96 4.46 -2.96
CA GLN A 40 -3.66 5.73 -3.00
C GLN A 40 -5.05 5.63 -2.39
N GLU A 41 -5.73 4.53 -2.67
CA GLU A 41 -7.05 4.28 -2.10
C GLU A 41 -6.99 4.30 -0.58
N VAL A 42 -6.14 3.46 -0.02
CA VAL A 42 -5.99 3.38 1.42
C VAL A 42 -5.48 4.69 2.01
N ILE A 43 -4.50 5.29 1.36
CA ILE A 43 -3.91 6.54 1.86
C ILE A 43 -4.95 7.67 1.92
N SER A 44 -5.81 7.74 0.90
CA SER A 44 -6.88 8.73 0.91
C SER A 44 -7.94 8.37 1.94
N TRP A 45 -8.12 7.09 2.19
CA TRP A 45 -9.06 6.60 3.18
C TRP A 45 -8.55 6.91 4.59
N LEU A 46 -7.23 6.78 4.75
CA LEU A 46 -6.58 7.10 6.01
C LEU A 46 -6.79 8.54 6.39
N ASP A 47 -6.59 9.42 5.40
CA ASP A 47 -6.76 10.85 5.59
C ASP A 47 -8.21 11.18 5.86
N ALA A 48 -9.10 10.40 5.26
CA ALA A 48 -10.53 10.64 5.35
C ALA A 48 -11.12 10.05 6.64
N ASN A 49 -10.54 8.95 7.11
CA ASN A 49 -11.04 8.26 8.28
C ASN A 49 -9.99 8.23 9.38
N THR A 50 -9.63 9.40 9.88
CA THR A 50 -8.74 9.51 11.02
C THR A 50 -9.52 9.20 12.30
N LEU A 51 -10.84 9.15 12.13
CA LEU A 51 -11.76 8.88 13.21
C LEU A 51 -12.08 7.39 13.27
N ALA A 52 -11.40 6.61 12.43
CA ALA A 52 -11.60 5.17 12.40
C ALA A 52 -10.98 4.53 13.63
N GLU A 53 -11.42 3.32 13.93
CA GLU A 53 -10.85 2.56 15.03
C GLU A 53 -9.70 1.71 14.54
N LYS A 54 -8.97 1.11 15.46
CA LYS A 54 -7.75 0.38 15.13
C LYS A 54 -7.99 -0.69 14.06
N ASP A 55 -9.08 -1.42 14.23
CA ASP A 55 -9.41 -2.54 13.36
C ASP A 55 -9.70 -2.09 11.93
N GLU A 56 -10.24 -0.89 11.74
CA GLU A 56 -10.50 -0.40 10.38
C GLU A 56 -9.20 -0.32 9.60
N PHE A 57 -8.16 0.14 10.27
CA PHE A 57 -6.85 0.19 9.67
C PHE A 57 -6.34 -1.22 9.48
N GLU A 58 -6.50 -2.06 10.50
CA GLU A 58 -6.03 -3.44 10.44
C GLU A 58 -6.68 -4.21 9.30
N HIS A 59 -7.95 -3.93 9.04
CA HIS A 59 -8.64 -4.52 7.88
C HIS A 59 -8.00 -4.04 6.60
N LYS A 60 -7.70 -2.75 6.55
CA LYS A 60 -7.09 -2.13 5.39
C LYS A 60 -5.68 -2.67 5.18
N ARG A 61 -4.99 -2.93 6.29
CA ARG A 61 -3.65 -3.48 6.26
C ARG A 61 -3.66 -4.84 5.56
N LYS A 62 -4.72 -5.61 5.81
CA LYS A 62 -4.91 -6.87 5.10
C LYS A 62 -5.05 -6.63 3.61
N GLU A 63 -5.92 -5.67 3.28
CA GLU A 63 -6.25 -5.34 1.89
C GLU A 63 -5.03 -4.90 1.09
N LEU A 64 -4.35 -3.88 1.60
CA LEU A 64 -3.19 -3.31 0.94
C LEU A 64 -2.12 -4.37 0.77
N GLU A 65 -1.99 -5.23 1.77
CA GLU A 65 -1.06 -6.34 1.72
C GLU A 65 -1.39 -7.26 0.54
N GLN A 66 -2.68 -7.52 0.31
CA GLN A 66 -3.10 -8.41 -0.77
C GLN A 66 -2.76 -7.84 -2.14
N VAL A 67 -2.78 -6.51 -2.27
CA VAL A 67 -2.48 -5.89 -3.56
C VAL A 67 -0.98 -5.95 -3.85
N CYS A 68 -0.16 -5.72 -2.83
CA CYS A 68 1.29 -5.70 -2.99
C CYS A 68 1.89 -7.11 -2.95
N ASN A 69 1.22 -8.02 -2.25
CA ASN A 69 1.72 -9.38 -2.06
C ASN A 69 2.17 -10.05 -3.38
N PRO A 70 1.33 -10.08 -4.44
CA PRO A 70 1.70 -10.68 -5.73
C PRO A 70 2.91 -9.99 -6.35
N ILE A 71 3.05 -8.71 -6.08
CA ILE A 71 4.11 -7.90 -6.63
C ILE A 71 5.40 -8.10 -5.82
N ILE A 72 5.25 -8.18 -4.49
CA ILE A 72 6.35 -8.37 -3.57
C ILE A 72 7.00 -9.74 -3.81
N SER A 73 6.19 -10.69 -4.26
CA SER A 73 6.68 -12.02 -4.56
C SER A 73 7.59 -12.03 -5.79
N GLY A 74 7.61 -10.92 -6.52
CA GLY A 74 8.47 -10.79 -7.69
C GLY A 74 9.54 -9.74 -7.47
N LEU A 75 9.47 -9.07 -6.34
CA LEU A 75 10.41 -8.02 -5.98
C LEU A 75 11.58 -8.59 -5.20
N SER A 2 -1.58 2.73 16.65
CA SER A 2 -0.69 3.28 15.61
C SER A 2 -1.00 2.69 14.24
N ALA A 3 -2.22 2.21 14.07
CA ALA A 3 -2.62 1.56 12.83
C ALA A 3 -2.69 2.56 11.69
N LYS A 4 -2.93 3.83 12.01
CA LYS A 4 -2.98 4.87 10.99
C LYS A 4 -1.58 5.06 10.43
N ASN A 5 -0.63 5.20 11.34
CA ASN A 5 0.77 5.35 11.01
C ASN A 5 1.29 4.10 10.29
N ALA A 6 0.88 2.92 10.79
CA ALA A 6 1.27 1.66 10.18
C ALA A 6 0.74 1.55 8.76
N LEU A 7 -0.54 1.82 8.59
CA LEU A 7 -1.20 1.69 7.30
C LEU A 7 -0.62 2.63 6.27
N GLU A 8 -0.48 3.89 6.64
CA GLU A 8 -0.05 4.90 5.71
C GLU A 8 1.40 4.66 5.32
N SER A 9 2.22 4.32 6.31
CA SER A 9 3.61 4.02 6.06
C SER A 9 3.73 2.75 5.22
N TYR A 10 2.88 1.76 5.51
CA TYR A 10 2.86 0.50 4.77
C TYR A 10 2.49 0.77 3.31
N ALA A 11 1.43 1.53 3.11
CA ALA A 11 0.99 1.86 1.76
C ALA A 11 2.02 2.72 1.05
N PHE A 12 2.57 3.69 1.77
CA PHE A 12 3.65 4.52 1.24
C PHE A 12 4.82 3.65 0.82
N ASN A 13 5.16 2.68 1.67
CA ASN A 13 6.27 1.77 1.43
C ASN A 13 6.09 1.00 0.13
N MET A 14 4.92 0.39 -0.05
CA MET A 14 4.66 -0.40 -1.24
C MET A 14 4.65 0.49 -2.48
N LYS A 15 4.04 1.65 -2.34
CA LYS A 15 3.98 2.65 -3.39
C LYS A 15 5.38 3.12 -3.78
N SER A 16 6.20 3.42 -2.78
CA SER A 16 7.57 3.80 -3.02
C SER A 16 8.39 2.65 -3.61
N ALA A 17 8.10 1.41 -3.19
CA ALA A 17 8.87 0.25 -3.63
C ALA A 17 8.73 0.03 -5.14
N VAL A 18 7.51 0.12 -5.65
CA VAL A 18 7.27 -0.11 -7.06
C VAL A 18 7.69 1.08 -7.90
N GLU A 19 7.47 2.26 -7.35
CA GLU A 19 7.79 3.51 -8.02
C GLU A 19 9.25 3.93 -7.77
N ASP A 20 9.99 3.08 -7.07
CA ASP A 20 11.40 3.35 -6.78
C ASP A 20 12.22 3.27 -8.06
N GLU A 21 13.12 4.24 -8.20
CA GLU A 21 13.94 4.36 -9.39
C GLU A 21 14.99 3.24 -9.51
N GLY A 22 15.12 2.46 -8.46
CA GLY A 22 16.02 1.33 -8.51
C GLY A 22 15.28 0.03 -8.70
N LEU A 23 14.04 -0.01 -8.23
CA LEU A 23 13.20 -1.19 -8.35
C LEU A 23 12.37 -1.15 -9.61
N LYS A 24 12.33 -0.01 -10.28
CA LYS A 24 11.68 0.07 -11.57
C LYS A 24 12.43 -0.80 -12.56
N GLY A 25 11.69 -1.67 -13.23
CA GLY A 25 12.32 -2.67 -14.08
C GLY A 25 12.32 -4.03 -13.42
N LYS A 26 12.33 -4.03 -12.09
CA LYS A 26 12.26 -5.29 -11.33
C LYS A 26 10.83 -5.79 -11.30
N ILE A 27 9.89 -4.84 -11.18
CA ILE A 27 8.49 -5.17 -11.13
C ILE A 27 7.81 -4.80 -12.44
N SER A 28 6.76 -5.53 -12.78
CA SER A 28 5.98 -5.23 -13.95
C SER A 28 5.03 -4.08 -13.63
N GLU A 29 4.79 -3.25 -14.64
CA GLU A 29 4.04 -2.01 -14.46
C GLU A 29 2.64 -2.28 -13.96
N ALA A 30 2.07 -3.41 -14.35
CA ALA A 30 0.75 -3.79 -13.88
C ALA A 30 0.72 -3.96 -12.37
N ASP A 31 1.75 -4.61 -11.83
CA ASP A 31 1.86 -4.80 -10.39
C ASP A 31 2.11 -3.48 -9.71
N LYS A 32 3.02 -2.71 -10.29
CA LYS A 32 3.32 -1.37 -9.82
C LYS A 32 2.05 -0.51 -9.79
N LYS A 33 1.29 -0.55 -10.88
CA LYS A 33 0.08 0.24 -11.00
C LYS A 33 -0.96 -0.16 -9.97
N LYS A 34 -1.21 -1.46 -9.87
CA LYS A 34 -2.26 -1.95 -9.02
C LYS A 34 -1.99 -1.57 -7.56
N VAL A 35 -0.75 -1.73 -7.13
CA VAL A 35 -0.38 -1.41 -5.77
C VAL A 35 -0.39 0.10 -5.52
N LEU A 36 0.18 0.89 -6.45
CA LEU A 36 0.17 2.35 -6.30
C LEU A 36 -1.26 2.86 -6.16
N ASP A 37 -2.12 2.37 -7.04
CA ASP A 37 -3.54 2.73 -7.06
C ASP A 37 -4.18 2.37 -5.72
N LYS A 38 -3.91 1.15 -5.28
CA LYS A 38 -4.45 0.63 -4.04
C LYS A 38 -3.88 1.40 -2.84
N CYS A 39 -2.59 1.70 -2.89
CA CYS A 39 -1.95 2.49 -1.86
C CYS A 39 -2.60 3.86 -1.74
N GLN A 40 -2.98 4.42 -2.88
CA GLN A 40 -3.68 5.69 -2.91
C GLN A 40 -5.07 5.55 -2.28
N GLU A 41 -5.71 4.41 -2.52
CA GLU A 41 -7.03 4.13 -1.94
C GLU A 41 -6.97 4.19 -0.42
N VAL A 42 -6.04 3.43 0.16
CA VAL A 42 -5.88 3.39 1.61
C VAL A 42 -5.40 4.75 2.14
N ILE A 43 -4.44 5.35 1.46
CA ILE A 43 -3.87 6.61 1.90
C ILE A 43 -4.94 7.73 1.94
N SER A 44 -5.81 7.76 0.94
CA SER A 44 -6.89 8.74 0.92
C SER A 44 -7.95 8.39 1.98
N TRP A 45 -8.14 7.10 2.20
CA TRP A 45 -9.06 6.60 3.23
C TRP A 45 -8.52 6.99 4.60
N LEU A 46 -7.20 6.97 4.71
CA LEU A 46 -6.50 7.33 5.94
C LEU A 46 -6.77 8.77 6.32
N ASP A 47 -6.64 9.65 5.35
CA ASP A 47 -6.92 11.07 5.58
C ASP A 47 -8.37 11.26 5.96
N ALA A 48 -9.21 10.45 5.37
CA ALA A 48 -10.64 10.51 5.58
C ALA A 48 -11.04 9.91 6.93
N ASN A 49 -10.29 8.92 7.38
CA ASN A 49 -10.59 8.22 8.62
C ASN A 49 -9.37 8.22 9.54
N THR A 50 -9.04 9.38 10.07
CA THR A 50 -7.94 9.51 11.00
C THR A 50 -8.35 9.02 12.38
N LEU A 51 -9.64 9.16 12.67
CA LEU A 51 -10.17 8.84 13.98
C LEU A 51 -10.76 7.44 13.99
N ALA A 52 -10.57 6.72 12.89
CA ALA A 52 -10.99 5.33 12.79
C ALA A 52 -10.38 4.50 13.90
N GLU A 53 -11.01 3.38 14.23
CA GLU A 53 -10.45 2.47 15.20
C GLU A 53 -9.37 1.62 14.57
N LYS A 54 -8.53 1.01 15.38
CA LYS A 54 -7.40 0.25 14.88
C LYS A 54 -7.83 -0.84 13.91
N ASP A 55 -8.92 -1.54 14.22
CA ASP A 55 -9.42 -2.60 13.36
C ASP A 55 -9.75 -2.10 11.96
N GLU A 56 -10.23 -0.86 11.86
CA GLU A 56 -10.57 -0.28 10.57
C GLU A 56 -9.33 -0.23 9.69
N PHE A 57 -8.24 0.25 10.29
CA PHE A 57 -6.96 0.26 9.60
C PHE A 57 -6.48 -1.16 9.37
N GLU A 58 -6.70 -2.02 10.33
CA GLU A 58 -6.26 -3.40 10.26
C GLU A 58 -6.88 -4.11 9.05
N HIS A 59 -8.15 -3.85 8.79
CA HIS A 59 -8.80 -4.39 7.60
C HIS A 59 -8.15 -3.80 6.35
N LYS A 60 -7.90 -2.50 6.39
CA LYS A 60 -7.27 -1.78 5.29
C LYS A 60 -5.89 -2.36 5.02
N ARG A 61 -5.20 -2.72 6.11
CA ARG A 61 -3.87 -3.27 6.06
C ARG A 61 -3.89 -4.57 5.26
N LYS A 62 -4.81 -5.46 5.62
CA LYS A 62 -4.93 -6.76 4.96
C LYS A 62 -5.13 -6.58 3.46
N GLU A 63 -6.01 -5.65 3.11
CA GLU A 63 -6.30 -5.34 1.72
C GLU A 63 -5.03 -4.88 0.99
N LEU A 64 -4.35 -3.91 1.58
CA LEU A 64 -3.13 -3.37 1.00
C LEU A 64 -2.09 -4.48 0.83
N GLU A 65 -1.95 -5.31 1.86
CA GLU A 65 -0.99 -6.41 1.82
C GLU A 65 -1.27 -7.32 0.63
N GLN A 66 -2.53 -7.69 0.42
CA GLN A 66 -2.90 -8.59 -0.65
C GLN A 66 -2.71 -7.96 -2.04
N VAL A 67 -2.72 -6.63 -2.13
CA VAL A 67 -2.45 -5.98 -3.42
C VAL A 67 -0.95 -6.01 -3.74
N CYS A 68 -0.12 -5.76 -2.73
CA CYS A 68 1.32 -5.69 -2.90
C CYS A 68 1.96 -7.08 -2.88
N ASN A 69 1.33 -8.01 -2.18
CA ASN A 69 1.87 -9.37 -2.03
C ASN A 69 2.28 -10.00 -3.37
N PRO A 70 1.39 -10.02 -4.40
CA PRO A 70 1.71 -10.60 -5.70
C PRO A 70 2.90 -9.91 -6.37
N ILE A 71 3.09 -8.65 -6.01
CA ILE A 71 4.16 -7.84 -6.58
C ILE A 71 5.45 -8.06 -5.79
N ILE A 72 5.31 -8.15 -4.46
CA ILE A 72 6.43 -8.38 -3.56
C ILE A 72 7.05 -9.75 -3.82
N SER A 73 6.23 -10.67 -4.30
CA SER A 73 6.68 -12.01 -4.67
C SER A 73 7.72 -11.94 -5.80
N GLY A 74 7.72 -10.82 -6.52
CA GLY A 74 8.67 -10.64 -7.60
C GLY A 74 9.61 -9.47 -7.34
N LEU A 75 9.83 -9.17 -6.07
CA LEU A 75 10.72 -8.09 -5.69
C LEU A 75 11.92 -8.63 -4.93
N SER A 2 -0.85 2.61 17.13
CA SER A 2 -0.49 3.51 16.02
C SER A 2 -0.85 2.86 14.68
N ALA A 3 -2.09 2.37 14.59
CA ALA A 3 -2.54 1.70 13.38
C ALA A 3 -2.50 2.63 12.17
N LYS A 4 -2.81 3.90 12.39
CA LYS A 4 -2.83 4.87 11.30
C LYS A 4 -1.43 5.00 10.69
N ASN A 5 -0.43 5.16 11.54
CA ASN A 5 0.95 5.34 11.08
C ASN A 5 1.44 4.09 10.37
N ALA A 6 1.22 2.94 10.99
CA ALA A 6 1.64 1.67 10.41
C ALA A 6 0.93 1.42 9.10
N LEU A 7 -0.32 1.85 9.03
CA LEU A 7 -1.14 1.64 7.86
C LEU A 7 -0.69 2.54 6.70
N GLU A 8 -0.49 3.83 6.98
CA GLU A 8 -0.09 4.76 5.95
C GLU A 8 1.31 4.44 5.48
N SER A 9 2.20 4.24 6.43
CA SER A 9 3.58 3.88 6.12
C SER A 9 3.61 2.60 5.29
N TYR A 10 2.70 1.68 5.57
CA TYR A 10 2.63 0.43 4.83
C TYR A 10 2.29 0.71 3.37
N ALA A 11 1.24 1.50 3.14
CA ALA A 11 0.81 1.83 1.79
C ALA A 11 1.88 2.68 1.11
N PHE A 12 2.42 3.65 1.85
CA PHE A 12 3.51 4.47 1.36
C PHE A 12 4.69 3.60 0.95
N ASN A 13 4.97 2.60 1.77
CA ASN A 13 6.10 1.69 1.55
C ASN A 13 5.94 0.89 0.26
N MET A 14 4.77 0.27 0.07
CA MET A 14 4.54 -0.52 -1.13
C MET A 14 4.56 0.37 -2.36
N LYS A 15 3.94 1.54 -2.21
CA LYS A 15 3.93 2.55 -3.25
C LYS A 15 5.35 3.01 -3.59
N SER A 16 6.16 3.25 -2.56
CA SER A 16 7.54 3.65 -2.75
C SER A 16 8.37 2.54 -3.39
N ALA A 17 8.08 1.29 -3.01
CA ALA A 17 8.84 0.15 -3.50
C ALA A 17 8.68 -0.05 -5.00
N VAL A 18 7.45 0.04 -5.49
CA VAL A 18 7.18 -0.15 -6.91
C VAL A 18 7.59 1.09 -7.71
N GLU A 19 7.38 2.24 -7.11
CA GLU A 19 7.71 3.50 -7.73
C GLU A 19 9.17 3.86 -7.51
N ASP A 20 9.90 2.96 -6.88
CA ASP A 20 11.33 3.15 -6.68
C ASP A 20 12.04 3.14 -8.03
N GLU A 21 12.90 4.11 -8.22
CA GLU A 21 13.59 4.30 -9.50
C GLU A 21 14.63 3.20 -9.76
N GLY A 22 14.87 2.35 -8.77
CA GLY A 22 15.77 1.24 -8.97
C GLY A 22 15.01 -0.06 -9.18
N LEU A 23 13.92 -0.20 -8.44
CA LEU A 23 13.08 -1.38 -8.52
C LEU A 23 12.13 -1.33 -9.72
N LYS A 24 12.05 -0.17 -10.37
CA LYS A 24 11.26 -0.09 -11.60
C LYS A 24 11.87 -0.99 -12.67
N GLY A 25 11.11 -1.98 -13.08
CA GLY A 25 11.63 -2.99 -13.97
C GLY A 25 11.70 -4.34 -13.29
N LYS A 26 12.05 -4.32 -12.00
CA LYS A 26 12.06 -5.52 -11.18
C LYS A 26 10.64 -6.05 -11.01
N ILE A 27 9.70 -5.12 -10.90
CA ILE A 27 8.30 -5.45 -10.84
C ILE A 27 7.65 -5.10 -12.18
N SER A 28 6.59 -5.80 -12.55
CA SER A 28 5.85 -5.47 -13.73
C SER A 28 5.09 -4.18 -13.48
N GLU A 29 4.99 -3.35 -14.51
CA GLU A 29 4.35 -2.06 -14.38
C GLU A 29 2.89 -2.20 -13.97
N ALA A 30 2.27 -3.29 -14.37
CA ALA A 30 0.89 -3.57 -13.98
C ALA A 30 0.76 -3.76 -12.46
N ASP A 31 1.71 -4.49 -11.86
CA ASP A 31 1.70 -4.69 -10.41
C ASP A 31 2.02 -3.38 -9.72
N LYS A 32 3.01 -2.69 -10.25
CA LYS A 32 3.38 -1.38 -9.77
C LYS A 32 2.19 -0.43 -9.77
N LYS A 33 1.46 -0.40 -10.88
CA LYS A 33 0.32 0.50 -11.03
C LYS A 33 -0.83 0.12 -10.11
N LYS A 34 -1.13 -1.18 -10.06
CA LYS A 34 -2.26 -1.64 -9.27
C LYS A 34 -2.03 -1.35 -7.80
N VAL A 35 -0.81 -1.61 -7.33
CA VAL A 35 -0.49 -1.39 -5.93
C VAL A 35 -0.43 0.11 -5.63
N LEU A 36 0.13 0.90 -6.54
CA LEU A 36 0.14 2.36 -6.37
C LEU A 36 -1.28 2.89 -6.27
N ASP A 37 -2.14 2.44 -7.17
CA ASP A 37 -3.56 2.81 -7.17
C ASP A 37 -4.22 2.39 -5.87
N LYS A 38 -3.97 1.15 -5.48
CA LYS A 38 -4.51 0.62 -4.26
C LYS A 38 -3.98 1.37 -3.03
N CYS A 39 -2.70 1.70 -3.06
CA CYS A 39 -2.07 2.46 -1.99
C CYS A 39 -2.71 3.85 -1.90
N GLN A 40 -3.01 4.41 -3.06
CA GLN A 40 -3.68 5.69 -3.14
C GLN A 40 -5.10 5.61 -2.57
N GLU A 41 -5.77 4.51 -2.85
CA GLU A 41 -7.11 4.26 -2.32
C GLU A 41 -7.09 4.31 -0.80
N VAL A 42 -6.24 3.51 -0.21
CA VAL A 42 -6.13 3.44 1.25
C VAL A 42 -5.58 4.74 1.83
N ILE A 43 -4.58 5.33 1.19
CA ILE A 43 -4.01 6.57 1.66
C ILE A 43 -5.06 7.70 1.67
N SER A 44 -5.93 7.71 0.67
CA SER A 44 -7.05 8.64 0.63
C SER A 44 -8.06 8.31 1.73
N TRP A 45 -8.25 7.01 1.95
CA TRP A 45 -9.16 6.51 2.97
C TRP A 45 -8.64 6.91 4.35
N LEU A 46 -7.33 6.90 4.48
CA LEU A 46 -6.66 7.28 5.72
C LEU A 46 -6.91 8.73 6.07
N ASP A 47 -6.76 9.60 5.07
CA ASP A 47 -7.00 11.03 5.26
C ASP A 47 -8.47 11.27 5.59
N ALA A 48 -9.31 10.44 5.00
CA ALA A 48 -10.75 10.53 5.19
C ALA A 48 -11.18 9.94 6.53
N ASN A 49 -10.45 8.94 6.99
CA ASN A 49 -10.77 8.24 8.23
C ASN A 49 -9.65 8.38 9.24
N THR A 50 -9.39 9.60 9.66
CA THR A 50 -8.39 9.86 10.68
C THR A 50 -8.92 9.49 12.07
N LEU A 51 -10.23 9.28 12.15
CA LEU A 51 -10.89 8.97 13.41
C LEU A 51 -11.25 7.49 13.48
N ALA A 52 -10.78 6.73 12.48
CA ALA A 52 -11.02 5.29 12.43
C ALA A 52 -10.37 4.59 13.62
N GLU A 53 -10.93 3.44 13.99
CA GLU A 53 -10.37 2.64 15.06
C GLU A 53 -9.28 1.72 14.52
N LYS A 54 -8.56 1.07 15.42
CA LYS A 54 -7.39 0.28 15.03
C LYS A 54 -7.73 -0.78 13.97
N ASP A 55 -8.80 -1.51 14.17
CA ASP A 55 -9.17 -2.59 13.26
C ASP A 55 -9.58 -2.08 11.88
N GLU A 56 -10.02 -0.81 11.78
CA GLU A 56 -10.28 -0.21 10.47
C GLU A 56 -8.98 -0.22 9.66
N PHE A 57 -7.91 0.27 10.29
CA PHE A 57 -6.61 0.31 9.65
C PHE A 57 -6.08 -1.10 9.43
N GLU A 58 -6.22 -1.94 10.44
CA GLU A 58 -5.71 -3.30 10.39
C GLU A 58 -6.35 -4.10 9.25
N HIS A 59 -7.65 -3.92 9.07
CA HIS A 59 -8.36 -4.59 7.98
C HIS A 59 -7.92 -4.01 6.63
N LYS A 60 -7.75 -2.69 6.59
CA LYS A 60 -7.26 -2.03 5.40
C LYS A 60 -5.86 -2.51 5.06
N ARG A 61 -5.08 -2.76 6.11
CA ARG A 61 -3.73 -3.27 5.97
C ARG A 61 -3.75 -4.61 5.25
N LYS A 62 -4.75 -5.43 5.57
CA LYS A 62 -4.92 -6.71 4.91
C LYS A 62 -5.24 -6.51 3.43
N GLU A 63 -6.06 -5.52 3.12
CA GLU A 63 -6.40 -5.18 1.73
C GLU A 63 -5.15 -4.81 0.95
N LEU A 64 -4.44 -3.81 1.47
CA LEU A 64 -3.24 -3.29 0.83
C LEU A 64 -2.21 -4.41 0.71
N GLU A 65 -2.13 -5.22 1.75
CA GLU A 65 -1.22 -6.36 1.76
C GLU A 65 -1.50 -7.29 0.57
N GLN A 66 -2.76 -7.61 0.34
CA GLN A 66 -3.11 -8.53 -0.74
C GLN A 66 -2.85 -7.93 -2.12
N VAL A 67 -2.85 -6.61 -2.24
CA VAL A 67 -2.53 -6.00 -3.52
C VAL A 67 -1.02 -6.04 -3.78
N CYS A 68 -0.23 -5.78 -2.74
CA CYS A 68 1.22 -5.74 -2.86
C CYS A 68 1.83 -7.13 -2.78
N ASN A 69 1.17 -8.03 -2.07
CA ASN A 69 1.67 -9.39 -1.85
C ASN A 69 2.10 -10.09 -3.15
N PRO A 70 1.23 -10.14 -4.20
CA PRO A 70 1.60 -10.74 -5.49
C PRO A 70 2.86 -10.12 -6.08
N ILE A 71 3.00 -8.83 -5.84
CA ILE A 71 4.10 -8.06 -6.38
C ILE A 71 5.36 -8.25 -5.52
N ILE A 72 5.18 -8.29 -4.21
CA ILE A 72 6.28 -8.47 -3.27
C ILE A 72 6.91 -9.85 -3.40
N SER A 73 6.08 -10.85 -3.69
CA SER A 73 6.57 -12.19 -3.90
C SER A 73 7.44 -12.29 -5.14
N GLY A 74 7.28 -11.33 -6.06
CA GLY A 74 8.08 -11.30 -7.26
C GLY A 74 9.25 -10.34 -7.14
N LEU A 75 9.25 -9.55 -6.07
CA LEU A 75 10.29 -8.57 -5.84
C LEU A 75 11.50 -9.20 -5.19
N SER A 2 -1.98 4.83 15.99
CA SER A 2 -0.76 4.13 15.56
C SER A 2 -1.01 3.32 14.29
N ALA A 3 -2.17 2.66 14.22
CA ALA A 3 -2.53 1.86 13.04
C ALA A 3 -2.69 2.75 11.82
N LYS A 4 -3.10 4.00 12.03
CA LYS A 4 -3.22 4.95 10.94
C LYS A 4 -1.83 5.24 10.38
N ASN A 5 -0.89 5.46 11.28
CA ASN A 5 0.49 5.69 10.91
C ASN A 5 1.09 4.47 10.23
N ALA A 6 0.88 3.30 10.85
CA ALA A 6 1.36 2.04 10.29
C ALA A 6 0.81 1.80 8.90
N LEU A 7 -0.49 1.97 8.76
CA LEU A 7 -1.17 1.74 7.50
C LEU A 7 -0.66 2.65 6.41
N GLU A 8 -0.55 3.93 6.74
CA GLU A 8 -0.14 4.93 5.80
C GLU A 8 1.31 4.71 5.38
N SER A 9 2.17 4.45 6.37
CA SER A 9 3.56 4.15 6.09
C SER A 9 3.69 2.83 5.33
N TYR A 10 2.78 1.90 5.61
CA TYR A 10 2.77 0.62 4.92
C TYR A 10 2.43 0.83 3.45
N ALA A 11 1.35 1.57 3.21
CA ALA A 11 0.91 1.87 1.87
C ALA A 11 1.94 2.74 1.15
N PHE A 12 2.49 3.69 1.88
CA PHE A 12 3.58 4.52 1.37
C PHE A 12 4.76 3.66 0.94
N ASN A 13 5.08 2.67 1.77
CA ASN A 13 6.21 1.79 1.52
C ASN A 13 6.02 0.97 0.26
N MET A 14 4.85 0.33 0.11
CA MET A 14 4.59 -0.48 -1.07
C MET A 14 4.60 0.39 -2.31
N LYS A 15 3.98 1.55 -2.19
CA LYS A 15 3.97 2.56 -3.25
C LYS A 15 5.38 2.98 -3.62
N SER A 16 6.19 3.30 -2.62
CA SER A 16 7.57 3.70 -2.83
C SER A 16 8.41 2.56 -3.40
N ALA A 17 8.13 1.33 -2.96
CA ALA A 17 8.91 0.17 -3.37
C ALA A 17 8.76 -0.10 -4.86
N VAL A 18 7.54 -0.04 -5.36
CA VAL A 18 7.29 -0.32 -6.77
C VAL A 18 7.71 0.85 -7.64
N GLU A 19 7.51 2.05 -7.11
CA GLU A 19 7.83 3.27 -7.82
C GLU A 19 9.28 3.69 -7.61
N ASP A 20 10.03 2.85 -6.90
CA ASP A 20 11.44 3.11 -6.62
C ASP A 20 12.28 3.10 -7.89
N GLU A 21 13.24 4.01 -7.94
CA GLU A 21 14.14 4.14 -9.09
C GLU A 21 15.13 2.98 -9.17
N GLY A 22 15.28 2.25 -8.07
CA GLY A 22 16.16 1.09 -8.08
C GLY A 22 15.40 -0.17 -8.39
N LEU A 23 14.22 -0.28 -7.80
CA LEU A 23 13.35 -1.43 -8.00
C LEU A 23 12.57 -1.32 -9.30
N LYS A 24 12.79 -0.26 -10.05
CA LYS A 24 12.16 -0.13 -11.36
C LYS A 24 12.65 -1.24 -12.29
N GLY A 25 11.73 -1.97 -12.88
CA GLY A 25 12.09 -3.07 -13.73
C GLY A 25 12.08 -4.39 -12.98
N LYS A 26 12.17 -4.30 -11.66
CA LYS A 26 12.11 -5.49 -10.82
C LYS A 26 10.67 -5.99 -10.76
N ILE A 27 9.74 -5.03 -10.78
CA ILE A 27 8.33 -5.35 -10.75
C ILE A 27 7.70 -4.99 -12.10
N SER A 28 6.64 -5.69 -12.45
CA SER A 28 5.96 -5.45 -13.72
C SER A 28 5.09 -4.21 -13.63
N GLU A 29 4.80 -3.59 -14.77
CA GLU A 29 4.04 -2.35 -14.78
C GLU A 29 2.70 -2.51 -14.06
N ALA A 30 1.99 -3.58 -14.38
CA ALA A 30 0.67 -3.82 -13.86
C ALA A 30 0.66 -3.90 -12.33
N ASP A 31 1.65 -4.59 -11.76
CA ASP A 31 1.74 -4.75 -10.33
C ASP A 31 2.01 -3.41 -9.67
N LYS A 32 3.01 -2.70 -10.20
CA LYS A 32 3.34 -1.38 -9.72
C LYS A 32 2.11 -0.47 -9.76
N LYS A 33 1.43 -0.47 -10.89
CA LYS A 33 0.26 0.38 -11.09
C LYS A 33 -0.86 0.03 -10.11
N LYS A 34 -1.14 -1.26 -9.96
CA LYS A 34 -2.24 -1.69 -9.13
C LYS A 34 -1.98 -1.37 -7.66
N VAL A 35 -0.76 -1.64 -7.19
CA VAL A 35 -0.42 -1.41 -5.81
C VAL A 35 -0.36 0.09 -5.50
N LEU A 36 0.18 0.89 -6.43
CA LEU A 36 0.21 2.33 -6.25
C LEU A 36 -1.20 2.89 -6.14
N ASP A 37 -2.06 2.48 -7.08
CA ASP A 37 -3.46 2.91 -7.10
C ASP A 37 -4.16 2.48 -5.82
N LYS A 38 -3.91 1.25 -5.41
CA LYS A 38 -4.46 0.71 -4.18
C LYS A 38 -3.92 1.46 -2.97
N CYS A 39 -2.62 1.74 -2.98
CA CYS A 39 -1.99 2.49 -1.89
C CYS A 39 -2.58 3.89 -1.79
N GLN A 40 -2.85 4.50 -2.94
CA GLN A 40 -3.49 5.81 -2.99
C GLN A 40 -4.92 5.73 -2.43
N GLU A 41 -5.59 4.63 -2.72
CA GLU A 41 -6.95 4.40 -2.22
C GLU A 41 -6.98 4.43 -0.71
N VAL A 42 -6.15 3.59 -0.10
CA VAL A 42 -6.07 3.51 1.34
C VAL A 42 -5.51 4.79 1.95
N ILE A 43 -4.50 5.37 1.33
CA ILE A 43 -3.88 6.60 1.85
C ILE A 43 -4.90 7.75 1.91
N SER A 44 -5.74 7.87 0.89
CA SER A 44 -6.79 8.89 0.90
C SER A 44 -7.89 8.50 1.90
N TRP A 45 -8.06 7.20 2.10
CA TRP A 45 -9.01 6.67 3.07
C TRP A 45 -8.52 6.96 4.48
N LEU A 46 -7.22 6.83 4.66
CA LEU A 46 -6.55 7.14 5.92
C LEU A 46 -6.78 8.58 6.32
N ASP A 47 -6.65 9.46 5.33
CA ASP A 47 -6.84 10.89 5.54
C ASP A 47 -8.30 11.17 5.89
N ALA A 48 -9.19 10.35 5.37
CA ALA A 48 -10.61 10.53 5.54
C ALA A 48 -11.10 9.89 6.84
N ASN A 49 -10.47 8.80 7.23
CA ASN A 49 -10.88 8.04 8.40
C ASN A 49 -9.78 8.01 9.44
N THR A 50 -9.29 9.19 9.82
CA THR A 50 -8.26 9.31 10.85
C THR A 50 -8.84 8.95 12.21
N LEU A 51 -10.16 8.95 12.29
CA LEU A 51 -10.87 8.72 13.52
C LEU A 51 -11.29 7.25 13.64
N ALA A 52 -10.86 6.45 12.68
CA ALA A 52 -11.12 5.01 12.70
C ALA A 52 -10.36 4.34 13.84
N GLU A 53 -10.83 3.17 14.25
CA GLU A 53 -10.13 2.41 15.26
C GLU A 53 -9.12 1.50 14.60
N LYS A 54 -8.24 0.88 15.37
CA LYS A 54 -7.11 0.15 14.81
C LYS A 54 -7.55 -0.93 13.82
N ASP A 55 -8.57 -1.69 14.18
CA ASP A 55 -9.04 -2.79 13.34
C ASP A 55 -9.49 -2.32 11.96
N GLU A 56 -9.98 -1.08 11.87
CA GLU A 56 -10.34 -0.51 10.58
C GLU A 56 -9.10 -0.44 9.70
N PHE A 57 -8.02 0.02 10.29
CA PHE A 57 -6.74 0.10 9.60
C PHE A 57 -6.21 -1.31 9.37
N GLU A 58 -6.29 -2.14 10.38
CA GLU A 58 -5.77 -3.49 10.32
C GLU A 58 -6.44 -4.26 9.18
N HIS A 59 -7.72 -4.01 8.96
CA HIS A 59 -8.47 -4.63 7.87
C HIS A 59 -8.00 -4.05 6.54
N LYS A 60 -7.76 -2.75 6.53
CA LYS A 60 -7.27 -2.08 5.34
C LYS A 60 -5.88 -2.57 4.99
N ARG A 61 -5.09 -2.85 6.03
CA ARG A 61 -3.77 -3.42 5.85
C ARG A 61 -3.91 -4.72 5.10
N LYS A 62 -4.88 -5.53 5.51
CA LYS A 62 -5.18 -6.80 4.86
C LYS A 62 -5.42 -6.63 3.36
N GLU A 63 -6.21 -5.62 3.02
CA GLU A 63 -6.47 -5.29 1.62
C GLU A 63 -5.17 -4.91 0.91
N LEU A 64 -4.47 -3.94 1.49
CA LEU A 64 -3.25 -3.43 0.91
C LEU A 64 -2.20 -4.54 0.78
N GLU A 65 -2.14 -5.40 1.79
CA GLU A 65 -1.26 -6.57 1.77
C GLU A 65 -1.54 -7.42 0.53
N GLN A 66 -2.81 -7.68 0.26
CA GLN A 66 -3.18 -8.55 -0.85
C GLN A 66 -2.86 -7.93 -2.21
N VAL A 67 -2.86 -6.61 -2.29
CA VAL A 67 -2.51 -5.95 -3.55
C VAL A 67 -1.00 -6.00 -3.77
N CYS A 68 -0.23 -5.79 -2.70
CA CYS A 68 1.22 -5.77 -2.79
C CYS A 68 1.82 -7.17 -2.75
N ASN A 69 1.11 -8.11 -2.13
CA ASN A 69 1.60 -9.49 -1.96
C ASN A 69 2.13 -10.10 -3.27
N PRO A 70 1.33 -10.12 -4.37
CA PRO A 70 1.78 -10.69 -5.65
C PRO A 70 3.03 -10.01 -6.18
N ILE A 71 3.13 -8.73 -5.88
CA ILE A 71 4.23 -7.90 -6.35
C ILE A 71 5.45 -8.08 -5.45
N ILE A 72 5.21 -8.17 -4.15
CA ILE A 72 6.26 -8.39 -3.16
C ILE A 72 6.86 -9.79 -3.33
N SER A 73 6.03 -10.72 -3.80
CA SER A 73 6.48 -12.05 -4.12
C SER A 73 7.49 -12.01 -5.27
N GLY A 74 7.36 -11.00 -6.13
CA GLY A 74 8.28 -10.83 -7.23
C GLY A 74 9.36 -9.81 -6.94
N LEU A 75 9.38 -9.32 -5.71
CA LEU A 75 10.38 -8.37 -5.29
C LEU A 75 11.45 -9.06 -4.46
N SER A 2 -1.66 3.04 16.92
CA SER A 2 -1.25 3.91 15.81
C SER A 2 -1.34 3.15 14.48
N ALA A 3 -2.47 2.48 14.27
CA ALA A 3 -2.70 1.71 13.05
C ALA A 3 -2.74 2.62 11.84
N LYS A 4 -3.13 3.87 12.04
CA LYS A 4 -3.13 4.86 10.96
C LYS A 4 -1.71 5.04 10.44
N ASN A 5 -0.79 5.25 11.37
CA ASN A 5 0.62 5.49 11.04
C ASN A 5 1.20 4.28 10.34
N ALA A 6 0.91 3.10 10.87
CA ALA A 6 1.39 1.85 10.28
C ALA A 6 0.83 1.67 8.88
N LEU A 7 -0.45 1.96 8.72
CA LEU A 7 -1.13 1.78 7.45
C LEU A 7 -0.58 2.71 6.39
N GLU A 8 -0.44 3.97 6.74
CA GLU A 8 0.00 4.97 5.79
C GLU A 8 1.43 4.70 5.38
N SER A 9 2.26 4.33 6.36
CA SER A 9 3.64 3.96 6.08
C SER A 9 3.70 2.69 5.24
N TYR A 10 2.82 1.74 5.55
CA TYR A 10 2.77 0.48 4.82
C TYR A 10 2.42 0.74 3.36
N ALA A 11 1.39 1.53 3.14
CA ALA A 11 0.97 1.87 1.79
C ALA A 11 2.05 2.67 1.08
N PHE A 12 2.60 3.65 1.79
CA PHE A 12 3.70 4.46 1.27
C PHE A 12 4.87 3.56 0.88
N ASN A 13 5.18 2.60 1.74
CA ASN A 13 6.28 1.67 1.51
C ASN A 13 6.12 0.89 0.21
N MET A 14 4.93 0.32 0.00
CA MET A 14 4.67 -0.47 -1.19
C MET A 14 4.69 0.43 -2.42
N LYS A 15 4.08 1.59 -2.29
CA LYS A 15 4.05 2.58 -3.35
C LYS A 15 5.46 3.05 -3.71
N SER A 16 6.27 3.34 -2.70
CA SER A 16 7.64 3.72 -2.90
C SER A 16 8.46 2.58 -3.53
N ALA A 17 8.14 1.35 -3.15
CA ALA A 17 8.88 0.19 -3.63
C ALA A 17 8.72 -0.02 -5.14
N VAL A 18 7.48 0.06 -5.60
CA VAL A 18 7.20 -0.16 -7.03
C VAL A 18 7.58 1.05 -7.86
N GLU A 19 7.40 2.22 -7.28
CA GLU A 19 7.69 3.48 -7.94
C GLU A 19 9.16 3.88 -7.77
N ASP A 20 9.92 3.00 -7.13
CA ASP A 20 11.35 3.24 -6.92
C ASP A 20 12.11 3.22 -8.24
N GLU A 21 13.03 4.14 -8.38
CA GLU A 21 13.81 4.30 -9.60
C GLU A 21 14.78 3.15 -9.81
N GLY A 22 15.07 2.42 -8.76
CA GLY A 22 15.98 1.29 -8.88
C GLY A 22 15.23 0.01 -9.18
N LEU A 23 14.02 -0.06 -8.64
CA LEU A 23 13.16 -1.22 -8.83
C LEU A 23 12.33 -1.10 -10.10
N LYS A 24 12.52 -0.02 -10.85
CA LYS A 24 11.85 0.12 -12.13
C LYS A 24 12.34 -0.98 -13.07
N GLY A 25 11.41 -1.68 -13.69
CA GLY A 25 11.77 -2.80 -14.54
C GLY A 25 11.81 -4.10 -13.76
N LYS A 26 12.01 -4.02 -12.45
CA LYS A 26 12.03 -5.19 -11.59
C LYS A 26 10.62 -5.73 -11.40
N ILE A 27 9.68 -4.81 -11.25
CA ILE A 27 8.27 -5.17 -11.15
C ILE A 27 7.56 -4.78 -12.44
N SER A 28 6.49 -5.50 -12.77
CA SER A 28 5.73 -5.20 -13.97
C SER A 28 4.84 -3.99 -13.73
N GLU A 29 4.52 -3.26 -14.80
CA GLU A 29 3.73 -2.04 -14.69
C GLU A 29 2.40 -2.32 -14.00
N ALA A 30 1.76 -3.42 -14.39
CA ALA A 30 0.45 -3.78 -13.85
C ALA A 30 0.50 -3.93 -12.33
N ASP A 31 1.54 -4.59 -11.83
CA ASP A 31 1.69 -4.79 -10.39
C ASP A 31 1.95 -3.45 -9.71
N LYS A 32 2.89 -2.72 -10.28
CA LYS A 32 3.21 -1.38 -9.79
C LYS A 32 1.96 -0.50 -9.76
N LYS A 33 1.21 -0.51 -10.85
CA LYS A 33 0.00 0.29 -10.97
C LYS A 33 -1.04 -0.09 -9.93
N LYS A 34 -1.28 -1.40 -9.78
CA LYS A 34 -2.33 -1.87 -8.90
C LYS A 34 -2.02 -1.50 -7.45
N VAL A 35 -0.78 -1.71 -7.03
CA VAL A 35 -0.38 -1.40 -5.68
C VAL A 35 -0.32 0.11 -5.43
N LEU A 36 0.14 0.88 -6.42
CA LEU A 36 0.16 2.33 -6.31
C LEU A 36 -1.26 2.86 -6.14
N ASP A 37 -2.15 2.39 -7.00
CA ASP A 37 -3.55 2.79 -7.00
C ASP A 37 -4.22 2.43 -5.68
N LYS A 38 -3.99 1.20 -5.25
CA LYS A 38 -4.52 0.71 -3.99
C LYS A 38 -3.90 1.44 -2.81
N CYS A 39 -2.62 1.76 -2.92
CA CYS A 39 -1.93 2.55 -1.90
C CYS A 39 -2.61 3.90 -1.78
N GLN A 40 -2.86 4.53 -2.91
CA GLN A 40 -3.57 5.79 -2.95
C GLN A 40 -4.97 5.66 -2.34
N GLU A 41 -5.62 4.52 -2.57
CA GLU A 41 -6.93 4.26 -1.98
C GLU A 41 -6.86 4.31 -0.47
N VAL A 42 -5.98 3.50 0.11
CA VAL A 42 -5.82 3.44 1.55
C VAL A 42 -5.33 4.77 2.11
N ILE A 43 -4.37 5.38 1.45
CA ILE A 43 -3.83 6.67 1.88
C ILE A 43 -4.91 7.76 1.85
N SER A 44 -5.73 7.75 0.80
CA SER A 44 -6.86 8.68 0.69
C SER A 44 -7.88 8.40 1.80
N TRP A 45 -8.08 7.12 2.08
CA TRP A 45 -9.01 6.68 3.11
C TRP A 45 -8.46 7.04 4.49
N LEU A 46 -7.15 6.96 4.62
CA LEU A 46 -6.46 7.33 5.85
C LEU A 46 -6.73 8.77 6.24
N ASP A 47 -6.64 9.65 5.25
CA ASP A 47 -6.91 11.06 5.45
C ASP A 47 -8.39 11.28 5.75
N ALA A 48 -9.22 10.46 5.13
CA ALA A 48 -10.67 10.59 5.24
C ALA A 48 -11.19 9.99 6.54
N ASN A 49 -10.53 8.95 7.01
CA ASN A 49 -10.96 8.24 8.21
C ASN A 49 -9.81 8.12 9.19
N THR A 50 -9.25 9.25 9.60
CA THR A 50 -8.20 9.27 10.60
C THR A 50 -8.76 8.86 11.97
N LEU A 51 -10.08 8.96 12.09
CA LEU A 51 -10.76 8.65 13.33
C LEU A 51 -11.26 7.21 13.33
N ALA A 52 -10.91 6.48 12.28
CA ALA A 52 -11.33 5.08 12.14
C ALA A 52 -10.85 4.26 13.32
N GLU A 53 -11.58 3.20 13.63
CA GLU A 53 -11.17 2.27 14.65
C GLU A 53 -9.92 1.52 14.22
N LYS A 54 -9.23 0.92 15.17
CA LYS A 54 -7.97 0.23 14.88
C LYS A 54 -8.19 -0.84 13.82
N ASP A 55 -9.25 -1.60 13.98
CA ASP A 55 -9.59 -2.72 13.10
C ASP A 55 -9.81 -2.24 11.67
N GLU A 56 -10.32 -1.03 11.51
CA GLU A 56 -10.54 -0.48 10.17
C GLU A 56 -9.22 -0.39 9.43
N PHE A 57 -8.21 0.12 10.12
CA PHE A 57 -6.87 0.18 9.57
C PHE A 57 -6.33 -1.22 9.38
N GLU A 58 -6.56 -2.08 10.36
CA GLU A 58 -6.05 -3.44 10.34
C GLU A 58 -6.54 -4.20 9.10
N HIS A 59 -7.82 -4.03 8.78
CA HIS A 59 -8.38 -4.65 7.58
C HIS A 59 -7.77 -4.04 6.33
N LYS A 60 -7.57 -2.72 6.39
CA LYS A 60 -6.98 -2.00 5.27
C LYS A 60 -5.56 -2.47 5.05
N ARG A 61 -4.88 -2.77 6.15
CA ARG A 61 -3.52 -3.30 6.13
C ARG A 61 -3.50 -4.63 5.39
N LYS A 62 -4.50 -5.46 5.66
CA LYS A 62 -4.61 -6.76 5.03
C LYS A 62 -4.90 -6.60 3.54
N GLU A 63 -5.80 -5.70 3.22
CA GLU A 63 -6.15 -5.41 1.83
C GLU A 63 -4.94 -4.90 1.04
N LEU A 64 -4.28 -3.89 1.58
CA LEU A 64 -3.09 -3.31 0.96
C LEU A 64 -2.02 -4.39 0.82
N GLU A 65 -1.90 -5.22 1.84
CA GLU A 65 -0.99 -6.36 1.84
C GLU A 65 -1.28 -7.27 0.65
N GLN A 66 -2.55 -7.61 0.46
CA GLN A 66 -2.94 -8.51 -0.62
C GLN A 66 -2.78 -7.88 -2.00
N VAL A 67 -2.77 -6.54 -2.08
CA VAL A 67 -2.54 -5.88 -3.37
C VAL A 67 -1.04 -5.93 -3.71
N CYS A 68 -0.21 -5.71 -2.71
CA CYS A 68 1.24 -5.70 -2.89
C CYS A 68 1.82 -7.12 -2.88
N ASN A 69 1.15 -8.03 -2.18
CA ASN A 69 1.62 -9.42 -2.06
C ASN A 69 2.00 -10.07 -3.40
N PRO A 70 1.13 -10.02 -4.44
CA PRO A 70 1.46 -10.57 -5.76
C PRO A 70 2.70 -9.93 -6.37
N ILE A 71 2.99 -8.71 -5.95
CA ILE A 71 4.11 -7.96 -6.46
C ILE A 71 5.36 -8.21 -5.60
N ILE A 72 5.17 -8.25 -4.30
CA ILE A 72 6.25 -8.45 -3.33
C ILE A 72 6.86 -9.85 -3.47
N SER A 73 6.03 -10.81 -3.87
CA SER A 73 6.49 -12.19 -4.04
C SER A 73 7.45 -12.31 -5.23
N GLY A 74 7.54 -11.26 -6.03
CA GLY A 74 8.48 -11.25 -7.13
C GLY A 74 9.55 -10.19 -6.97
N LEU A 75 9.44 -9.40 -5.91
CA LEU A 75 10.38 -8.32 -5.64
C LEU A 75 11.55 -8.82 -4.83
N SER A 2 -0.12 2.69 16.84
CA SER A 2 -0.52 3.70 15.85
C SER A 2 -0.89 3.05 14.53
N ALA A 3 -2.08 2.46 14.47
CA ALA A 3 -2.53 1.74 13.28
C ALA A 3 -2.56 2.66 12.07
N LYS A 4 -3.05 3.90 12.26
CA LYS A 4 -3.09 4.87 11.18
C LYS A 4 -1.69 5.08 10.61
N ASN A 5 -0.74 5.31 11.51
CA ASN A 5 0.63 5.61 11.13
C ASN A 5 1.28 4.43 10.41
N ALA A 6 1.11 3.24 10.99
CA ALA A 6 1.66 2.02 10.40
C ALA A 6 0.98 1.73 9.07
N LEU A 7 -0.32 1.98 9.02
CA LEU A 7 -1.11 1.71 7.84
C LEU A 7 -0.69 2.60 6.67
N GLU A 8 -0.57 3.90 6.94
CA GLU A 8 -0.21 4.84 5.90
C GLU A 8 1.22 4.60 5.47
N SER A 9 2.10 4.36 6.44
CA SER A 9 3.48 4.06 6.16
C SER A 9 3.59 2.78 5.34
N TYR A 10 2.69 1.83 5.62
CA TYR A 10 2.66 0.57 4.90
C TYR A 10 2.33 0.82 3.43
N ALA A 11 1.28 1.59 3.18
CA ALA A 11 0.86 1.88 1.84
C ALA A 11 1.92 2.71 1.12
N PHE A 12 2.49 3.68 1.85
CA PHE A 12 3.60 4.47 1.34
C PHE A 12 4.78 3.59 0.96
N ASN A 13 5.06 2.60 1.80
CA ASN A 13 6.20 1.71 1.60
C ASN A 13 6.05 0.87 0.33
N MET A 14 4.89 0.25 0.14
CA MET A 14 4.65 -0.56 -1.06
C MET A 14 4.68 0.33 -2.30
N LYS A 15 4.04 1.48 -2.17
CA LYS A 15 4.01 2.49 -3.23
C LYS A 15 5.42 2.94 -3.58
N SER A 16 6.25 3.18 -2.57
CA SER A 16 7.62 3.61 -2.77
C SER A 16 8.44 2.51 -3.44
N ALA A 17 8.15 1.26 -3.08
CA ALA A 17 8.91 0.12 -3.59
C ALA A 17 8.75 -0.05 -5.10
N VAL A 18 7.52 0.04 -5.58
CA VAL A 18 7.24 -0.15 -7.01
C VAL A 18 7.63 1.08 -7.80
N GLU A 19 7.49 2.23 -7.15
CA GLU A 19 7.84 3.51 -7.75
C GLU A 19 9.32 3.84 -7.53
N ASP A 20 10.05 2.89 -6.98
CA ASP A 20 11.49 3.04 -6.77
C ASP A 20 12.24 2.92 -8.09
N GLU A 21 13.21 3.80 -8.28
CA GLU A 21 13.99 3.87 -9.52
C GLU A 21 14.91 2.66 -9.69
N GLY A 22 15.12 1.91 -8.63
CA GLY A 22 15.99 0.74 -8.72
C GLY A 22 15.19 -0.53 -8.87
N LEU A 23 13.92 -0.46 -8.52
CA LEU A 23 13.03 -1.59 -8.64
C LEU A 23 12.16 -1.49 -9.88
N LYS A 24 12.25 -0.38 -10.58
CA LYS A 24 11.60 -0.27 -11.88
C LYS A 24 12.30 -1.21 -12.86
N GLY A 25 11.52 -2.09 -13.47
CA GLY A 25 12.11 -3.14 -14.30
C GLY A 25 12.18 -4.45 -13.56
N LYS A 26 12.18 -4.37 -12.23
CA LYS A 26 12.11 -5.55 -11.38
C LYS A 26 10.67 -6.04 -11.32
N ILE A 27 9.77 -5.09 -11.18
CA ILE A 27 8.35 -5.38 -11.11
C ILE A 27 7.67 -4.98 -12.42
N SER A 28 6.62 -5.68 -12.77
CA SER A 28 5.88 -5.39 -13.99
C SER A 28 4.98 -4.19 -13.78
N GLU A 29 4.70 -3.42 -14.84
CA GLU A 29 3.95 -2.18 -14.69
C GLU A 29 2.62 -2.42 -14.01
N ALA A 30 1.95 -3.51 -14.37
CA ALA A 30 0.64 -3.83 -13.85
C ALA A 30 0.65 -3.94 -12.32
N ASP A 31 1.68 -4.60 -11.80
CA ASP A 31 1.81 -4.79 -10.35
C ASP A 31 2.11 -3.45 -9.68
N LYS A 32 3.06 -2.74 -10.28
CA LYS A 32 3.43 -1.40 -9.83
C LYS A 32 2.19 -0.49 -9.78
N LYS A 33 1.42 -0.51 -10.86
CA LYS A 33 0.23 0.31 -10.98
C LYS A 33 -0.85 -0.10 -9.99
N LYS A 34 -1.13 -1.40 -9.90
CA LYS A 34 -2.21 -1.89 -9.06
C LYS A 34 -1.95 -1.52 -7.60
N VAL A 35 -0.71 -1.70 -7.15
CA VAL A 35 -0.36 -1.40 -5.78
C VAL A 35 -0.36 0.12 -5.53
N LEU A 36 0.21 0.89 -6.46
CA LEU A 36 0.22 2.35 -6.33
C LEU A 36 -1.21 2.89 -6.26
N ASP A 37 -2.05 2.39 -7.15
CA ASP A 37 -3.46 2.81 -7.22
C ASP A 37 -4.18 2.48 -5.93
N LYS A 38 -3.99 1.24 -5.47
CA LYS A 38 -4.58 0.77 -4.22
C LYS A 38 -4.02 1.54 -3.03
N CYS A 39 -2.71 1.78 -3.04
CA CYS A 39 -2.07 2.55 -1.97
C CYS A 39 -2.66 3.96 -1.92
N GLN A 40 -2.93 4.51 -3.09
CA GLN A 40 -3.55 5.83 -3.19
C GLN A 40 -4.97 5.80 -2.63
N GLU A 41 -5.69 4.72 -2.90
CA GLU A 41 -7.05 4.55 -2.38
C GLU A 41 -7.04 4.60 -0.86
N VAL A 42 -6.24 3.74 -0.27
CA VAL A 42 -6.16 3.62 1.18
C VAL A 42 -5.57 4.87 1.82
N ILE A 43 -4.55 5.46 1.19
CA ILE A 43 -3.95 6.68 1.69
C ILE A 43 -4.98 7.83 1.70
N SER A 44 -5.77 7.92 0.65
CA SER A 44 -6.86 8.88 0.58
C SER A 44 -7.91 8.57 1.65
N TRP A 45 -8.12 7.27 1.88
CA TRP A 45 -9.06 6.80 2.88
C TRP A 45 -8.56 7.13 4.28
N LEU A 46 -7.26 7.03 4.44
CA LEU A 46 -6.59 7.32 5.71
C LEU A 46 -6.86 8.73 6.17
N ASP A 47 -6.74 9.68 5.26
CA ASP A 47 -7.01 11.08 5.57
C ASP A 47 -8.50 11.29 5.80
N ALA A 48 -9.30 10.39 5.27
CA ALA A 48 -10.74 10.50 5.33
C ALA A 48 -11.33 9.82 6.57
N ASN A 49 -10.68 8.75 7.01
CA ASN A 49 -11.14 7.97 8.16
C ASN A 49 -10.03 7.85 9.20
N THR A 50 -9.41 8.98 9.51
CA THR A 50 -8.37 9.04 10.53
C THR A 50 -8.92 8.65 11.89
N LEU A 51 -10.23 8.79 12.05
CA LEU A 51 -10.89 8.55 13.32
C LEU A 51 -11.34 7.10 13.42
N ALA A 52 -10.95 6.30 12.44
CA ALA A 52 -11.29 4.88 12.42
C ALA A 52 -10.71 4.15 13.62
N GLU A 53 -11.29 3.02 13.97
CA GLU A 53 -10.76 2.19 15.05
C GLU A 53 -9.56 1.43 14.56
N LYS A 54 -8.87 0.77 15.48
CA LYS A 54 -7.64 0.05 15.17
C LYS A 54 -7.86 -0.99 14.08
N ASP A 55 -8.94 -1.76 14.23
CA ASP A 55 -9.25 -2.86 13.32
C ASP A 55 -9.57 -2.36 11.92
N GLU A 56 -10.01 -1.11 11.79
CA GLU A 56 -10.31 -0.55 10.49
C GLU A 56 -9.03 -0.44 9.67
N PHE A 57 -7.98 0.07 10.31
CA PHE A 57 -6.68 0.17 9.69
C PHE A 57 -6.08 -1.21 9.49
N GLU A 58 -6.26 -2.07 10.48
CA GLU A 58 -5.74 -3.43 10.45
C GLU A 58 -6.32 -4.20 9.26
N HIS A 59 -7.62 -4.08 9.04
CA HIS A 59 -8.27 -4.75 7.92
C HIS A 59 -7.81 -4.14 6.59
N LYS A 60 -7.67 -2.82 6.57
CA LYS A 60 -7.18 -2.14 5.38
C LYS A 60 -5.78 -2.58 5.06
N ARG A 61 -5.01 -2.85 6.12
CA ARG A 61 -3.64 -3.34 5.97
C ARG A 61 -3.64 -4.66 5.24
N LYS A 62 -4.57 -5.53 5.61
CA LYS A 62 -4.72 -6.82 4.95
C LYS A 62 -5.07 -6.62 3.47
N GLU A 63 -5.96 -5.68 3.21
CA GLU A 63 -6.35 -5.33 1.85
C GLU A 63 -5.14 -4.88 1.04
N LEU A 64 -4.41 -3.93 1.61
CA LEU A 64 -3.22 -3.40 0.99
C LEU A 64 -2.20 -4.51 0.76
N GLU A 65 -2.06 -5.40 1.74
CA GLU A 65 -1.18 -6.56 1.60
C GLU A 65 -1.57 -7.38 0.39
N GLN A 66 -2.85 -7.66 0.21
CA GLN A 66 -3.30 -8.47 -0.90
C GLN A 66 -2.98 -7.82 -2.24
N VAL A 67 -2.93 -6.49 -2.30
CA VAL A 67 -2.58 -5.83 -3.55
C VAL A 67 -1.06 -5.89 -3.81
N CYS A 68 -0.27 -5.71 -2.77
CA CYS A 68 1.19 -5.69 -2.91
C CYS A 68 1.77 -7.10 -2.93
N ASN A 69 1.07 -8.04 -2.29
CA ASN A 69 1.54 -9.43 -2.14
C ASN A 69 1.99 -10.04 -3.49
N PRO A 70 1.16 -10.02 -4.56
CA PRO A 70 1.54 -10.59 -5.87
C PRO A 70 2.78 -9.92 -6.45
N ILE A 71 3.03 -8.71 -6.00
CA ILE A 71 4.15 -7.92 -6.48
C ILE A 71 5.38 -8.15 -5.59
N ILE A 72 5.15 -8.21 -4.28
CA ILE A 72 6.22 -8.42 -3.30
C ILE A 72 6.83 -9.81 -3.44
N SER A 73 6.01 -10.78 -3.84
CA SER A 73 6.51 -12.13 -4.08
C SER A 73 7.39 -12.18 -5.32
N GLY A 74 7.27 -11.17 -6.17
CA GLY A 74 8.12 -11.05 -7.33
C GLY A 74 9.28 -10.11 -7.07
N LEU A 75 9.29 -9.51 -5.90
CA LEU A 75 10.35 -8.59 -5.52
C LEU A 75 11.37 -9.31 -4.63
N SER A 2 0.29 3.90 16.29
CA SER A 2 -0.96 4.19 15.55
C SER A 2 -1.09 3.28 14.33
N ALA A 3 -2.26 2.64 14.21
CA ALA A 3 -2.54 1.78 13.06
C ALA A 3 -2.66 2.63 11.81
N LYS A 4 -3.09 3.88 11.98
CA LYS A 4 -3.15 4.83 10.87
C LYS A 4 -1.74 5.09 10.37
N ASN A 5 -0.84 5.33 11.31
CA ASN A 5 0.57 5.55 11.02
C ASN A 5 1.16 4.34 10.31
N ALA A 6 0.89 3.15 10.85
CA ALA A 6 1.38 1.91 10.25
C ALA A 6 0.81 1.73 8.85
N LEU A 7 -0.49 1.95 8.72
CA LEU A 7 -1.19 1.75 7.47
C LEU A 7 -0.65 2.66 6.38
N GLU A 8 -0.51 3.94 6.70
CA GLU A 8 -0.09 4.91 5.73
C GLU A 8 1.37 4.67 5.35
N SER A 9 2.18 4.33 6.33
CA SER A 9 3.58 4.00 6.07
C SER A 9 3.67 2.74 5.23
N TYR A 10 2.82 1.77 5.54
CA TYR A 10 2.77 0.51 4.79
C TYR A 10 2.40 0.78 3.34
N ALA A 11 1.34 1.56 3.14
CA ALA A 11 0.90 1.91 1.80
C ALA A 11 1.96 2.75 1.10
N PHE A 12 2.53 3.71 1.81
CA PHE A 12 3.62 4.53 1.30
C PHE A 12 4.80 3.64 0.91
N ASN A 13 5.10 2.66 1.75
CA ASN A 13 6.21 1.74 1.52
C ASN A 13 6.03 0.97 0.21
N MET A 14 4.85 0.39 0.02
CA MET A 14 4.59 -0.39 -1.18
C MET A 14 4.62 0.51 -2.41
N LYS A 15 3.97 1.66 -2.28
CA LYS A 15 3.95 2.67 -3.33
C LYS A 15 5.37 3.14 -3.66
N SER A 16 6.15 3.42 -2.63
CA SER A 16 7.53 3.85 -2.81
C SER A 16 8.38 2.74 -3.42
N ALA A 17 8.12 1.50 -3.02
CA ALA A 17 8.89 0.36 -3.49
C ALA A 17 8.72 0.13 -4.99
N VAL A 18 7.49 0.17 -5.46
CA VAL A 18 7.22 -0.06 -6.88
C VAL A 18 7.60 1.14 -7.72
N GLU A 19 7.45 2.31 -7.12
CA GLU A 19 7.79 3.56 -7.76
C GLU A 19 9.24 3.95 -7.52
N ASP A 20 9.98 3.07 -6.86
CA ASP A 20 11.39 3.29 -6.59
C ASP A 20 12.19 3.22 -7.88
N GLU A 21 13.11 4.15 -8.05
CA GLU A 21 13.92 4.25 -9.27
C GLU A 21 14.90 3.10 -9.40
N GLY A 22 15.06 2.32 -8.35
CA GLY A 22 15.93 1.15 -8.41
C GLY A 22 15.14 -0.12 -8.59
N LEU A 23 13.94 -0.13 -8.02
CA LEU A 23 13.06 -1.28 -8.12
C LEU A 23 12.19 -1.21 -9.38
N LYS A 24 12.30 -0.13 -10.13
CA LYS A 24 11.60 -0.05 -11.40
C LYS A 24 12.24 -1.04 -12.38
N GLY A 25 11.40 -1.83 -13.03
CA GLY A 25 11.91 -2.89 -13.88
C GLY A 25 11.97 -4.21 -13.14
N LYS A 26 12.14 -4.15 -11.82
CA LYS A 26 12.12 -5.34 -10.98
C LYS A 26 10.71 -5.89 -10.92
N ILE A 27 9.76 -4.98 -10.82
CA ILE A 27 8.35 -5.34 -10.77
C ILE A 27 7.68 -4.99 -12.10
N SER A 28 6.66 -5.77 -12.45
CA SER A 28 5.95 -5.53 -13.69
C SER A 28 5.06 -4.30 -13.55
N GLU A 29 4.84 -3.56 -14.64
CA GLU A 29 4.09 -2.33 -14.57
C GLU A 29 2.71 -2.53 -13.94
N ALA A 30 2.07 -3.63 -14.29
CA ALA A 30 0.74 -3.94 -13.78
C ALA A 30 0.72 -4.02 -12.26
N ASP A 31 1.72 -4.68 -11.69
CA ASP A 31 1.80 -4.83 -10.23
C ASP A 31 2.08 -3.48 -9.59
N LYS A 32 3.06 -2.79 -10.15
CA LYS A 32 3.40 -1.43 -9.73
C LYS A 32 2.17 -0.52 -9.76
N LYS A 33 1.43 -0.59 -10.86
CA LYS A 33 0.24 0.24 -11.07
C LYS A 33 -0.86 -0.12 -10.08
N LYS A 34 -1.12 -1.41 -9.92
CA LYS A 34 -2.23 -1.86 -9.07
C LYS A 34 -1.98 -1.45 -7.62
N VAL A 35 -0.76 -1.68 -7.15
CA VAL A 35 -0.41 -1.39 -5.77
C VAL A 35 -0.36 0.12 -5.53
N LEU A 36 0.22 0.88 -6.46
CA LEU A 36 0.25 2.34 -6.34
C LEU A 36 -1.16 2.89 -6.21
N ASP A 37 -2.03 2.44 -7.11
CA ASP A 37 -3.42 2.88 -7.13
C ASP A 37 -4.12 2.51 -5.83
N LYS A 38 -3.91 1.27 -5.40
CA LYS A 38 -4.49 0.76 -4.18
C LYS A 38 -3.93 1.51 -2.97
N CYS A 39 -2.64 1.77 -2.97
CA CYS A 39 -2.00 2.55 -1.93
C CYS A 39 -2.62 3.94 -1.86
N GLN A 40 -2.92 4.52 -3.02
CA GLN A 40 -3.59 5.80 -3.10
C GLN A 40 -5.00 5.73 -2.52
N GLU A 41 -5.67 4.60 -2.75
CA GLU A 41 -7.00 4.38 -2.20
C GLU A 41 -6.97 4.44 -0.68
N VAL A 42 -6.13 3.59 -0.09
CA VAL A 42 -6.02 3.52 1.35
C VAL A 42 -5.45 4.82 1.94
N ILE A 43 -4.45 5.39 1.28
CA ILE A 43 -3.85 6.64 1.76
C ILE A 43 -4.89 7.77 1.79
N SER A 44 -5.76 7.79 0.78
CA SER A 44 -6.87 8.75 0.76
C SER A 44 -7.88 8.42 1.86
N TRP A 45 -8.07 7.13 2.09
CA TRP A 45 -8.99 6.64 3.11
C TRP A 45 -8.44 6.96 4.50
N LEU A 46 -7.13 6.86 4.63
CA LEU A 46 -6.43 7.15 5.88
C LEU A 46 -6.65 8.60 6.28
N ASP A 47 -6.49 9.49 5.32
CA ASP A 47 -6.66 10.92 5.57
C ASP A 47 -8.12 11.24 5.82
N ALA A 48 -9.00 10.36 5.37
CA ALA A 48 -10.44 10.55 5.51
C ALA A 48 -10.98 9.88 6.78
N ASN A 49 -10.34 8.79 7.19
CA ASN A 49 -10.77 8.04 8.37
C ASN A 49 -9.64 7.94 9.38
N THR A 50 -9.15 9.09 9.83
CA THR A 50 -8.16 9.13 10.89
C THR A 50 -8.81 8.77 12.21
N LEU A 51 -10.14 8.76 12.19
CA LEU A 51 -10.95 8.52 13.36
C LEU A 51 -11.32 7.04 13.44
N ALA A 52 -10.85 6.26 12.47
CA ALA A 52 -11.15 4.83 12.42
C ALA A 52 -10.48 4.11 13.58
N GLU A 53 -11.08 2.99 13.97
CA GLU A 53 -10.52 2.17 15.03
C GLU A 53 -9.35 1.35 14.51
N LYS A 54 -8.61 0.75 15.42
CA LYS A 54 -7.39 0.04 15.05
C LYS A 54 -7.66 -1.04 14.03
N ASP A 55 -8.71 -1.82 14.27
CA ASP A 55 -9.06 -2.94 13.40
C ASP A 55 -9.52 -2.48 12.03
N GLU A 56 -10.05 -1.26 11.92
CA GLU A 56 -10.41 -0.70 10.61
C GLU A 56 -9.17 -0.60 9.75
N PHE A 57 -8.11 -0.06 10.34
CA PHE A 57 -6.83 0.04 9.67
C PHE A 57 -6.28 -1.34 9.41
N GLU A 58 -6.34 -2.21 10.40
CA GLU A 58 -5.78 -3.55 10.29
C GLU A 58 -6.38 -4.31 9.12
N HIS A 59 -7.68 -4.14 8.90
CA HIS A 59 -8.34 -4.75 7.77
C HIS A 59 -7.92 -4.06 6.46
N LYS A 60 -7.72 -2.75 6.53
CA LYS A 60 -7.21 -2.01 5.37
C LYS A 60 -5.80 -2.48 5.04
N ARG A 61 -5.04 -2.77 6.10
CA ARG A 61 -3.69 -3.28 5.96
C ARG A 61 -3.73 -4.58 5.19
N LYS A 62 -4.76 -5.39 5.47
CA LYS A 62 -4.96 -6.65 4.76
C LYS A 62 -5.32 -6.42 3.31
N GLU A 63 -6.15 -5.41 3.04
CA GLU A 63 -6.49 -5.06 1.67
C GLU A 63 -5.24 -4.67 0.90
N LEU A 64 -4.49 -3.72 1.46
CA LEU A 64 -3.26 -3.24 0.85
C LEU A 64 -2.27 -4.40 0.74
N GLU A 65 -2.23 -5.22 1.79
CA GLU A 65 -1.39 -6.41 1.83
C GLU A 65 -1.67 -7.33 0.65
N GLN A 66 -2.94 -7.56 0.36
CA GLN A 66 -3.33 -8.43 -0.75
C GLN A 66 -2.96 -7.83 -2.11
N VAL A 67 -2.94 -6.51 -2.21
CA VAL A 67 -2.58 -5.87 -3.49
C VAL A 67 -1.07 -5.92 -3.71
N CYS A 68 -0.30 -5.70 -2.64
CA CYS A 68 1.16 -5.68 -2.73
C CYS A 68 1.72 -7.10 -2.67
N ASN A 69 1.00 -8.01 -2.03
CA ASN A 69 1.46 -9.40 -1.83
C ASN A 69 1.98 -10.05 -3.12
N PRO A 70 1.20 -10.05 -4.23
CA PRO A 70 1.65 -10.66 -5.50
C PRO A 70 2.91 -10.01 -6.05
N ILE A 71 3.12 -8.77 -5.66
CA ILE A 71 4.24 -7.98 -6.13
C ILE A 71 5.44 -8.17 -5.20
N ILE A 72 5.17 -8.18 -3.89
CA ILE A 72 6.20 -8.34 -2.88
C ILE A 72 6.79 -9.74 -2.91
N SER A 73 5.98 -10.73 -3.25
CA SER A 73 6.45 -12.09 -3.38
C SER A 73 7.36 -12.25 -4.60
N GLY A 74 7.40 -11.21 -5.43
CA GLY A 74 8.28 -11.20 -6.58
C GLY A 74 9.38 -10.16 -6.42
N LEU A 75 9.44 -9.56 -5.24
CA LEU A 75 10.43 -8.53 -4.95
C LEU A 75 11.38 -9.02 -3.88
N SER A 2 -2.56 5.17 16.04
CA SER A 2 -1.44 4.21 16.00
C SER A 2 -1.40 3.46 14.67
N ALA A 3 -2.41 2.63 14.42
CA ALA A 3 -2.49 1.85 13.19
C ALA A 3 -2.55 2.76 11.97
N LYS A 4 -3.06 3.96 12.15
CA LYS A 4 -3.16 4.92 11.06
C LYS A 4 -1.76 5.24 10.52
N ASN A 5 -0.81 5.39 11.42
CA ASN A 5 0.57 5.68 11.05
C ASN A 5 1.20 4.51 10.33
N ALA A 6 1.03 3.32 10.91
CA ALA A 6 1.56 2.09 10.32
C ALA A 6 0.92 1.84 8.97
N LEU A 7 -0.38 2.10 8.86
CA LEU A 7 -1.11 1.85 7.64
C LEU A 7 -0.65 2.76 6.53
N GLU A 8 -0.53 4.04 6.83
CA GLU A 8 -0.10 5.00 5.84
C GLU A 8 1.30 4.68 5.39
N SER A 9 2.17 4.45 6.35
CA SER A 9 3.54 4.09 6.06
C SER A 9 3.56 2.84 5.19
N TYR A 10 2.75 1.85 5.57
CA TYR A 10 2.74 0.56 4.86
C TYR A 10 2.37 0.77 3.40
N ALA A 11 1.31 1.54 3.17
CA ALA A 11 0.88 1.86 1.82
C ALA A 11 1.94 2.69 1.11
N PHE A 12 2.51 3.65 1.82
CA PHE A 12 3.62 4.44 1.31
C PHE A 12 4.79 3.54 0.93
N ASN A 13 5.09 2.58 1.80
CA ASN A 13 6.21 1.66 1.61
C ASN A 13 6.04 0.85 0.32
N MET A 14 4.86 0.27 0.11
CA MET A 14 4.62 -0.53 -1.08
C MET A 14 4.65 0.34 -2.32
N LYS A 15 3.99 1.49 -2.21
CA LYS A 15 3.96 2.49 -3.27
C LYS A 15 5.37 2.94 -3.64
N SER A 16 6.18 3.22 -2.64
CA SER A 16 7.55 3.65 -2.86
C SER A 16 8.38 2.53 -3.45
N ALA A 17 8.11 1.30 -3.03
CA ALA A 17 8.86 0.14 -3.49
C ALA A 17 8.71 -0.06 -4.99
N VAL A 18 7.48 0.03 -5.49
CA VAL A 18 7.22 -0.19 -6.91
C VAL A 18 7.64 1.02 -7.74
N GLU A 19 7.45 2.19 -7.17
CA GLU A 19 7.79 3.43 -7.81
C GLU A 19 9.26 3.81 -7.59
N ASP A 20 9.99 2.91 -6.93
CA ASP A 20 11.43 3.03 -6.78
C ASP A 20 12.10 2.83 -8.12
N GLU A 21 13.08 3.66 -8.43
CA GLU A 21 13.70 3.67 -9.74
C GLU A 21 14.55 2.42 -10.00
N GLY A 22 14.80 1.64 -8.97
CA GLY A 22 15.53 0.42 -9.16
C GLY A 22 14.60 -0.77 -9.20
N LEU A 23 13.59 -0.72 -8.36
CA LEU A 23 12.61 -1.80 -8.27
C LEU A 23 11.59 -1.71 -9.40
N LYS A 24 11.54 -0.56 -10.06
CA LYS A 24 10.63 -0.35 -11.17
C LYS A 24 10.97 -1.27 -12.33
N GLY A 25 12.21 -1.74 -12.37
CA GLY A 25 12.62 -2.70 -13.38
C GLY A 25 12.59 -4.12 -12.85
N LYS A 26 12.14 -4.26 -11.61
CA LYS A 26 12.07 -5.56 -10.96
C LYS A 26 10.62 -6.04 -10.89
N ILE A 27 9.70 -5.09 -10.84
CA ILE A 27 8.28 -5.40 -10.80
C ILE A 27 7.64 -5.08 -12.15
N SER A 28 6.56 -5.77 -12.45
CA SER A 28 5.81 -5.50 -13.67
C SER A 28 4.97 -4.24 -13.48
N GLU A 29 4.79 -3.49 -14.55
CA GLU A 29 4.03 -2.26 -14.51
C GLU A 29 2.63 -2.50 -13.97
N ALA A 30 2.04 -3.61 -14.36
CA ALA A 30 0.69 -3.95 -13.92
C ALA A 30 0.61 -4.04 -12.40
N ASP A 31 1.61 -4.66 -11.80
CA ASP A 31 1.67 -4.78 -10.34
C ASP A 31 1.95 -3.43 -9.71
N LYS A 32 2.93 -2.75 -10.27
CA LYS A 32 3.31 -1.41 -9.82
C LYS A 32 2.09 -0.48 -9.85
N LYS A 33 1.38 -0.48 -10.97
CA LYS A 33 0.21 0.37 -11.15
C LYS A 33 -0.88 0.03 -10.15
N LYS A 34 -1.16 -1.26 -10.01
CA LYS A 34 -2.27 -1.72 -9.20
C LYS A 34 -2.01 -1.39 -7.72
N VAL A 35 -0.79 -1.65 -7.27
CA VAL A 35 -0.45 -1.39 -5.88
C VAL A 35 -0.39 0.11 -5.61
N LEU A 36 0.16 0.89 -6.53
CA LEU A 36 0.22 2.35 -6.39
C LEU A 36 -1.18 2.93 -6.27
N ASP A 37 -2.08 2.47 -7.14
CA ASP A 37 -3.46 2.97 -7.15
C ASP A 37 -4.15 2.57 -5.85
N LYS A 38 -3.96 1.32 -5.47
CA LYS A 38 -4.51 0.79 -4.23
C LYS A 38 -3.94 1.52 -3.02
N CYS A 39 -2.64 1.81 -3.07
CA CYS A 39 -1.99 2.56 -2.00
C CYS A 39 -2.56 3.98 -1.90
N GLN A 40 -2.83 4.58 -3.05
CA GLN A 40 -3.48 5.89 -3.10
C GLN A 40 -4.89 5.80 -2.51
N GLU A 41 -5.57 4.70 -2.81
CA GLU A 41 -6.92 4.45 -2.30
C GLU A 41 -6.93 4.45 -0.78
N VAL A 42 -6.10 3.60 -0.20
CA VAL A 42 -6.03 3.49 1.24
C VAL A 42 -5.49 4.77 1.88
N ILE A 43 -4.47 5.36 1.27
CA ILE A 43 -3.87 6.57 1.80
C ILE A 43 -4.89 7.72 1.87
N SER A 44 -5.75 7.83 0.86
CA SER A 44 -6.81 8.82 0.88
C SER A 44 -7.86 8.43 1.92
N TRP A 45 -8.07 7.12 2.06
CA TRP A 45 -9.02 6.58 3.03
C TRP A 45 -8.53 6.86 4.45
N LEU A 46 -7.23 6.80 4.61
CA LEU A 46 -6.59 7.06 5.90
C LEU A 46 -6.81 8.50 6.34
N ASP A 47 -6.58 9.42 5.43
CA ASP A 47 -6.76 10.84 5.73
C ASP A 47 -8.24 11.17 5.91
N ALA A 48 -9.09 10.38 5.27
CA ALA A 48 -10.52 10.59 5.29
C ALA A 48 -11.18 9.93 6.49
N ASN A 49 -10.61 8.80 6.92
CA ASN A 49 -11.18 8.03 8.01
C ASN A 49 -10.24 8.02 9.21
N THR A 50 -9.94 9.21 9.72
CA THR A 50 -9.16 9.34 10.94
C THR A 50 -10.02 8.95 12.14
N LEU A 51 -11.31 8.84 11.86
CA LEU A 51 -12.29 8.49 12.86
C LEU A 51 -12.48 6.98 12.92
N ALA A 52 -11.67 6.26 12.16
CA ALA A 52 -11.73 4.80 12.12
C ALA A 52 -11.14 4.21 13.38
N GLU A 53 -11.47 2.95 13.64
CA GLU A 53 -10.90 2.22 14.75
C GLU A 53 -9.64 1.52 14.29
N LYS A 54 -8.85 0.99 15.21
CA LYS A 54 -7.57 0.37 14.85
C LYS A 54 -7.81 -0.79 13.92
N ASP A 55 -8.87 -1.52 14.21
CA ASP A 55 -9.26 -2.69 13.42
C ASP A 55 -9.59 -2.32 11.98
N GLU A 56 -10.10 -1.10 11.76
CA GLU A 56 -10.41 -0.64 10.41
C GLU A 56 -9.12 -0.57 9.61
N PHE A 57 -8.08 -0.04 10.24
CA PHE A 57 -6.77 0.01 9.63
C PHE A 57 -6.23 -1.39 9.44
N GLU A 58 -6.45 -2.23 10.44
CA GLU A 58 -5.97 -3.61 10.42
C GLU A 58 -6.54 -4.38 9.23
N HIS A 59 -7.81 -4.14 8.92
CA HIS A 59 -8.45 -4.76 7.77
C HIS A 59 -7.84 -4.22 6.49
N LYS A 60 -7.64 -2.90 6.47
CA LYS A 60 -7.06 -2.24 5.31
C LYS A 60 -5.63 -2.71 5.10
N ARG A 61 -4.93 -2.97 6.21
CA ARG A 61 -3.59 -3.50 6.17
C ARG A 61 -3.58 -4.85 5.46
N LYS A 62 -4.64 -5.62 5.68
CA LYS A 62 -4.83 -6.87 4.96
C LYS A 62 -5.08 -6.60 3.48
N GLU A 63 -5.96 -5.64 3.21
CA GLU A 63 -6.36 -5.28 1.84
C GLU A 63 -5.15 -4.83 1.03
N LEU A 64 -4.47 -3.83 1.55
CA LEU A 64 -3.30 -3.26 0.91
C LEU A 64 -2.24 -4.34 0.71
N GLU A 65 -2.09 -5.19 1.73
CA GLU A 65 -1.15 -6.29 1.66
C GLU A 65 -1.51 -7.23 0.50
N GLN A 66 -2.79 -7.50 0.31
CA GLN A 66 -3.24 -8.36 -0.77
C GLN A 66 -2.91 -7.78 -2.14
N VAL A 67 -2.89 -6.45 -2.26
CA VAL A 67 -2.55 -5.83 -3.53
C VAL A 67 -1.03 -5.91 -3.79
N CYS A 68 -0.24 -5.70 -2.75
CA CYS A 68 1.21 -5.69 -2.88
C CYS A 68 1.79 -7.10 -2.84
N ASN A 69 1.11 -8.01 -2.17
CA ASN A 69 1.58 -9.39 -1.98
C ASN A 69 2.04 -10.05 -3.29
N PRO A 70 1.22 -10.09 -4.36
CA PRO A 70 1.62 -10.70 -5.64
C PRO A 70 2.83 -10.01 -6.26
N ILE A 71 3.02 -8.76 -5.89
CA ILE A 71 4.13 -7.96 -6.39
C ILE A 71 5.37 -8.17 -5.51
N ILE A 72 5.14 -8.23 -4.19
CA ILE A 72 6.21 -8.48 -3.23
C ILE A 72 6.74 -9.89 -3.40
N SER A 73 5.89 -10.78 -3.91
CA SER A 73 6.28 -12.14 -4.22
C SER A 73 7.31 -12.16 -5.36
N GLY A 74 7.48 -11.03 -6.03
CA GLY A 74 8.48 -10.94 -7.07
C GLY A 74 9.50 -9.85 -6.79
N LEU A 75 9.39 -9.24 -5.60
CA LEU A 75 10.31 -8.18 -5.21
C LEU A 75 11.21 -8.63 -4.09
N SER A 2 -3.19 4.33 16.65
CA SER A 2 -1.84 4.53 16.08
C SER A 2 -1.66 3.73 14.80
N ALA A 3 -2.63 2.87 14.49
CA ALA A 3 -2.54 1.99 13.33
C ALA A 3 -2.48 2.80 12.03
N LYS A 4 -2.85 4.07 12.10
CA LYS A 4 -2.85 4.91 10.92
C LYS A 4 -1.44 5.15 10.41
N ASN A 5 -0.51 5.34 11.33
CA ASN A 5 0.89 5.55 10.97
C ASN A 5 1.45 4.30 10.31
N ALA A 6 1.16 3.14 10.91
CA ALA A 6 1.58 1.87 10.34
C ALA A 6 0.97 1.68 8.96
N LEU A 7 -0.32 1.98 8.85
CA LEU A 7 -1.06 1.75 7.62
C LEU A 7 -0.58 2.64 6.49
N GLU A 8 -0.44 3.94 6.77
CA GLU A 8 -0.07 4.88 5.75
C GLU A 8 1.37 4.65 5.32
N SER A 9 2.24 4.37 6.29
CA SER A 9 3.62 4.06 6.00
C SER A 9 3.72 2.75 5.23
N TYR A 10 2.85 1.81 5.55
CA TYR A 10 2.80 0.53 4.85
C TYR A 10 2.45 0.75 3.39
N ALA A 11 1.40 1.52 3.15
CA ALA A 11 0.97 1.83 1.81
C ALA A 11 2.01 2.68 1.08
N PHE A 12 2.57 3.66 1.81
CA PHE A 12 3.65 4.47 1.29
C PHE A 12 4.84 3.59 0.88
N ASN A 13 5.13 2.60 1.72
CA ASN A 13 6.24 1.67 1.48
C ASN A 13 6.07 0.91 0.18
N MET A 14 4.89 0.32 -0.02
CA MET A 14 4.66 -0.47 -1.22
C MET A 14 4.64 0.43 -2.45
N LYS A 15 3.98 1.57 -2.29
CA LYS A 15 3.93 2.59 -3.32
C LYS A 15 5.33 3.08 -3.69
N SER A 16 6.12 3.40 -2.69
CA SER A 16 7.48 3.88 -2.90
C SER A 16 8.34 2.80 -3.52
N ALA A 17 8.11 1.55 -3.13
CA ALA A 17 8.90 0.42 -3.63
C ALA A 17 8.73 0.23 -5.13
N VAL A 18 7.49 0.25 -5.60
CA VAL A 18 7.21 0.06 -7.02
C VAL A 18 7.55 1.31 -7.83
N GLU A 19 7.35 2.45 -7.20
CA GLU A 19 7.65 3.73 -7.81
C GLU A 19 9.10 4.16 -7.56
N ASP A 20 9.85 3.29 -6.91
CA ASP A 20 11.27 3.52 -6.65
C ASP A 20 12.06 3.59 -7.95
N GLU A 21 12.98 4.53 -8.03
CA GLU A 21 13.76 4.75 -9.23
C GLU A 21 14.79 3.65 -9.46
N GLY A 22 15.03 2.82 -8.46
CA GLY A 22 15.96 1.73 -8.61
C GLY A 22 15.26 0.42 -8.83
N LEU A 23 14.02 0.35 -8.37
CA LEU A 23 13.20 -0.83 -8.55
C LEU A 23 12.35 -0.73 -9.81
N LYS A 24 12.43 0.41 -10.50
CA LYS A 24 11.76 0.55 -11.77
C LYS A 24 12.42 -0.35 -12.81
N GLY A 25 11.64 -1.26 -13.37
CA GLY A 25 12.18 -2.28 -14.23
C GLY A 25 12.15 -3.64 -13.57
N LYS A 26 12.31 -3.65 -12.26
CA LYS A 26 12.24 -4.87 -11.46
C LYS A 26 10.83 -5.44 -11.47
N ILE A 27 9.86 -4.56 -11.28
CA ILE A 27 8.47 -4.96 -11.20
C ILE A 27 7.74 -4.57 -12.48
N SER A 28 6.76 -5.36 -12.87
CA SER A 28 5.96 -5.05 -14.03
C SER A 28 5.05 -3.89 -13.69
N GLU A 29 4.76 -3.07 -14.68
CA GLU A 29 3.98 -1.87 -14.48
C GLU A 29 2.58 -2.19 -13.97
N ALA A 30 2.06 -3.34 -14.36
CA ALA A 30 0.74 -3.76 -13.88
C ALA A 30 0.74 -3.94 -12.37
N ASP A 31 1.79 -4.58 -11.84
CA ASP A 31 1.90 -4.78 -10.40
C ASP A 31 2.11 -3.44 -9.72
N LYS A 32 3.02 -2.67 -10.29
CA LYS A 32 3.30 -1.31 -9.85
C LYS A 32 2.02 -0.46 -9.82
N LYS A 33 1.27 -0.51 -10.91
CA LYS A 33 0.04 0.26 -11.04
C LYS A 33 -1.00 -0.14 -10.01
N LYS A 34 -1.21 -1.45 -9.88
CA LYS A 34 -2.26 -1.97 -9.02
C LYS A 34 -1.97 -1.59 -7.57
N VAL A 35 -0.73 -1.77 -7.14
CA VAL A 35 -0.37 -1.46 -5.78
C VAL A 35 -0.37 0.05 -5.51
N LEU A 36 0.14 0.84 -6.47
CA LEU A 36 0.11 2.30 -6.33
C LEU A 36 -1.32 2.80 -6.20
N ASP A 37 -2.19 2.30 -7.08
CA ASP A 37 -3.60 2.67 -7.09
C ASP A 37 -4.25 2.32 -5.77
N LYS A 38 -4.00 1.11 -5.32
CA LYS A 38 -4.53 0.60 -4.06
C LYS A 38 -3.94 1.36 -2.88
N CYS A 39 -2.66 1.68 -2.95
CA CYS A 39 -2.00 2.45 -1.92
C CYS A 39 -2.64 3.84 -1.82
N GLN A 40 -3.00 4.39 -2.96
CA GLN A 40 -3.69 5.67 -3.02
C GLN A 40 -5.09 5.56 -2.41
N GLU A 41 -5.74 4.43 -2.62
CA GLU A 41 -7.05 4.16 -2.03
C GLU A 41 -6.98 4.23 -0.51
N VAL A 42 -6.09 3.43 0.07
CA VAL A 42 -5.93 3.39 1.51
C VAL A 42 -5.41 4.72 2.05
N ILE A 43 -4.43 5.31 1.38
CA ILE A 43 -3.85 6.58 1.82
C ILE A 43 -4.90 7.70 1.85
N SER A 44 -5.80 7.71 0.87
CA SER A 44 -6.88 8.69 0.84
C SER A 44 -7.89 8.37 1.94
N TRP A 45 -8.06 7.08 2.21
CA TRP A 45 -8.96 6.59 3.25
C TRP A 45 -8.40 6.95 4.62
N LEU A 46 -7.09 6.85 4.75
CA LEU A 46 -6.38 7.21 5.97
C LEU A 46 -6.59 8.67 6.30
N ASP A 47 -6.50 9.50 5.27
CA ASP A 47 -6.70 10.94 5.41
C ASP A 47 -8.15 11.23 5.79
N ALA A 48 -9.05 10.38 5.32
CA ALA A 48 -10.47 10.55 5.54
C ALA A 48 -10.90 9.98 6.89
N ASN A 49 -10.22 8.94 7.31
CA ASN A 49 -10.52 8.25 8.57
C ASN A 49 -9.29 8.21 9.45
N THR A 50 -8.72 9.38 9.72
CA THR A 50 -7.57 9.49 10.60
C THR A 50 -7.94 9.12 12.03
N LEU A 51 -9.22 9.15 12.32
CA LEU A 51 -9.74 8.91 13.66
C LEU A 51 -10.35 7.52 13.74
N ALA A 52 -10.19 6.75 12.67
CA ALA A 52 -10.73 5.39 12.60
C ALA A 52 -10.24 4.52 13.74
N GLU A 53 -10.99 3.47 14.02
CA GLU A 53 -10.60 2.52 15.04
C GLU A 53 -9.56 1.56 14.50
N LYS A 54 -8.85 0.85 15.37
CA LYS A 54 -7.69 0.06 14.95
C LYS A 54 -8.06 -0.96 13.87
N ASP A 55 -9.16 -1.66 14.07
CA ASP A 55 -9.59 -2.69 13.13
C ASP A 55 -9.92 -2.12 11.76
N GLU A 56 -10.33 -0.85 11.70
CA GLU A 56 -10.58 -0.19 10.43
C GLU A 56 -9.29 -0.17 9.61
N PHE A 57 -8.21 0.25 10.27
CA PHE A 57 -6.90 0.26 9.65
C PHE A 57 -6.43 -1.17 9.40
N GLU A 58 -6.66 -2.03 10.39
CA GLU A 58 -6.20 -3.41 10.33
C GLU A 58 -6.79 -4.15 9.14
N HIS A 59 -8.07 -3.92 8.86
CA HIS A 59 -8.70 -4.51 7.68
C HIS A 59 -8.11 -3.91 6.42
N LYS A 60 -7.86 -2.61 6.45
CA LYS A 60 -7.24 -1.91 5.32
C LYS A 60 -5.85 -2.46 5.07
N ARG A 61 -5.15 -2.78 6.16
CA ARG A 61 -3.81 -3.35 6.09
C ARG A 61 -3.82 -4.66 5.32
N LYS A 62 -4.78 -5.52 5.66
CA LYS A 62 -4.92 -6.83 5.02
C LYS A 62 -5.13 -6.65 3.51
N GLU A 63 -5.99 -5.72 3.15
CA GLU A 63 -6.28 -5.43 1.75
C GLU A 63 -5.03 -4.98 1.00
N LEU A 64 -4.34 -4.00 1.57
CA LEU A 64 -3.13 -3.45 0.97
C LEU A 64 -2.09 -4.56 0.80
N GLU A 65 -1.96 -5.42 1.80
CA GLU A 65 -1.03 -6.54 1.71
C GLU A 65 -1.38 -7.45 0.54
N GLN A 66 -2.66 -7.65 0.29
CA GLN A 66 -3.11 -8.49 -0.83
C GLN A 66 -2.70 -7.88 -2.17
N VAL A 67 -2.75 -6.56 -2.28
CA VAL A 67 -2.44 -5.90 -3.55
C VAL A 67 -0.93 -5.93 -3.83
N CYS A 68 -0.13 -5.73 -2.79
CA CYS A 68 1.32 -5.70 -2.91
C CYS A 68 1.92 -7.11 -2.89
N ASN A 69 1.21 -8.06 -2.26
CA ASN A 69 1.69 -9.44 -2.12
C ASN A 69 2.20 -10.04 -3.45
N PRO A 70 1.38 -10.05 -4.52
CA PRO A 70 1.80 -10.62 -5.82
C PRO A 70 3.04 -9.93 -6.38
N ILE A 71 3.23 -8.69 -5.97
CA ILE A 71 4.34 -7.87 -6.46
C ILE A 71 5.57 -8.07 -5.56
N ILE A 72 5.34 -8.13 -4.25
CA ILE A 72 6.39 -8.26 -3.26
C ILE A 72 7.06 -9.62 -3.33
N SER A 73 6.30 -10.64 -3.73
CA SER A 73 6.81 -11.99 -3.83
C SER A 73 7.91 -12.07 -4.89
N GLY A 74 7.89 -11.13 -5.83
CA GLY A 74 8.88 -11.12 -6.90
C GLY A 74 9.79 -9.91 -6.82
N LEU A 75 9.90 -9.33 -5.62
CA LEU A 75 10.74 -8.16 -5.42
C LEU A 75 11.85 -8.48 -4.43
N SER A 2 -0.17 5.22 15.52
CA SER A 2 -1.26 4.23 15.68
C SER A 2 -1.36 3.34 14.44
N ALA A 3 -2.44 2.56 14.34
CA ALA A 3 -2.66 1.74 13.16
C ALA A 3 -2.74 2.61 11.91
N LYS A 4 -3.25 3.83 12.09
CA LYS A 4 -3.28 4.82 11.03
C LYS A 4 -1.87 5.05 10.49
N ASN A 5 -0.94 5.23 11.42
CA ASN A 5 0.45 5.49 11.08
C ASN A 5 1.07 4.31 10.35
N ALA A 6 0.84 3.11 10.90
CA ALA A 6 1.33 1.89 10.29
C ALA A 6 0.79 1.73 8.89
N LEU A 7 -0.49 2.03 8.71
CA LEU A 7 -1.15 1.87 7.43
C LEU A 7 -0.59 2.80 6.38
N GLU A 8 -0.44 4.06 6.74
CA GLU A 8 0.05 5.04 5.79
C GLU A 8 1.48 4.73 5.39
N SER A 9 2.30 4.46 6.39
CA SER A 9 3.68 4.06 6.15
C SER A 9 3.71 2.81 5.27
N TYR A 10 2.84 1.85 5.58
CA TYR A 10 2.79 0.58 4.85
C TYR A 10 2.43 0.82 3.39
N ALA A 11 1.39 1.60 3.18
CA ALA A 11 0.95 1.93 1.84
C ALA A 11 2.01 2.74 1.11
N PHE A 12 2.60 3.69 1.82
CA PHE A 12 3.72 4.47 1.29
C PHE A 12 4.87 3.53 0.90
N ASN A 13 5.13 2.54 1.76
CA ASN A 13 6.22 1.59 1.55
C ASN A 13 6.06 0.82 0.24
N MET A 14 4.87 0.26 0.02
CA MET A 14 4.61 -0.51 -1.18
C MET A 14 4.63 0.39 -2.41
N LYS A 15 3.99 1.54 -2.25
CA LYS A 15 3.94 2.55 -3.31
C LYS A 15 5.35 3.00 -3.70
N SER A 16 6.16 3.29 -2.70
CA SER A 16 7.53 3.72 -2.93
C SER A 16 8.36 2.60 -3.55
N ALA A 17 8.10 1.36 -3.14
CA ALA A 17 8.86 0.21 -3.63
C ALA A 17 8.68 0.02 -5.14
N VAL A 18 7.45 0.06 -5.60
CA VAL A 18 7.17 -0.14 -7.02
C VAL A 18 7.53 1.08 -7.84
N GLU A 19 7.40 2.23 -7.22
CA GLU A 19 7.74 3.50 -7.85
C GLU A 19 9.20 3.88 -7.61
N ASP A 20 9.93 2.98 -6.97
CA ASP A 20 11.34 3.20 -6.65
C ASP A 20 12.18 3.23 -7.93
N GLU A 21 13.14 4.14 -7.95
CA GLU A 21 13.97 4.37 -9.12
C GLU A 21 14.93 3.21 -9.40
N GLY A 22 15.06 2.30 -8.45
CA GLY A 22 15.91 1.14 -8.66
C GLY A 22 15.10 -0.10 -9.01
N LEU A 23 13.82 -0.07 -8.67
CA LEU A 23 12.92 -1.19 -8.88
C LEU A 23 12.03 -1.00 -10.11
N LYS A 24 12.28 0.09 -10.83
CA LYS A 24 11.44 0.51 -11.93
C LYS A 24 11.11 -0.62 -12.90
N GLY A 25 12.13 -1.38 -13.30
CA GLY A 25 11.93 -2.46 -14.25
C GLY A 25 11.89 -3.81 -13.57
N LYS A 26 12.10 -3.82 -12.26
CA LYS A 26 12.09 -5.05 -11.49
C LYS A 26 10.69 -5.64 -11.38
N ILE A 27 9.71 -4.76 -11.26
CA ILE A 27 8.32 -5.18 -11.13
C ILE A 27 7.57 -4.89 -12.43
N SER A 28 6.50 -5.63 -12.67
CA SER A 28 5.69 -5.43 -13.85
C SER A 28 4.85 -4.17 -13.69
N GLU A 29 4.55 -3.49 -14.79
CA GLU A 29 3.80 -2.25 -14.73
C GLU A 29 2.46 -2.47 -14.02
N ALA A 30 1.80 -3.57 -14.35
CA ALA A 30 0.49 -3.90 -13.80
C ALA A 30 0.54 -4.01 -12.27
N ASP A 31 1.56 -4.68 -11.76
CA ASP A 31 1.71 -4.85 -10.31
C ASP A 31 1.98 -3.50 -9.66
N LYS A 32 2.91 -2.78 -10.26
CA LYS A 32 3.25 -1.43 -9.83
C LYS A 32 2.01 -0.53 -9.79
N LYS A 33 1.23 -0.57 -10.87
CA LYS A 33 0.04 0.26 -10.98
C LYS A 33 -1.01 -0.11 -9.95
N LYS A 34 -1.27 -1.40 -9.82
CA LYS A 34 -2.34 -1.88 -8.96
C LYS A 34 -2.05 -1.50 -7.51
N VAL A 35 -0.81 -1.70 -7.08
CA VAL A 35 -0.43 -1.42 -5.72
C VAL A 35 -0.41 0.09 -5.47
N LEU A 36 0.15 0.87 -6.40
CA LEU A 36 0.20 2.32 -6.26
C LEU A 36 -1.20 2.89 -6.09
N ASP A 37 -2.11 2.46 -6.96
CA ASP A 37 -3.47 2.97 -6.95
C ASP A 37 -4.19 2.58 -5.67
N LYS A 38 -3.97 1.34 -5.25
CA LYS A 38 -4.53 0.83 -4.02
C LYS A 38 -3.90 1.51 -2.81
N CYS A 39 -2.60 1.77 -2.87
CA CYS A 39 -1.91 2.50 -1.82
C CYS A 39 -2.50 3.89 -1.68
N GLN A 40 -2.79 4.51 -2.80
CA GLN A 40 -3.43 5.81 -2.83
C GLN A 40 -4.85 5.73 -2.29
N GLU A 41 -5.51 4.63 -2.57
CA GLU A 41 -6.85 4.38 -2.08
C GLU A 41 -6.87 4.40 -0.55
N VAL A 42 -6.02 3.58 0.05
CA VAL A 42 -5.92 3.52 1.50
C VAL A 42 -5.37 4.83 2.06
N ILE A 43 -4.37 5.42 1.39
CA ILE A 43 -3.80 6.68 1.86
C ILE A 43 -4.85 7.80 1.87
N SER A 44 -5.69 7.84 0.85
CA SER A 44 -6.78 8.80 0.82
C SER A 44 -7.86 8.41 1.83
N TRP A 45 -8.02 7.11 2.04
CA TRP A 45 -8.96 6.58 3.02
C TRP A 45 -8.50 6.96 4.42
N LEU A 46 -7.19 6.92 4.60
CA LEU A 46 -6.56 7.31 5.85
C LEU A 46 -6.84 8.77 6.16
N ASP A 47 -6.68 9.59 5.14
CA ASP A 47 -6.96 11.02 5.23
C ASP A 47 -8.43 11.26 5.54
N ALA A 48 -9.26 10.37 5.05
CA ALA A 48 -10.69 10.49 5.17
C ALA A 48 -11.21 9.92 6.49
N ASN A 49 -10.52 8.91 7.00
CA ASN A 49 -10.97 8.21 8.19
C ASN A 49 -9.86 8.11 9.24
N THR A 50 -9.45 9.26 9.77
CA THR A 50 -8.53 9.28 10.90
C THR A 50 -9.30 8.95 12.17
N LEU A 51 -10.62 8.98 12.02
CA LEU A 51 -11.55 8.72 13.11
C LEU A 51 -11.83 7.24 13.23
N ALA A 52 -11.27 6.47 12.30
CA ALA A 52 -11.47 5.02 12.27
C ALA A 52 -10.82 4.37 13.47
N GLU A 53 -11.35 3.21 13.84
CA GLU A 53 -10.77 2.42 14.91
C GLU A 53 -9.70 1.50 14.34
N LYS A 54 -8.92 0.87 15.21
CA LYS A 54 -7.74 0.13 14.77
C LYS A 54 -8.07 -0.93 13.72
N ASP A 55 -9.15 -1.66 13.93
CA ASP A 55 -9.52 -2.76 13.02
C ASP A 55 -9.83 -2.27 11.61
N GLU A 56 -10.30 -1.03 11.47
CA GLU A 56 -10.49 -0.45 10.14
C GLU A 56 -9.17 -0.40 9.40
N PHE A 57 -8.14 0.05 10.12
CA PHE A 57 -6.80 0.09 9.58
C PHE A 57 -6.25 -1.32 9.44
N GLU A 58 -6.53 -2.15 10.43
CA GLU A 58 -6.02 -3.51 10.46
C GLU A 58 -6.48 -4.29 9.23
N HIS A 59 -7.75 -4.17 8.89
CA HIS A 59 -8.27 -4.81 7.69
C HIS A 59 -7.71 -4.14 6.44
N LYS A 60 -7.52 -2.83 6.48
CA LYS A 60 -6.94 -2.10 5.36
C LYS A 60 -5.50 -2.55 5.14
N ARG A 61 -4.81 -2.83 6.24
CA ARG A 61 -3.46 -3.33 6.21
C ARG A 61 -3.43 -4.67 5.48
N LYS A 62 -4.47 -5.47 5.71
CA LYS A 62 -4.63 -6.75 5.03
C LYS A 62 -4.90 -6.52 3.55
N GLU A 63 -5.80 -5.59 3.25
CA GLU A 63 -6.17 -5.28 1.87
C GLU A 63 -4.96 -4.83 1.06
N LEU A 64 -4.25 -3.86 1.60
CA LEU A 64 -3.07 -3.30 0.96
C LEU A 64 -2.03 -4.40 0.78
N GLU A 65 -1.90 -5.26 1.78
CA GLU A 65 -0.99 -6.39 1.72
C GLU A 65 -1.35 -7.33 0.56
N GLN A 66 -2.64 -7.54 0.34
CA GLN A 66 -3.09 -8.39 -0.74
C GLN A 66 -2.81 -7.79 -2.12
N VAL A 67 -2.84 -6.46 -2.21
CA VAL A 67 -2.59 -5.82 -3.49
C VAL A 67 -1.10 -5.85 -3.82
N CYS A 68 -0.26 -5.68 -2.80
CA CYS A 68 1.18 -5.70 -2.96
C CYS A 68 1.74 -7.13 -2.98
N ASN A 69 1.03 -8.06 -2.35
CA ASN A 69 1.51 -9.46 -2.22
C ASN A 69 1.95 -10.06 -3.57
N PRO A 70 1.11 -10.03 -4.63
CA PRO A 70 1.48 -10.58 -5.94
C PRO A 70 2.72 -9.92 -6.52
N ILE A 71 2.93 -8.69 -6.12
CA ILE A 71 4.05 -7.90 -6.61
C ILE A 71 5.30 -8.16 -5.75
N ILE A 72 5.10 -8.23 -4.43
CA ILE A 72 6.17 -8.43 -3.47
C ILE A 72 6.79 -9.82 -3.62
N SER A 73 5.96 -10.80 -3.96
CA SER A 73 6.43 -12.17 -4.16
C SER A 73 7.30 -12.27 -5.41
N GLY A 74 7.19 -11.27 -6.28
CA GLY A 74 8.01 -11.23 -7.48
C GLY A 74 9.10 -10.18 -7.37
N LEU A 75 9.30 -9.68 -6.16
CA LEU A 75 10.31 -8.65 -5.90
C LEU A 75 11.51 -9.27 -5.19
N SER A 2 -1.76 3.27 16.68
CA SER A 2 -1.08 3.84 15.50
C SER A 2 -1.31 2.98 14.25
N ALA A 3 -2.52 2.43 14.12
CA ALA A 3 -2.84 1.61 12.96
C ALA A 3 -2.81 2.45 11.69
N LYS A 4 -3.23 3.71 11.80
CA LYS A 4 -3.23 4.62 10.66
C LYS A 4 -1.79 4.94 10.27
N ASN A 5 -0.98 5.18 11.29
CA ASN A 5 0.43 5.48 11.13
C ASN A 5 1.13 4.33 10.41
N ALA A 6 0.85 3.11 10.86
CA ALA A 6 1.42 1.92 10.25
C ALA A 6 0.89 1.74 8.83
N LEU A 7 -0.42 1.95 8.67
CA LEU A 7 -1.08 1.77 7.39
C LEU A 7 -0.50 2.71 6.34
N GLU A 8 -0.33 3.97 6.70
CA GLU A 8 0.16 4.96 5.77
C GLU A 8 1.57 4.63 5.36
N SER A 9 2.43 4.37 6.34
CA SER A 9 3.81 4.00 6.06
C SER A 9 3.88 2.73 5.25
N TYR A 10 2.92 1.83 5.50
CA TYR A 10 2.86 0.57 4.77
C TYR A 10 2.51 0.84 3.31
N ALA A 11 1.46 1.62 3.10
CA ALA A 11 1.03 1.95 1.75
C ALA A 11 2.07 2.80 1.04
N PHE A 12 2.60 3.78 1.74
CA PHE A 12 3.67 4.63 1.23
C PHE A 12 4.87 3.77 0.83
N ASN A 13 5.13 2.74 1.63
CA ASN A 13 6.28 1.85 1.42
C ASN A 13 6.11 1.05 0.14
N MET A 14 4.95 0.41 -0.03
CA MET A 14 4.71 -0.39 -1.22
C MET A 14 4.72 0.49 -2.46
N LYS A 15 4.10 1.66 -2.32
CA LYS A 15 4.06 2.66 -3.38
C LYS A 15 5.46 3.11 -3.75
N SER A 16 6.30 3.37 -2.76
CA SER A 16 7.68 3.75 -2.99
C SER A 16 8.49 2.62 -3.62
N ALA A 17 8.21 1.38 -3.21
CA ALA A 17 8.97 0.22 -3.67
C ALA A 17 8.77 -0.05 -5.16
N VAL A 18 7.53 -0.03 -5.61
CA VAL A 18 7.24 -0.32 -7.02
C VAL A 18 7.63 0.85 -7.90
N GLU A 19 7.45 2.04 -7.37
CA GLU A 19 7.77 3.27 -8.08
C GLU A 19 9.24 3.61 -7.96
N ASP A 20 10.00 2.74 -7.30
CA ASP A 20 11.45 2.89 -7.21
C ASP A 20 12.07 2.70 -8.59
N GLU A 21 13.02 3.56 -8.91
CA GLU A 21 13.63 3.57 -10.23
C GLU A 21 14.49 2.34 -10.50
N GLY A 22 14.75 1.56 -9.47
CA GLY A 22 15.48 0.32 -9.66
C GLY A 22 14.53 -0.86 -9.65
N LEU A 23 13.59 -0.83 -8.71
CA LEU A 23 12.62 -1.91 -8.58
C LEU A 23 11.56 -1.84 -9.67
N LYS A 24 11.51 -0.74 -10.40
CA LYS A 24 10.60 -0.62 -11.53
C LYS A 24 11.01 -1.57 -12.65
N GLY A 25 12.21 -2.14 -12.53
CA GLY A 25 12.67 -3.13 -13.47
C GLY A 25 12.54 -4.54 -12.93
N LYS A 26 12.10 -4.64 -11.67
CA LYS A 26 11.90 -5.94 -11.03
C LYS A 26 10.42 -6.31 -11.04
N ILE A 27 9.56 -5.31 -10.96
CA ILE A 27 8.13 -5.54 -10.93
C ILE A 27 7.50 -5.16 -12.26
N SER A 28 6.39 -5.81 -12.59
CA SER A 28 5.68 -5.54 -13.84
C SER A 28 4.79 -4.30 -13.69
N GLU A 29 4.46 -3.68 -14.82
CA GLU A 29 3.67 -2.45 -14.81
C GLU A 29 2.38 -2.64 -14.03
N ALA A 30 1.67 -3.72 -14.36
CA ALA A 30 0.36 -3.99 -13.79
C ALA A 30 0.40 -4.08 -12.27
N ASP A 31 1.42 -4.74 -11.73
CA ASP A 31 1.56 -4.89 -10.29
C ASP A 31 1.91 -3.56 -9.65
N LYS A 32 2.89 -2.90 -10.25
CA LYS A 32 3.31 -1.58 -9.83
C LYS A 32 2.13 -0.61 -9.80
N LYS A 33 1.36 -0.61 -10.89
CA LYS A 33 0.22 0.28 -11.01
C LYS A 33 -0.88 -0.06 -10.01
N LYS A 34 -1.16 -1.36 -9.86
CA LYS A 34 -2.27 -1.79 -9.01
C LYS A 34 -1.99 -1.43 -7.57
N VAL A 35 -0.77 -1.67 -7.12
CA VAL A 35 -0.39 -1.38 -5.76
C VAL A 35 -0.33 0.13 -5.51
N LEU A 36 0.19 0.90 -6.48
CA LEU A 36 0.25 2.36 -6.35
C LEU A 36 -1.15 2.94 -6.21
N ASP A 37 -2.04 2.52 -7.10
CA ASP A 37 -3.42 2.99 -7.11
C ASP A 37 -4.12 2.58 -5.82
N LYS A 38 -3.90 1.32 -5.44
CA LYS A 38 -4.44 0.79 -4.21
C LYS A 38 -3.88 1.54 -2.99
N CYS A 39 -2.58 1.81 -3.01
CA CYS A 39 -1.94 2.59 -1.96
C CYS A 39 -2.58 3.97 -1.84
N GLN A 40 -2.92 4.56 -2.98
CA GLN A 40 -3.61 5.85 -2.99
C GLN A 40 -5.01 5.72 -2.39
N GLU A 41 -5.67 4.59 -2.64
CA GLU A 41 -6.98 4.32 -2.07
C GLU A 41 -6.92 4.33 -0.54
N VAL A 42 -6.05 3.50 0.01
CA VAL A 42 -5.89 3.40 1.45
C VAL A 42 -5.42 4.72 2.05
N ILE A 43 -4.43 5.34 1.41
CA ILE A 43 -3.87 6.59 1.90
C ILE A 43 -4.94 7.70 1.93
N SER A 44 -5.78 7.76 0.91
CA SER A 44 -6.88 8.71 0.87
C SER A 44 -7.89 8.41 1.98
N TRP A 45 -8.07 7.13 2.26
CA TRP A 45 -9.02 6.68 3.27
C TRP A 45 -8.47 6.96 4.66
N LEU A 46 -7.16 6.81 4.81
CA LEU A 46 -6.49 7.08 6.07
C LEU A 46 -6.70 8.52 6.51
N ASP A 47 -6.56 9.43 5.57
CA ASP A 47 -6.76 10.85 5.86
C ASP A 47 -8.23 11.15 6.07
N ALA A 48 -9.09 10.33 5.48
CA ALA A 48 -10.53 10.55 5.54
C ALA A 48 -11.15 9.92 6.78
N ASN A 49 -10.59 8.81 7.23
CA ASN A 49 -11.08 8.09 8.39
C ASN A 49 -9.99 7.95 9.43
N THR A 50 -9.32 9.06 9.72
CA THR A 50 -8.26 9.09 10.71
C THR A 50 -8.77 8.69 12.10
N LEU A 51 -10.07 8.88 12.31
CA LEU A 51 -10.68 8.62 13.60
C LEU A 51 -11.21 7.20 13.69
N ALA A 52 -10.93 6.40 12.66
CA ALA A 52 -11.33 5.00 12.66
C ALA A 52 -10.62 4.25 13.78
N GLU A 53 -11.19 3.12 14.16
CA GLU A 53 -10.58 2.28 15.17
C GLU A 53 -9.56 1.36 14.52
N LYS A 54 -8.78 0.64 15.33
CA LYS A 54 -7.64 -0.11 14.82
C LYS A 54 -8.05 -1.08 13.73
N ASP A 55 -9.15 -1.79 13.97
CA ASP A 55 -9.59 -2.87 13.09
C ASP A 55 -9.93 -2.36 11.70
N GLU A 56 -10.35 -1.11 11.60
CA GLU A 56 -10.67 -0.53 10.30
C GLU A 56 -9.38 -0.43 9.49
N PHE A 57 -8.32 0.02 10.14
CA PHE A 57 -7.02 0.10 9.51
C PHE A 57 -6.43 -1.29 9.34
N GLU A 58 -6.65 -2.15 10.32
CA GLU A 58 -6.12 -3.50 10.30
C GLU A 58 -6.61 -4.27 9.08
N HIS A 59 -7.86 -4.05 8.72
CA HIS A 59 -8.40 -4.64 7.50
C HIS A 59 -7.83 -3.94 6.28
N LYS A 60 -7.68 -2.62 6.36
CA LYS A 60 -7.05 -1.86 5.30
C LYS A 60 -5.63 -2.36 5.07
N ARG A 61 -4.98 -2.72 6.17
CA ARG A 61 -3.64 -3.27 6.15
C ARG A 61 -3.64 -4.57 5.36
N LYS A 62 -4.62 -5.42 5.61
CA LYS A 62 -4.76 -6.67 4.87
C LYS A 62 -5.10 -6.41 3.41
N GLU A 63 -5.96 -5.43 3.17
CA GLU A 63 -6.32 -5.05 1.82
C GLU A 63 -5.09 -4.62 1.02
N LEU A 64 -4.34 -3.70 1.61
CA LEU A 64 -3.13 -3.18 0.97
C LEU A 64 -2.09 -4.29 0.86
N GLU A 65 -1.98 -5.08 1.94
CA GLU A 65 -1.05 -6.20 1.97
C GLU A 65 -1.32 -7.14 0.81
N GLN A 66 -2.58 -7.51 0.60
CA GLN A 66 -2.94 -8.45 -0.44
C GLN A 66 -2.77 -7.85 -1.85
N VAL A 67 -2.79 -6.52 -1.97
CA VAL A 67 -2.51 -5.91 -3.27
C VAL A 67 -1.01 -5.97 -3.59
N CYS A 68 -0.18 -5.71 -2.57
CA CYS A 68 1.26 -5.68 -2.73
C CYS A 68 1.86 -7.08 -2.67
N ASN A 69 1.20 -7.99 -1.96
CA ASN A 69 1.71 -9.35 -1.73
C ASN A 69 2.15 -10.03 -3.03
N PRO A 70 1.30 -10.08 -4.08
CA PRO A 70 1.67 -10.72 -5.37
C PRO A 70 2.88 -10.06 -6.01
N ILE A 71 3.02 -8.77 -5.75
CA ILE A 71 4.09 -7.99 -6.30
C ILE A 71 5.37 -8.17 -5.46
N ILE A 72 5.19 -8.22 -4.14
CA ILE A 72 6.28 -8.41 -3.20
C ILE A 72 6.86 -9.81 -3.35
N SER A 73 6.01 -10.76 -3.71
CA SER A 73 6.44 -12.14 -3.93
C SER A 73 7.36 -12.20 -5.15
N GLY A 74 7.31 -11.15 -5.99
CA GLY A 74 8.18 -11.08 -7.14
C GLY A 74 9.27 -10.04 -6.97
N LEU A 75 9.31 -9.43 -5.79
CA LEU A 75 10.31 -8.42 -5.49
C LEU A 75 11.34 -8.96 -4.51
N SER A 2 -2.55 3.97 17.07
CA SER A 2 -1.75 4.61 16.00
C SER A 2 -1.67 3.71 14.77
N ALA A 3 -2.77 3.01 14.49
CA ALA A 3 -2.82 2.08 13.36
C ALA A 3 -2.73 2.83 12.03
N LYS A 4 -3.14 4.10 12.04
CA LYS A 4 -3.08 4.91 10.84
C LYS A 4 -1.63 5.10 10.41
N ASN A 5 -0.76 5.28 11.39
CA ASN A 5 0.67 5.46 11.15
C ASN A 5 1.25 4.21 10.51
N ALA A 6 0.91 3.06 11.05
CA ALA A 6 1.34 1.78 10.48
C ALA A 6 0.78 1.62 9.07
N LEU A 7 -0.47 2.02 8.90
CA LEU A 7 -1.16 1.81 7.64
C LEU A 7 -0.63 2.71 6.53
N GLU A 8 -0.49 4.00 6.83
CA GLU A 8 -0.08 4.96 5.84
C GLU A 8 1.36 4.70 5.44
N SER A 9 2.19 4.35 6.41
CA SER A 9 3.58 4.02 6.14
C SER A 9 3.66 2.73 5.33
N TYR A 10 2.77 1.79 5.63
CA TYR A 10 2.74 0.52 4.91
C TYR A 10 2.39 0.75 3.45
N ALA A 11 1.33 1.52 3.22
CA ALA A 11 0.90 1.81 1.86
C ALA A 11 1.95 2.65 1.14
N PHE A 12 2.51 3.61 1.87
CA PHE A 12 3.61 4.42 1.35
C PHE A 12 4.79 3.53 0.97
N ASN A 13 5.07 2.54 1.81
CA ASN A 13 6.18 1.61 1.60
C ASN A 13 6.03 0.83 0.31
N MET A 14 4.87 0.24 0.10
CA MET A 14 4.61 -0.56 -1.10
C MET A 14 4.63 0.33 -2.33
N LYS A 15 4.00 1.50 -2.21
CA LYS A 15 3.98 2.50 -3.26
C LYS A 15 5.39 2.95 -3.62
N SER A 16 6.19 3.23 -2.59
CA SER A 16 7.57 3.65 -2.79
C SER A 16 8.41 2.54 -3.41
N ALA A 17 8.11 1.30 -3.03
CA ALA A 17 8.87 0.14 -3.50
C ALA A 17 8.74 -0.05 -5.00
N VAL A 18 7.52 0.03 -5.51
CA VAL A 18 7.28 -0.17 -6.94
C VAL A 18 7.69 1.05 -7.74
N GLU A 19 7.48 2.21 -7.14
CA GLU A 19 7.82 3.48 -7.76
C GLU A 19 9.27 3.85 -7.49
N ASP A 20 9.98 2.96 -6.84
CA ASP A 20 11.41 3.13 -6.60
C ASP A 20 12.16 3.12 -7.91
N GLU A 21 13.11 4.03 -8.05
CA GLU A 21 13.83 4.20 -9.32
C GLU A 21 14.76 3.03 -9.61
N GLY A 22 14.98 2.17 -8.62
CA GLY A 22 15.80 1.00 -8.84
C GLY A 22 14.95 -0.24 -9.04
N LEU A 23 13.84 -0.29 -8.32
CA LEU A 23 12.92 -1.41 -8.40
C LEU A 23 11.98 -1.27 -9.60
N LYS A 24 11.95 -0.10 -10.22
CA LYS A 24 11.19 0.05 -11.46
C LYS A 24 11.90 -0.71 -12.58
N GLY A 25 11.27 -1.78 -13.03
CA GLY A 25 11.91 -2.69 -13.95
C GLY A 25 12.09 -4.05 -13.32
N LYS A 26 12.19 -4.05 -12.00
CA LYS A 26 12.16 -5.28 -11.22
C LYS A 26 10.74 -5.80 -11.18
N ILE A 27 9.81 -4.86 -11.07
CA ILE A 27 8.40 -5.18 -11.06
C ILE A 27 7.77 -4.75 -12.39
N SER A 28 6.70 -5.43 -12.79
CA SER A 28 6.02 -5.11 -14.03
C SER A 28 5.04 -3.96 -13.83
N GLU A 29 4.73 -3.22 -14.89
CA GLU A 29 3.91 -2.02 -14.78
C GLU A 29 2.60 -2.30 -14.09
N ALA A 30 1.94 -3.39 -14.51
CA ALA A 30 0.62 -3.73 -13.99
C ALA A 30 0.63 -3.88 -12.47
N ASP A 31 1.65 -4.54 -11.96
CA ASP A 31 1.78 -4.76 -10.52
C ASP A 31 2.04 -3.45 -9.82
N LYS A 32 3.00 -2.70 -10.36
CA LYS A 32 3.34 -1.37 -9.88
C LYS A 32 2.09 -0.47 -9.86
N LYS A 33 1.35 -0.47 -10.97
CA LYS A 33 0.15 0.35 -11.12
C LYS A 33 -0.88 -0.03 -10.06
N LYS A 34 -1.15 -1.32 -9.94
CA LYS A 34 -2.23 -1.79 -9.10
C LYS A 34 -1.96 -1.46 -7.63
N VAL A 35 -0.73 -1.69 -7.21
CA VAL A 35 -0.36 -1.42 -5.83
C VAL A 35 -0.34 0.08 -5.54
N LEU A 36 0.23 0.87 -6.46
CA LEU A 36 0.25 2.34 -6.30
C LEU A 36 -1.17 2.88 -6.18
N ASP A 37 -2.02 2.43 -7.10
CA ASP A 37 -3.41 2.87 -7.16
C ASP A 37 -4.14 2.49 -5.86
N LYS A 38 -3.96 1.24 -5.45
CA LYS A 38 -4.54 0.74 -4.20
C LYS A 38 -3.97 1.48 -3.00
N CYS A 39 -2.67 1.75 -3.02
CA CYS A 39 -2.03 2.49 -1.95
C CYS A 39 -2.62 3.89 -1.86
N GLN A 40 -2.91 4.48 -3.01
CA GLN A 40 -3.56 5.79 -3.07
C GLN A 40 -4.97 5.71 -2.52
N GLU A 41 -5.65 4.60 -2.79
CA GLU A 41 -7.00 4.38 -2.27
C GLU A 41 -7.00 4.41 -0.75
N VAL A 42 -6.17 3.57 -0.15
CA VAL A 42 -6.09 3.49 1.30
C VAL A 42 -5.51 4.76 1.90
N ILE A 43 -4.50 5.34 1.27
CA ILE A 43 -3.90 6.57 1.77
C ILE A 43 -4.93 7.71 1.78
N SER A 44 -5.78 7.75 0.77
CA SER A 44 -6.87 8.73 0.73
C SER A 44 -7.95 8.37 1.75
N TRP A 45 -8.05 7.09 2.07
CA TRP A 45 -8.98 6.59 3.07
C TRP A 45 -8.47 6.95 4.47
N LEU A 46 -7.15 6.86 4.63
CA LEU A 46 -6.51 7.25 5.88
C LEU A 46 -6.74 8.72 6.18
N ASP A 47 -6.68 9.52 5.13
CA ASP A 47 -6.90 10.95 5.23
C ASP A 47 -8.37 11.26 5.49
N ALA A 48 -9.23 10.33 5.09
CA ALA A 48 -10.68 10.53 5.18
C ALA A 48 -11.25 9.92 6.46
N ASN A 49 -10.64 8.83 6.91
CA ASN A 49 -11.09 8.13 8.11
C ASN A 49 -10.02 8.23 9.19
N THR A 50 -9.53 9.43 9.40
CA THR A 50 -8.53 9.71 10.43
C THR A 50 -9.06 9.36 11.82
N LEU A 51 -10.39 9.28 11.92
CA LEU A 51 -11.04 9.02 13.20
C LEU A 51 -11.38 7.54 13.35
N ALA A 52 -10.93 6.73 12.39
CA ALA A 52 -11.12 5.28 12.46
C ALA A 52 -10.33 4.71 13.63
N GLU A 53 -10.69 3.50 14.03
CA GLU A 53 -9.98 2.82 15.10
C GLU A 53 -9.12 1.70 14.54
N LYS A 54 -8.45 0.97 15.42
CA LYS A 54 -7.38 0.07 15.03
C LYS A 54 -7.78 -0.95 13.97
N ASP A 55 -8.90 -1.63 14.18
CA ASP A 55 -9.33 -2.69 13.27
C ASP A 55 -9.75 -2.17 11.89
N GLU A 56 -10.19 -0.91 11.80
CA GLU A 56 -10.47 -0.32 10.49
C GLU A 56 -9.18 -0.31 9.68
N PHE A 57 -8.11 0.12 10.32
CA PHE A 57 -6.80 0.17 9.69
C PHE A 57 -6.25 -1.24 9.49
N GLU A 58 -6.34 -2.06 10.52
CA GLU A 58 -5.78 -3.40 10.49
C GLU A 58 -6.38 -4.22 9.36
N HIS A 59 -7.68 -4.08 9.15
CA HIS A 59 -8.34 -4.75 8.04
C HIS A 59 -7.90 -4.14 6.71
N LYS A 60 -7.72 -2.82 6.68
CA LYS A 60 -7.24 -2.14 5.49
C LYS A 60 -5.83 -2.59 5.15
N ARG A 61 -5.04 -2.84 6.19
CA ARG A 61 -3.68 -3.33 6.04
C ARG A 61 -3.70 -4.63 5.26
N LYS A 62 -4.59 -5.55 5.68
CA LYS A 62 -4.75 -6.84 5.00
C LYS A 62 -5.07 -6.63 3.53
N GLU A 63 -5.93 -5.67 3.26
CA GLU A 63 -6.31 -5.31 1.89
C GLU A 63 -5.10 -4.88 1.07
N LEU A 64 -4.37 -3.92 1.62
CA LEU A 64 -3.17 -3.38 0.98
C LEU A 64 -2.17 -4.50 0.76
N GLU A 65 -1.98 -5.35 1.75
CA GLU A 65 -1.05 -6.48 1.66
C GLU A 65 -1.41 -7.38 0.48
N GLN A 66 -2.69 -7.58 0.24
CA GLN A 66 -3.13 -8.43 -0.86
C GLN A 66 -2.82 -7.81 -2.22
N VAL A 67 -2.84 -6.48 -2.31
CA VAL A 67 -2.53 -5.83 -3.59
C VAL A 67 -1.02 -5.89 -3.87
N CYS A 68 -0.21 -5.73 -2.83
CA CYS A 68 1.24 -5.71 -2.97
C CYS A 68 1.81 -7.13 -2.96
N ASN A 69 1.10 -8.06 -2.33
CA ASN A 69 1.57 -9.45 -2.18
C ASN A 69 2.07 -10.05 -3.50
N PRO A 70 1.26 -10.05 -4.59
CA PRO A 70 1.67 -10.62 -5.88
C PRO A 70 2.92 -9.94 -6.44
N ILE A 71 3.13 -8.71 -6.03
CA ILE A 71 4.25 -7.92 -6.49
C ILE A 71 5.47 -8.10 -5.57
N ILE A 72 5.21 -8.16 -4.26
CA ILE A 72 6.26 -8.33 -3.26
C ILE A 72 6.94 -9.69 -3.40
N SER A 73 6.20 -10.65 -3.92
CA SER A 73 6.71 -11.98 -4.14
C SER A 73 7.88 -11.96 -5.13
N GLY A 74 8.01 -10.86 -5.86
CA GLY A 74 9.10 -10.72 -6.81
C GLY A 74 9.99 -9.52 -6.51
N LEU A 75 9.79 -8.92 -5.34
CA LEU A 75 10.56 -7.75 -4.93
C LEU A 75 11.47 -8.08 -3.77
N SER A 2 -2.06 4.96 16.03
CA SER A 2 -1.03 3.91 15.88
C SER A 2 -1.18 3.18 14.55
N ALA A 3 -2.32 2.53 14.36
CA ALA A 3 -2.58 1.75 13.15
C ALA A 3 -2.62 2.65 11.93
N LYS A 4 -2.94 3.91 12.15
CA LYS A 4 -2.98 4.89 11.07
C LYS A 4 -1.57 5.08 10.51
N ASN A 5 -0.64 5.29 11.44
CA ASN A 5 0.77 5.46 11.08
C ASN A 5 1.29 4.23 10.37
N ALA A 6 0.99 3.06 10.93
CA ALA A 6 1.40 1.79 10.35
C ALA A 6 0.84 1.62 8.95
N LEU A 7 -0.43 1.96 8.79
CA LEU A 7 -1.12 1.76 7.52
C LEU A 7 -0.57 2.69 6.45
N GLU A 8 -0.39 3.95 6.78
CA GLU A 8 0.09 4.91 5.81
C GLU A 8 1.52 4.60 5.41
N SER A 9 2.36 4.30 6.40
CA SER A 9 3.73 3.92 6.11
C SER A 9 3.76 2.65 5.29
N TYR A 10 2.80 1.77 5.54
CA TYR A 10 2.72 0.51 4.82
C TYR A 10 2.37 0.76 3.36
N ALA A 11 1.33 1.54 3.14
CA ALA A 11 0.89 1.88 1.80
C ALA A 11 1.94 2.73 1.09
N PHE A 12 2.50 3.68 1.81
CA PHE A 12 3.58 4.50 1.29
C PHE A 12 4.76 3.62 0.88
N ASN A 13 5.04 2.61 1.69
CA ASN A 13 6.18 1.72 1.48
C ASN A 13 6.02 0.91 0.19
N MET A 14 4.86 0.29 0.01
CA MET A 14 4.61 -0.51 -1.18
C MET A 14 4.63 0.38 -2.41
N LYS A 15 3.99 1.53 -2.27
CA LYS A 15 3.96 2.55 -3.31
C LYS A 15 5.39 3.00 -3.67
N SER A 16 6.20 3.27 -2.67
CA SER A 16 7.58 3.69 -2.87
C SER A 16 8.41 2.57 -3.50
N ALA A 17 8.13 1.32 -3.13
CA ALA A 17 8.90 0.18 -3.62
C ALA A 17 8.70 -0.02 -5.12
N VAL A 18 7.47 0.02 -5.58
CA VAL A 18 7.17 -0.19 -7.00
C VAL A 18 7.55 1.03 -7.83
N GLU A 19 7.44 2.19 -7.20
CA GLU A 19 7.78 3.44 -7.83
C GLU A 19 9.27 3.76 -7.68
N ASP A 20 10.01 2.82 -7.11
CA ASP A 20 11.46 2.96 -7.01
C ASP A 20 12.12 2.67 -8.35
N GLU A 21 12.98 3.59 -8.78
CA GLU A 21 13.67 3.48 -10.06
C GLU A 21 14.73 2.38 -10.07
N GLY A 22 14.97 1.75 -8.94
CA GLY A 22 15.88 0.63 -8.90
C GLY A 22 15.12 -0.68 -8.99
N LEU A 23 13.90 -0.65 -8.46
CA LEU A 23 13.03 -1.82 -8.48
C LEU A 23 12.22 -1.89 -9.75
N LYS A 24 12.42 -0.92 -10.65
CA LYS A 24 11.80 -0.97 -11.96
C LYS A 24 12.33 -2.17 -12.72
N GLY A 25 11.43 -2.93 -13.33
CA GLY A 25 11.83 -4.13 -14.03
C GLY A 25 11.72 -5.36 -13.14
N LYS A 26 11.97 -5.17 -11.84
CA LYS A 26 11.82 -6.23 -10.86
C LYS A 26 10.35 -6.59 -10.73
N ILE A 27 9.52 -5.56 -10.81
CA ILE A 27 8.08 -5.73 -10.79
C ILE A 27 7.50 -5.34 -12.13
N SER A 28 6.41 -5.99 -12.53
CA SER A 28 5.70 -5.61 -13.73
C SER A 28 4.95 -4.31 -13.47
N GLU A 29 4.88 -3.46 -14.49
CA GLU A 29 4.28 -2.14 -14.34
C GLU A 29 2.82 -2.24 -13.93
N ALA A 30 2.16 -3.31 -14.36
CA ALA A 30 0.78 -3.56 -13.95
C ALA A 30 0.67 -3.73 -12.43
N ASP A 31 1.59 -4.49 -11.85
CA ASP A 31 1.61 -4.68 -10.40
C ASP A 31 1.97 -3.39 -9.72
N LYS A 32 2.97 -2.71 -10.28
CA LYS A 32 3.37 -1.39 -9.82
C LYS A 32 2.18 -0.44 -9.81
N LYS A 33 1.44 -0.41 -10.91
CA LYS A 33 0.29 0.48 -11.06
C LYS A 33 -0.83 0.11 -10.08
N LYS A 34 -1.14 -1.17 -9.99
CA LYS A 34 -2.25 -1.60 -9.18
C LYS A 34 -1.99 -1.33 -7.71
N VAL A 35 -0.77 -1.60 -7.25
CA VAL A 35 -0.43 -1.38 -5.87
C VAL A 35 -0.36 0.11 -5.56
N LEU A 36 0.20 0.91 -6.48
CA LEU A 36 0.25 2.36 -6.31
C LEU A 36 -1.16 2.92 -6.17
N ASP A 37 -2.03 2.49 -7.07
CA ASP A 37 -3.43 2.93 -7.10
C ASP A 37 -4.14 2.50 -5.82
N LYS A 38 -3.95 1.24 -5.45
CA LYS A 38 -4.51 0.69 -4.23
C LYS A 38 -3.96 1.42 -3.00
N CYS A 39 -2.67 1.71 -3.03
CA CYS A 39 -2.04 2.47 -1.96
C CYS A 39 -2.67 3.86 -1.86
N GLN A 40 -2.99 4.45 -3.00
CA GLN A 40 -3.69 5.73 -3.05
C GLN A 40 -5.09 5.61 -2.46
N GLU A 41 -5.75 4.48 -2.70
CA GLU A 41 -7.06 4.22 -2.12
C GLU A 41 -7.01 4.27 -0.61
N VAL A 42 -6.15 3.46 -0.04
CA VAL A 42 -6.01 3.39 1.42
C VAL A 42 -5.48 4.70 1.99
N ILE A 43 -4.52 5.32 1.31
CA ILE A 43 -3.95 6.57 1.78
C ILE A 43 -4.99 7.70 1.80
N SER A 44 -5.85 7.75 0.79
CA SER A 44 -6.94 8.73 0.77
C SER A 44 -8.00 8.37 1.80
N TRP A 45 -8.18 7.08 2.03
CA TRP A 45 -9.10 6.58 3.05
C TRP A 45 -8.58 6.96 4.42
N LEU A 46 -7.27 6.85 4.57
CA LEU A 46 -6.59 7.22 5.80
C LEU A 46 -6.84 8.67 6.17
N ASP A 47 -6.76 9.53 5.17
CA ASP A 47 -7.00 10.96 5.35
C ASP A 47 -8.48 11.23 5.64
N ALA A 48 -9.32 10.35 5.13
CA ALA A 48 -10.76 10.53 5.24
C ALA A 48 -11.33 9.93 6.52
N ASN A 49 -10.71 8.85 6.97
CA ASN A 49 -11.16 8.13 8.16
C ASN A 49 -10.14 8.27 9.26
N THR A 50 -9.83 9.51 9.62
CA THR A 50 -8.86 9.81 10.66
C THR A 50 -9.39 9.40 12.04
N LEU A 51 -10.70 9.24 12.14
CA LEU A 51 -11.33 8.90 13.41
C LEU A 51 -11.56 7.39 13.52
N ALA A 52 -11.05 6.66 12.53
CA ALA A 52 -11.15 5.20 12.53
C ALA A 52 -10.36 4.61 13.68
N GLU A 53 -10.78 3.44 14.12
CA GLU A 53 -10.06 2.72 15.16
C GLU A 53 -9.12 1.72 14.52
N LYS A 54 -8.32 1.04 15.33
CA LYS A 54 -7.20 0.25 14.82
C LYS A 54 -7.63 -0.78 13.79
N ASP A 55 -8.71 -1.50 14.08
CA ASP A 55 -9.15 -2.59 13.20
C ASP A 55 -9.61 -2.09 11.84
N GLU A 56 -10.07 -0.84 11.74
CA GLU A 56 -10.37 -0.26 10.44
C GLU A 56 -9.11 -0.24 9.60
N PHE A 57 -8.03 0.16 10.24
CA PHE A 57 -6.73 0.16 9.61
C PHE A 57 -6.25 -1.28 9.42
N GLU A 58 -6.41 -2.10 10.45
CA GLU A 58 -5.93 -3.48 10.42
C GLU A 58 -6.57 -4.28 9.28
N HIS A 59 -7.87 -4.06 9.05
CA HIS A 59 -8.56 -4.69 7.93
C HIS A 59 -8.09 -4.08 6.61
N LYS A 60 -7.84 -2.78 6.60
CA LYS A 60 -7.34 -2.10 5.42
C LYS A 60 -5.94 -2.62 5.10
N ARG A 61 -5.19 -2.90 6.17
CA ARG A 61 -3.84 -3.44 6.08
C ARG A 61 -3.88 -4.78 5.36
N LYS A 62 -4.89 -5.57 5.67
CA LYS A 62 -5.11 -6.85 4.99
C LYS A 62 -5.29 -6.62 3.49
N GLU A 63 -6.12 -5.65 3.16
CA GLU A 63 -6.43 -5.32 1.77
C GLU A 63 -5.18 -4.93 1.00
N LEU A 64 -4.52 -3.90 1.51
CA LEU A 64 -3.33 -3.35 0.87
C LEU A 64 -2.26 -4.44 0.75
N GLU A 65 -2.13 -5.23 1.80
CA GLU A 65 -1.16 -6.32 1.83
C GLU A 65 -1.43 -7.32 0.70
N GLN A 66 -2.71 -7.58 0.42
CA GLN A 66 -3.08 -8.48 -0.67
C GLN A 66 -2.78 -7.90 -2.05
N VAL A 67 -2.82 -6.58 -2.19
CA VAL A 67 -2.51 -5.96 -3.48
C VAL A 67 -1.00 -6.01 -3.75
N CYS A 68 -0.21 -5.76 -2.70
CA CYS A 68 1.24 -5.72 -2.82
C CYS A 68 1.86 -7.11 -2.75
N ASN A 69 1.21 -8.04 -2.06
CA ASN A 69 1.75 -9.40 -1.86
C ASN A 69 2.21 -10.06 -3.18
N PRO A 70 1.33 -10.16 -4.21
CA PRO A 70 1.71 -10.78 -5.49
C PRO A 70 2.86 -10.06 -6.18
N ILE A 71 3.07 -8.82 -5.81
CA ILE A 71 4.11 -8.00 -6.40
C ILE A 71 5.41 -8.13 -5.59
N ILE A 72 5.27 -8.14 -4.27
CA ILE A 72 6.39 -8.14 -3.33
C ILE A 72 7.23 -9.40 -3.45
N SER A 73 6.67 -10.43 -4.07
CA SER A 73 7.36 -11.70 -4.22
C SER A 73 8.57 -11.61 -5.15
N GLY A 74 8.82 -10.42 -5.71
CA GLY A 74 9.99 -10.23 -6.55
C GLY A 74 10.72 -8.98 -6.14
N LEU A 75 10.40 -8.51 -4.94
CA LEU A 75 10.90 -7.26 -4.44
C LEU A 75 11.81 -7.49 -3.25
#